data_8C61
#
_entry.id   8C61
#
_cell.length_a   122.743
_cell.length_b   126.559
_cell.length_c   144.167
_cell.angle_alpha   90.000
_cell.angle_beta   90.000
_cell.angle_gamma   90.000
#
_symmetry.space_group_name_H-M   'P 21 21 21'
#
loop_
_entity.id
_entity.type
_entity.pdbx_description
1 polymer 'Inactive ubiquitin carboxyl-terminal hydrolase 54'
2 polymer Polyubiquitin-B
3 polymer Ubiquitin
4 non-polymer 'ZINC ION'
5 non-polymer prop-2-en-1-amine
6 non-polymer 'CHLORIDE ION'
7 non-polymer 'SODIUM ION'
8 water water
#
loop_
_entity_poly.entity_id
_entity_poly.type
_entity_poly.pdbx_seq_one_letter_code
_entity_poly.pdbx_strand_id
1 'polypeptide(L)'
;GPRSSTSIAPSKGLSNEPGQNSCFLNSALQVLWHLDIFRRSFRQLTTHKCMGDSCIFCALKGIFNQFQCSSEKVLPSDTL
RSALAKTFQDEQRFQLGIMDDAAECFENLLMRIHFHIADETKEDICTAQHCISHQKFAMTLFEQCVCTSCGATSDPLPFI
QMVHYISTTSLCNQAICMLERREKPSPSMFGELLQNASTMGDLRNCPSNCGERIRIRRVLMNAPQIITIGLVWDSDHSDL
AEDVIHSLGTCLKLGDLFFRVTDDRAKQSELYLVGMICYYGKHYSTFFFQTKIRKWMYFDDAHVKEIGPKWKDVVTKCIK
GHYQPLLLLYADPQGTPVSTQDLPPQAEFQ
;
A,D,G,J
2 'polypeptide(L)' MQIFVKTLTGKTITLEVEPSDTIENVKAKIQDKEGIPPDQQRLIFAGKQLEDGRTLSDYNIQKESTLHLVLRLRG B,E,H,K
3 'polypeptide(L)' MQIFVKTLTGKTITLEVEPSDTIENVKAKIQDKEGIPPDQQRLIFAGKQLEDGRTLSDYNIQRESTLHLVLRLRGG C,F,I,L
#
# COMPACT_ATOMS: atom_id res chain seq x y z
N PRO A 10 23.17 32.78 25.36
CA PRO A 10 23.32 33.97 24.52
C PRO A 10 22.43 33.92 23.28
N SER A 11 21.87 35.06 22.90
CA SER A 11 20.92 35.15 21.79
C SER A 11 21.65 35.64 20.54
N LYS A 12 22.01 34.70 19.67
CA LYS A 12 22.56 34.98 18.36
C LYS A 12 21.65 34.38 17.29
N GLY A 13 21.90 34.75 16.04
CA GLY A 13 21.12 34.27 14.93
C GLY A 13 21.84 33.18 14.14
N LEU A 14 21.11 32.55 13.23
CA LEU A 14 21.66 31.54 12.33
C LEU A 14 21.46 31.97 10.89
N SER A 15 22.52 31.92 10.10
CA SER A 15 22.46 32.39 8.73
C SER A 15 21.67 31.42 7.86
N ASN A 16 20.89 31.97 6.93
CA ASN A 16 20.18 31.20 5.93
C ASN A 16 20.28 31.94 4.60
N GLU A 17 21.03 31.37 3.66
CA GLU A 17 21.25 31.99 2.37
C GLU A 17 20.14 31.63 1.40
N PRO A 18 19.93 32.44 0.36
CA PRO A 18 18.91 32.09 -0.65
C PRO A 18 19.18 30.75 -1.29
N GLY A 19 18.28 29.79 -1.06
CA GLY A 19 18.35 28.49 -1.69
C GLY A 19 18.71 27.34 -0.77
N GLN A 20 19.34 27.60 0.38
CA GLN A 20 19.75 26.50 1.23
C GLN A 20 18.63 26.03 2.15
N ASN A 21 17.58 26.84 2.34
CA ASN A 21 16.32 26.41 2.97
C ASN A 21 16.56 25.75 4.33
N SER A 22 17.31 26.43 5.18
CA SER A 22 17.73 25.86 6.46
C SER A 22 16.93 26.39 7.64
N CYS A 23 15.83 27.12 7.40
CA CYS A 23 15.07 27.69 8.51
C CYS A 23 14.46 26.61 9.39
N PHE A 24 14.12 25.44 8.82
CA PHE A 24 13.58 24.35 9.63
C PHE A 24 14.62 23.81 10.60
N LEU A 25 15.89 23.79 10.19
CA LEU A 25 16.96 23.36 11.10
C LEU A 25 17.33 24.46 12.09
N ASN A 26 17.42 25.70 11.63
CA ASN A 26 17.77 26.80 12.52
C ASN A 26 16.71 27.01 13.60
N SER A 27 15.44 26.76 13.28
CA SER A 27 14.39 26.86 14.29
C SER A 27 14.56 25.80 15.38
N ALA A 28 14.87 24.56 14.99
CA ALA A 28 15.08 23.51 15.98
C ALA A 28 16.34 23.78 16.79
N LEU A 29 17.42 24.20 16.11
CA LEU A 29 18.68 24.47 16.79
C LEU A 29 18.50 25.50 17.91
N GLN A 30 17.72 26.54 17.65
CA GLN A 30 17.49 27.57 18.67
C GLN A 30 16.81 26.99 19.89
N VAL A 31 15.84 26.09 19.69
CA VAL A 31 15.17 25.46 20.82
C VAL A 31 16.17 24.65 21.64
N LEU A 32 17.00 23.85 20.95
CA LEU A 32 17.93 22.97 21.66
C LEU A 32 18.98 23.77 22.42
N TRP A 33 19.46 24.86 21.83
CA TRP A 33 20.47 25.67 22.51
C TRP A 33 19.88 26.40 23.72
N HIS A 34 18.63 26.83 23.62
CA HIS A 34 18.01 27.61 24.69
C HIS A 34 17.35 26.75 25.75
N LEU A 35 17.11 25.46 25.49
CA LEU A 35 16.57 24.58 26.51
C LEU A 35 17.66 24.27 27.54
N ASP A 36 17.42 24.67 28.79
CA ASP A 36 18.45 24.57 29.81
C ASP A 36 18.84 23.11 30.07
N ILE A 37 17.85 22.23 30.20
CA ILE A 37 18.14 20.83 30.49
C ILE A 37 18.93 20.19 29.35
N PHE A 38 18.74 20.67 28.12
CA PHE A 38 19.50 20.11 27.00
C PHE A 38 20.91 20.68 26.94
N ARG A 39 21.03 22.02 26.92
CA ARG A 39 22.32 22.65 26.69
C ARG A 39 23.31 22.30 27.80
N ARG A 40 22.88 22.42 29.06
CA ARG A 40 23.76 22.08 30.17
C ARG A 40 24.13 20.60 30.14
N SER A 41 23.18 19.75 29.78
CA SER A 41 23.45 18.32 29.65
C SER A 41 24.48 18.06 28.56
N PHE A 42 24.24 18.61 27.36
CA PHE A 42 25.14 18.40 26.23
C PHE A 42 26.56 18.85 26.52
N ARG A 43 26.71 19.93 27.30
CA ARG A 43 28.04 20.43 27.63
C ARG A 43 28.85 19.42 28.42
N GLN A 44 28.20 18.74 29.38
CA GLN A 44 28.87 17.74 30.21
C GLN A 44 29.17 16.45 29.45
N LEU A 45 28.86 16.38 28.16
CA LEU A 45 29.03 15.16 27.39
C LEU A 45 30.37 15.20 26.66
N THR A 46 31.26 14.28 27.01
CA THR A 46 32.61 14.24 26.46
C THR A 46 32.75 13.19 25.35
N THR A 47 32.41 11.94 25.65
CA THR A 47 32.51 10.86 24.69
C THR A 47 31.23 10.75 23.88
N HIS A 48 31.37 10.27 22.64
CA HIS A 48 30.24 10.04 21.76
C HIS A 48 30.66 9.06 20.67
N LYS A 49 29.67 8.37 20.12
CA LYS A 49 29.91 7.48 18.98
C LYS A 49 30.02 8.36 17.73
N CYS A 50 31.25 8.64 17.32
CA CYS A 50 31.48 9.53 16.20
C CYS A 50 31.29 8.78 14.88
N MET A 51 30.68 9.46 13.92
CA MET A 51 30.41 8.89 12.60
C MET A 51 31.46 9.28 11.57
N GLY A 52 32.44 10.10 11.94
CA GLY A 52 33.49 10.49 11.02
C GLY A 52 33.46 11.95 10.66
N ASP A 53 33.93 12.28 9.45
CA ASP A 53 33.91 13.66 8.99
C ASP A 53 32.49 14.21 8.95
N SER A 54 31.50 13.36 8.68
CA SER A 54 30.09 13.73 8.73
C SER A 54 29.50 13.08 9.98
N CYS A 55 29.14 13.91 10.96
CA CYS A 55 28.68 13.41 12.25
C CYS A 55 27.85 14.51 12.91
N ILE A 56 26.60 14.18 13.27
CA ILE A 56 25.69 15.20 13.78
C ILE A 56 26.18 15.73 15.12
N PHE A 57 26.61 14.84 16.01
CA PHE A 57 27.12 15.24 17.32
C PHE A 57 28.26 16.24 17.19
N CYS A 58 29.23 15.95 16.32
CA CYS A 58 30.37 16.84 16.14
C CYS A 58 29.93 18.18 15.57
N ALA A 59 29.08 18.17 14.55
CA ALA A 59 28.58 19.43 14.00
C ALA A 59 27.79 20.19 15.06
N LEU A 60 26.96 19.48 15.84
CA LEU A 60 26.19 20.15 16.88
C LEU A 60 27.11 20.78 17.92
N LYS A 61 28.16 20.07 18.34
CA LYS A 61 29.09 20.60 19.32
C LYS A 61 29.77 21.86 18.80
N GLY A 62 30.22 21.84 17.53
CA GLY A 62 30.84 23.03 16.96
C GLY A 62 29.89 24.22 16.94
N ILE A 63 28.61 23.97 16.68
CA ILE A 63 27.63 25.05 16.71
C ILE A 63 27.46 25.57 18.13
N PHE A 64 27.32 24.66 19.09
CA PHE A 64 27.12 25.07 20.48
C PHE A 64 28.34 25.80 21.03
N ASN A 65 29.54 25.38 20.65
CA ASN A 65 30.75 26.08 21.09
C ASN A 65 30.79 27.49 20.53
N GLN A 66 30.31 27.67 19.30
CA GLN A 66 30.24 29.00 18.71
C GLN A 66 29.22 29.87 19.44
N PHE A 67 28.06 29.29 19.77
CA PHE A 67 27.01 30.03 20.48
C PHE A 67 27.49 30.64 21.78
N GLN A 68 28.59 30.13 22.34
CA GLN A 68 29.14 30.63 23.60
C GLN A 68 30.43 31.41 23.44
N CYS A 69 31.32 30.98 22.55
CA CYS A 69 32.65 31.59 22.42
C CYS A 69 32.72 32.64 21.33
N SER A 70 31.94 32.52 20.27
CA SER A 70 32.01 33.46 19.17
C SER A 70 31.40 34.80 19.58
N SER A 71 31.90 35.87 18.97
CA SER A 71 31.36 37.21 19.15
C SER A 71 30.47 37.65 17.99
N GLU A 72 30.33 36.82 16.96
CA GLU A 72 29.53 37.19 15.81
C GLU A 72 28.05 37.18 16.16
N LYS A 73 27.32 38.18 15.66
CA LYS A 73 25.89 38.26 15.90
C LYS A 73 25.12 37.16 15.20
N VAL A 74 25.71 36.53 14.18
CA VAL A 74 25.06 35.49 13.39
C VAL A 74 26.05 34.35 13.18
N LEU A 75 25.55 33.11 13.24
CA LEU A 75 26.37 31.92 13.11
C LEU A 75 25.81 31.00 12.02
N PRO A 76 26.69 30.23 11.35
CA PRO A 76 26.21 29.30 10.33
C PRO A 76 25.93 27.91 10.87
N SER A 77 24.82 27.32 10.42
CA SER A 77 24.45 25.95 10.79
C SER A 77 24.80 24.95 9.70
N ASP A 78 25.61 25.34 8.72
CA ASP A 78 25.82 24.52 7.53
C ASP A 78 26.50 23.19 7.84
N THR A 79 27.32 23.12 8.91
CA THR A 79 27.94 21.85 9.28
C THR A 79 26.88 20.82 9.68
N LEU A 80 25.95 21.21 10.54
CA LEU A 80 24.88 20.30 10.92
C LEU A 80 23.94 20.03 9.76
N ARG A 81 23.70 21.04 8.93
CA ARG A 81 22.88 20.84 7.73
C ARG A 81 23.49 19.77 6.84
N SER A 82 24.81 19.84 6.63
CA SER A 82 25.48 18.86 5.79
C SER A 82 25.46 17.47 6.42
N ALA A 83 25.77 17.39 7.73
CA ALA A 83 25.80 16.10 8.40
C ALA A 83 24.41 15.47 8.43
N LEU A 84 23.38 16.27 8.66
CA LEU A 84 22.02 15.76 8.60
C LEU A 84 21.71 15.18 7.23
N ALA A 85 22.16 15.86 6.17
CA ALA A 85 21.88 15.39 4.81
C ALA A 85 22.55 14.05 4.54
N LYS A 86 23.84 13.93 4.88
CA LYS A 86 24.54 12.67 4.66
C LYS A 86 23.95 11.54 5.50
N THR A 87 23.48 11.85 6.71
CA THR A 87 22.94 10.82 7.59
C THR A 87 21.63 10.25 7.06
N PHE A 88 20.83 11.07 6.37
CA PHE A 88 19.51 10.64 5.90
C PHE A 88 19.44 10.58 4.38
N GLN A 89 20.58 10.33 3.72
CA GLN A 89 20.61 10.29 2.26
C GLN A 89 19.70 9.21 1.71
N ASP A 90 19.70 8.03 2.34
CA ASP A 90 18.87 6.93 1.84
C ASP A 90 17.38 7.22 2.06
N GLU A 91 17.04 7.87 3.17
CA GLU A 91 15.66 8.24 3.44
C GLU A 91 15.21 9.44 2.61
N GLN A 92 16.13 10.14 1.95
CA GLN A 92 15.82 11.32 1.15
C GLN A 92 15.18 12.42 1.98
N ARG A 93 15.65 12.57 3.23
CA ARG A 93 15.16 13.60 4.14
C ARG A 93 16.28 14.56 4.51
N PHE A 94 15.88 15.80 4.81
CA PHE A 94 16.80 16.85 5.26
C PHE A 94 17.95 17.05 4.28
N GLN A 95 17.62 16.96 2.99
CA GLN A 95 18.63 17.07 1.94
C GLN A 95 18.97 18.54 1.68
N LEU A 96 20.17 18.75 1.15
CA LEU A 96 20.69 20.10 0.97
C LEU A 96 19.88 20.85 -0.09
N GLY A 97 19.44 22.05 0.26
CA GLY A 97 18.69 22.89 -0.65
C GLY A 97 17.21 22.63 -0.71
N ILE A 98 16.69 21.67 0.06
CA ILE A 98 15.30 21.29 0.04
C ILE A 98 14.67 21.64 1.38
N MET A 99 13.48 22.22 1.33
CA MET A 99 12.72 22.50 2.54
C MET A 99 12.40 21.20 3.28
N ASP A 100 12.16 21.32 4.57
CA ASP A 100 11.75 20.18 5.38
C ASP A 100 10.94 20.67 6.57
N ASP A 101 10.53 19.73 7.41
CA ASP A 101 9.64 19.98 8.54
C ASP A 101 10.46 20.10 9.81
N ALA A 102 10.17 21.15 10.59
CA ALA A 102 10.94 21.42 11.80
C ALA A 102 10.69 20.39 12.89
N ALA A 103 9.47 19.87 13.00
CA ALA A 103 9.18 18.87 14.02
C ALA A 103 9.82 17.53 13.67
N GLU A 104 9.82 17.17 12.39
CA GLU A 104 10.57 15.99 11.97
C GLU A 104 12.06 16.18 12.24
N CYS A 105 12.58 17.37 11.95
CA CYS A 105 13.98 17.67 12.24
C CYS A 105 14.25 17.56 13.73
N PHE A 106 13.38 18.17 14.56
CA PHE A 106 13.56 18.13 16.00
C PHE A 106 13.54 16.69 16.52
N GLU A 107 12.54 15.91 16.10
CA GLU A 107 12.44 14.52 16.52
C GLU A 107 13.71 13.74 16.20
N ASN A 108 14.21 13.86 14.97
CA ASN A 108 15.32 13.04 14.52
C ASN A 108 16.62 13.47 15.15
N LEU A 109 16.78 14.77 15.43
CA LEU A 109 17.96 15.21 16.18
C LEU A 109 18.01 14.55 17.55
N LEU A 110 16.87 14.49 18.24
CA LEU A 110 16.81 13.79 19.53
C LEU A 110 17.12 12.31 19.35
N MET A 111 16.58 11.70 18.30
CA MET A 111 16.80 10.28 18.08
C MET A 111 18.28 10.00 17.80
N ARG A 112 18.90 10.81 16.93
CA ARG A 112 20.31 10.60 16.61
C ARG A 112 21.20 10.91 17.81
N ILE A 113 20.78 11.83 18.69
CA ILE A 113 21.53 12.05 19.91
C ILE A 113 21.59 10.79 20.74
N HIS A 114 20.48 10.04 20.79
CA HIS A 114 20.48 8.74 21.46
C HIS A 114 21.45 7.77 20.79
N PHE A 115 21.44 7.73 19.46
CA PHE A 115 22.35 6.85 18.74
C PHE A 115 23.81 7.23 19.00
N HIS A 116 24.09 8.52 19.20
CA HIS A 116 25.44 8.98 19.47
C HIS A 116 25.89 8.74 20.91
N ILE A 117 24.96 8.57 21.84
CA ILE A 117 25.25 8.54 23.27
C ILE A 117 25.11 7.14 23.84
N ALA A 118 24.03 6.45 23.51
CA ALA A 118 23.74 5.14 24.08
C ALA A 118 24.44 4.04 23.29
N ASP A 119 24.29 2.81 23.76
CA ASP A 119 24.85 1.64 23.10
C ASP A 119 23.73 0.69 22.70
N GLU A 120 23.95 -0.04 21.61
CA GLU A 120 22.93 -0.97 21.11
C GLU A 120 22.71 -2.09 22.12
N THR A 121 21.49 -2.17 22.63
CA THR A 121 21.08 -3.21 23.57
C THR A 121 20.32 -4.30 22.81
N LYS A 122 20.48 -5.54 23.28
CA LYS A 122 19.82 -6.68 22.64
C LYS A 122 18.32 -6.44 22.47
N GLU A 123 17.68 -5.81 23.45
CA GLU A 123 16.23 -5.60 23.43
C GLU A 123 15.85 -4.16 23.13
N ASP A 124 16.79 -3.35 22.63
CA ASP A 124 16.52 -1.96 22.25
C ASP A 124 15.86 -1.19 23.40
N ILE A 125 16.53 -1.21 24.55
CA ILE A 125 16.07 -0.55 25.76
C ILE A 125 17.16 0.42 26.17
N CYS A 126 16.87 1.72 26.10
CA CYS A 126 17.83 2.74 26.49
C CYS A 126 17.73 2.98 27.99
N THR A 127 18.84 2.76 28.69
CA THR A 127 18.93 3.03 30.11
C THR A 127 20.09 3.95 30.43
N ALA A 128 20.89 4.34 29.44
CA ALA A 128 22.03 5.21 29.65
C ALA A 128 21.60 6.51 30.32
N GLN A 129 22.24 6.83 31.45
CA GLN A 129 21.92 8.04 32.18
C GLN A 129 22.43 9.30 31.50
N HIS A 130 23.23 9.17 30.44
CA HIS A 130 23.76 10.30 29.70
C HIS A 130 22.93 10.63 28.47
N CYS A 131 21.92 9.83 28.14
CA CYS A 131 21.11 10.06 26.95
C CYS A 131 20.05 11.12 27.26
N ILE A 132 20.26 12.32 26.72
CA ILE A 132 19.34 13.42 27.02
C ILE A 132 17.94 13.11 26.54
N SER A 133 17.83 12.47 25.38
CA SER A 133 16.52 12.26 24.76
C SER A 133 15.64 11.35 25.60
N HIS A 134 16.13 10.16 25.94
CA HIS A 134 15.30 9.21 26.68
C HIS A 134 15.18 9.58 28.16
N GLN A 135 16.24 10.18 28.73
CA GLN A 135 16.21 10.50 30.15
C GLN A 135 15.39 11.74 30.47
N LYS A 136 15.18 12.63 29.50
CA LYS A 136 14.55 13.91 29.80
C LYS A 136 13.37 14.25 28.88
N PHE A 137 13.44 13.85 27.62
CA PHE A 137 12.41 14.17 26.63
C PHE A 137 11.37 13.06 26.46
N ALA A 138 11.81 11.81 26.41
CA ALA A 138 10.98 10.72 25.91
C ALA A 138 9.81 10.41 26.82
N MET A 139 8.68 10.09 26.23
CA MET A 139 7.47 9.67 26.94
C MET A 139 7.27 8.17 26.70
N THR A 140 7.18 7.41 27.79
CA THR A 140 6.99 5.97 27.73
C THR A 140 5.52 5.66 28.04
N LEU A 141 4.79 5.18 27.02
CA LEU A 141 3.35 5.00 27.10
C LEU A 141 2.97 3.57 26.74
N PHE A 142 1.73 3.22 27.08
CA PHE A 142 1.07 2.06 26.49
C PHE A 142 -0.40 2.41 26.27
N GLU A 143 -0.97 1.90 25.18
CA GLU A 143 -2.36 2.11 24.83
C GLU A 143 -3.13 0.82 25.09
N GLN A 144 -4.37 0.96 25.57
CA GLN A 144 -5.22 -0.18 25.85
C GLN A 144 -6.68 0.21 25.70
N CYS A 145 -7.49 -0.71 25.21
CA CYS A 145 -8.95 -0.59 25.19
C CYS A 145 -9.49 -1.32 26.40
N VAL A 146 -10.27 -0.61 27.23
CA VAL A 146 -10.84 -1.16 28.44
C VAL A 146 -12.33 -0.81 28.47
N CYS A 147 -13.17 -1.80 28.70
CA CYS A 147 -14.61 -1.61 28.82
C CYS A 147 -15.01 -1.70 30.29
N THR A 148 -15.57 -0.61 30.82
CA THR A 148 -15.97 -0.60 32.23
C THR A 148 -17.20 -1.45 32.46
N SER A 149 -18.04 -1.64 31.44
CA SER A 149 -19.30 -2.37 31.64
C SER A 149 -19.06 -3.86 31.75
N CYS A 150 -18.35 -4.45 30.78
CA CYS A 150 -18.13 -5.89 30.78
C CYS A 150 -16.76 -6.30 31.29
N GLY A 151 -15.84 -5.35 31.48
CA GLY A 151 -14.52 -5.66 32.01
C GLY A 151 -13.50 -6.13 31.00
N ALA A 152 -13.88 -6.26 29.73
CA ALA A 152 -12.94 -6.69 28.71
C ALA A 152 -11.82 -5.67 28.52
N THR A 153 -10.63 -6.18 28.24
CA THR A 153 -9.46 -5.34 27.97
C THR A 153 -8.74 -5.88 26.74
N SER A 154 -8.19 -4.96 25.94
CA SER A 154 -7.37 -5.34 24.81
C SER A 154 -5.94 -5.58 25.25
N ASP A 155 -5.12 -6.06 24.31
CA ASP A 155 -3.70 -6.25 24.58
C ASP A 155 -3.02 -4.89 24.70
N PRO A 156 -2.23 -4.66 25.74
CA PRO A 156 -1.55 -3.37 25.86
C PRO A 156 -0.50 -3.20 24.78
N LEU A 157 -0.45 -2.00 24.19
CA LEU A 157 0.49 -1.69 23.13
C LEU A 157 1.49 -0.65 23.64
N PRO A 158 2.65 -1.06 24.15
CA PRO A 158 3.61 -0.09 24.67
C PRO A 158 4.48 0.49 23.55
N PHE A 159 4.86 1.76 23.73
CA PHE A 159 5.76 2.42 22.81
C PHE A 159 6.34 3.67 23.46
N ILE A 160 7.39 4.20 22.85
CA ILE A 160 8.06 5.41 23.30
C ILE A 160 7.92 6.46 22.19
N GLN A 161 7.64 7.70 22.58
CA GLN A 161 7.58 8.80 21.64
C GLN A 161 8.34 10.01 22.19
N MET A 162 8.94 10.77 21.28
CA MET A 162 9.62 12.00 21.67
C MET A 162 8.71 13.22 21.59
N VAL A 163 7.65 13.16 20.79
CA VAL A 163 6.69 14.25 20.63
C VAL A 163 5.28 13.68 20.79
N HIS A 164 4.43 14.41 21.51
CA HIS A 164 3.03 14.07 21.64
C HIS A 164 2.23 14.94 20.69
N TYR A 165 1.55 14.33 19.72
CA TYR A 165 0.85 15.06 18.67
C TYR A 165 -0.64 15.11 18.96
N ILE A 166 -1.21 16.32 18.87
CA ILE A 166 -2.63 16.57 19.14
C ILE A 166 -3.20 17.40 17.99
N SER A 167 -4.43 17.10 17.60
CA SER A 167 -5.05 17.79 16.47
C SER A 167 -5.48 19.19 16.86
N THR A 168 -5.22 20.16 15.97
CA THR A 168 -5.60 21.55 16.23
C THR A 168 -7.11 21.72 16.29
N THR A 169 -7.86 20.98 15.47
CA THR A 169 -9.31 21.09 15.53
C THR A 169 -9.87 20.45 16.81
N SER A 170 -9.28 19.34 17.24
CA SER A 170 -9.64 18.76 18.53
C SER A 170 -9.34 19.75 19.66
N LEU A 171 -8.21 20.45 19.56
CA LEU A 171 -7.85 21.42 20.59
C LEU A 171 -8.85 22.58 20.64
N CYS A 172 -9.16 23.17 19.48
CA CYS A 172 -10.07 24.31 19.44
C CYS A 172 -11.47 23.94 19.92
N ASN A 173 -11.95 22.74 19.54
CA ASN A 173 -13.29 22.34 19.93
C ASN A 173 -13.38 22.12 21.43
N GLN A 174 -12.40 21.42 22.01
CA GLN A 174 -12.40 21.17 23.44
C GLN A 174 -12.22 22.46 24.25
N ALA A 175 -11.66 23.50 23.65
CA ALA A 175 -11.57 24.79 24.34
C ALA A 175 -12.93 25.43 24.48
N ILE A 176 -13.77 25.34 23.44
CA ILE A 176 -15.12 25.90 23.49
C ILE A 176 -15.94 25.18 24.56
N CYS A 177 -15.76 23.87 24.67
CA CYS A 177 -16.51 23.09 25.67
C CYS A 177 -16.17 23.54 27.08
N MET A 178 -14.90 23.83 27.35
CA MET A 178 -14.49 24.24 28.68
C MET A 178 -15.05 25.60 29.07
N LEU A 179 -15.27 26.48 28.08
CA LEU A 179 -15.83 27.80 28.35
C LEU A 179 -17.25 27.70 28.90
N PRO A 187 -5.95 28.28 32.59
CA PRO A 187 -4.80 27.86 33.41
C PRO A 187 -5.17 26.75 34.38
N SER A 188 -4.20 25.92 34.75
CA SER A 188 -4.40 24.77 35.64
C SER A 188 -5.42 23.79 35.06
N MET A 189 -5.90 24.07 33.84
CA MET A 189 -6.76 23.16 33.11
C MET A 189 -6.19 22.79 31.75
N PHE A 190 -5.07 23.41 31.35
CA PHE A 190 -4.50 23.14 30.03
C PHE A 190 -4.12 21.67 29.88
N GLY A 191 -3.60 21.06 30.94
CA GLY A 191 -3.30 19.64 30.88
C GLY A 191 -4.52 18.79 30.60
N GLU A 192 -5.62 19.06 31.32
CA GLU A 192 -6.86 18.34 31.08
C GLU A 192 -7.43 18.66 29.70
N LEU A 193 -7.27 19.91 29.25
CA LEU A 193 -7.74 20.28 27.92
C LEU A 193 -6.97 19.54 26.84
N LEU A 194 -5.65 19.47 26.97
CA LEU A 194 -4.83 18.72 26.02
C LEU A 194 -5.23 17.25 26.00
N GLN A 195 -5.52 16.68 27.17
CA GLN A 195 -5.84 15.26 27.23
C GLN A 195 -7.18 14.97 26.59
N ASN A 196 -8.20 15.80 26.86
CA ASN A 196 -9.50 15.61 26.25
C ASN A 196 -9.46 15.82 24.75
N ALA A 197 -8.61 16.74 24.28
CA ALA A 197 -8.48 16.95 22.84
C ALA A 197 -7.81 15.76 22.18
N SER A 198 -6.78 15.20 22.82
CA SER A 198 -6.04 14.08 22.23
C SER A 198 -6.90 12.83 22.10
N THR A 199 -7.82 12.62 23.04
CA THR A 199 -8.64 11.42 23.11
C THR A 199 -9.99 11.57 22.40
N MET A 200 -10.20 12.70 21.70
CA MET A 200 -11.54 13.03 21.22
C MET A 200 -12.08 11.99 20.24
N GLY A 201 -11.27 11.58 19.28
CA GLY A 201 -11.69 10.63 18.27
C GLY A 201 -11.31 9.18 18.52
N ASP A 202 -10.84 8.85 19.72
CA ASP A 202 -10.36 7.50 20.03
C ASP A 202 -11.46 6.58 20.53
N LEU A 203 -12.68 6.71 19.99
CA LEU A 203 -13.76 5.80 20.36
C LEU A 203 -13.66 4.52 19.54
N ARG A 204 -13.73 3.37 20.22
CA ARG A 204 -13.66 2.08 19.58
C ARG A 204 -14.70 1.16 20.19
N ASN A 205 -14.87 0.00 19.57
CA ASN A 205 -15.78 -1.00 20.12
C ASN A 205 -15.12 -1.77 21.24
N CYS A 206 -15.95 -2.33 22.10
CA CYS A 206 -15.47 -3.18 23.18
C CYS A 206 -14.64 -4.32 22.60
N PRO A 207 -13.48 -4.64 23.19
CA PRO A 207 -12.64 -5.74 22.67
C PRO A 207 -13.38 -7.06 22.56
N SER A 208 -14.47 -7.22 23.30
CA SER A 208 -15.28 -8.43 23.26
C SER A 208 -16.70 -8.19 22.74
N ASN A 209 -17.02 -6.97 22.29
CA ASN A 209 -18.29 -6.67 21.63
C ASN A 209 -19.48 -6.89 22.55
N CYS A 210 -19.42 -6.33 23.76
CA CYS A 210 -20.58 -6.35 24.64
C CYS A 210 -21.72 -5.48 24.11
N GLY A 211 -21.46 -4.67 23.09
CA GLY A 211 -22.41 -3.71 22.58
C GLY A 211 -22.11 -2.28 22.98
N GLU A 212 -21.35 -2.08 24.05
CA GLU A 212 -20.97 -0.74 24.46
C GLU A 212 -19.73 -0.28 23.70
N ARG A 213 -19.43 1.01 23.84
CA ARG A 213 -18.28 1.61 23.19
C ARG A 213 -17.29 2.07 24.25
N ILE A 214 -16.03 2.21 23.83
CA ILE A 214 -14.93 2.51 24.74
C ILE A 214 -14.07 3.62 24.13
N ARG A 215 -13.22 4.20 24.97
CA ARG A 215 -12.25 5.21 24.57
C ARG A 215 -10.84 4.68 24.80
N ILE A 216 -9.98 4.80 23.79
CA ILE A 216 -8.59 4.37 23.94
C ILE A 216 -7.96 5.13 25.09
N ARG A 217 -7.28 4.40 25.97
CA ARG A 217 -6.63 4.97 27.14
C ARG A 217 -5.12 4.94 26.95
N ARG A 218 -4.47 6.08 27.21
CA ARG A 218 -3.02 6.19 27.16
C ARG A 218 -2.49 6.39 28.57
N VAL A 219 -1.45 5.61 28.92
CA VAL A 219 -0.89 5.60 30.25
C VAL A 219 0.60 5.92 30.16
N LEU A 220 1.02 6.98 30.83
CA LEU A 220 2.43 7.36 30.88
C LEU A 220 3.07 6.70 32.08
N MET A 221 4.19 6.00 31.86
CA MET A 221 4.87 5.28 32.93
C MET A 221 6.16 5.93 33.39
N ASN A 222 6.71 6.89 32.64
CA ASN A 222 7.93 7.57 33.03
C ASN A 222 7.63 9.02 33.44
N ALA A 223 8.69 9.82 33.56
CA ALA A 223 8.57 11.19 34.07
C ALA A 223 9.50 12.11 33.29
N PRO A 224 9.10 12.51 32.09
CA PRO A 224 9.92 13.46 31.33
C PRO A 224 9.98 14.81 32.02
N GLN A 225 11.11 15.49 31.85
CA GLN A 225 11.25 16.85 32.34
C GLN A 225 11.10 17.89 31.23
N ILE A 226 10.97 17.45 29.99
CA ILE A 226 10.61 18.31 28.87
C ILE A 226 9.54 17.58 28.07
N ILE A 227 8.35 18.16 28.00
CA ILE A 227 7.25 17.63 27.19
C ILE A 227 7.21 18.44 25.90
N THR A 228 7.33 17.75 24.77
CA THR A 228 7.25 18.37 23.45
C THR A 228 5.88 18.06 22.85
N ILE A 229 5.02 19.06 22.80
CA ILE A 229 3.70 18.91 22.20
C ILE A 229 3.79 19.27 20.72
N GLY A 230 3.21 18.43 19.87
CA GLY A 230 3.13 18.68 18.45
C GLY A 230 1.68 18.92 18.05
N LEU A 231 1.45 20.03 17.37
CA LEU A 231 0.11 20.41 16.93
C LEU A 231 -0.11 19.89 15.52
N VAL A 232 -1.17 19.12 15.33
CA VAL A 232 -1.50 18.54 14.03
C VAL A 232 -2.41 19.52 13.30
N TRP A 233 -1.89 20.14 12.26
CA TRP A 233 -2.61 21.18 11.53
C TRP A 233 -3.44 20.58 10.40
N ASP A 234 -4.49 21.30 10.03
CA ASP A 234 -5.35 20.91 8.92
C ASP A 234 -4.92 21.49 7.58
N SER A 235 -4.02 22.46 7.58
CA SER A 235 -3.68 23.21 6.37
C SER A 235 -2.41 24.00 6.63
N ASP A 236 -1.75 24.37 5.53
CA ASP A 236 -0.58 25.24 5.62
C ASP A 236 -0.94 26.72 5.58
N HIS A 237 -2.25 27.04 5.50
CA HIS A 237 -2.78 28.39 5.67
C HIS A 237 -4.03 28.28 6.55
N SER A 238 -3.85 27.75 7.75
CA SER A 238 -5.00 27.42 8.59
C SER A 238 -5.75 28.66 9.04
N ASP A 239 -7.08 28.59 8.97
CA ASP A 239 -7.95 29.62 9.54
C ASP A 239 -8.32 29.30 10.98
N LEU A 240 -7.60 28.37 11.60
CA LEU A 240 -7.79 28.02 13.00
C LEU A 240 -6.61 28.48 13.85
N ALA A 241 -5.66 29.18 13.24
CA ALA A 241 -4.46 29.62 13.95
C ALA A 241 -4.80 30.49 15.15
N GLU A 242 -5.58 31.56 14.92
CA GLU A 242 -5.90 32.49 16.00
C GLU A 242 -6.57 31.76 17.17
N ASP A 243 -7.54 30.90 16.88
CA ASP A 243 -8.18 30.14 17.94
C ASP A 243 -7.18 29.22 18.65
N VAL A 244 -6.24 28.65 17.89
CA VAL A 244 -5.21 27.80 18.49
C VAL A 244 -4.34 28.59 19.44
N ILE A 245 -3.80 29.73 18.97
CA ILE A 245 -2.92 30.55 19.81
C ILE A 245 -3.62 30.96 21.09
N HIS A 246 -4.89 31.35 20.99
CA HIS A 246 -5.67 31.74 22.17
C HIS A 246 -6.01 30.55 23.05
N SER A 247 -5.93 29.33 22.53
CA SER A 247 -6.22 28.12 23.29
C SER A 247 -5.00 27.58 24.01
N LEU A 248 -3.81 28.07 23.69
CA LEU A 248 -2.59 27.55 24.29
C LEU A 248 -2.39 28.09 25.70
N GLY A 249 -1.98 27.21 26.60
CA GLY A 249 -1.67 27.60 27.97
C GLY A 249 -0.17 27.58 28.23
N THR A 250 0.27 28.32 29.25
CA THR A 250 1.69 28.41 29.56
C THR A 250 2.14 27.48 30.68
N CYS A 251 1.21 26.80 31.35
CA CYS A 251 1.55 25.88 32.43
C CYS A 251 0.89 24.54 32.18
N LEU A 252 1.69 23.47 32.18
CA LEU A 252 1.22 22.12 31.90
C LEU A 252 1.37 21.29 33.17
N LYS A 253 0.26 20.70 33.62
CA LYS A 253 0.28 19.73 34.72
C LYS A 253 0.43 18.33 34.12
N LEU A 254 1.62 17.75 34.28
CA LEU A 254 1.92 16.48 33.62
C LEU A 254 0.99 15.35 34.08
N GLY A 255 0.58 15.37 35.35
CA GLY A 255 -0.33 14.35 35.86
C GLY A 255 -1.68 14.32 35.19
N ASP A 256 -2.04 15.37 34.45
CA ASP A 256 -3.31 15.44 33.72
C ASP A 256 -3.17 15.21 32.23
N LEU A 257 -1.94 15.26 31.70
CA LEU A 257 -1.74 15.23 30.26
C LEU A 257 -2.21 13.92 29.64
N PHE A 258 -2.15 12.83 30.39
CA PHE A 258 -2.56 11.53 29.90
C PHE A 258 -3.59 10.93 30.84
N PHE A 259 -4.33 9.93 30.34
CA PHE A 259 -5.40 9.32 31.12
C PHE A 259 -4.87 8.75 32.43
N ARG A 260 -3.65 8.21 32.43
CA ARG A 260 -3.02 7.75 33.66
C ARG A 260 -1.56 8.16 33.63
N VAL A 261 -1.06 8.57 34.80
CA VAL A 261 0.34 8.95 34.98
C VAL A 261 0.80 8.18 36.22
N THR A 262 1.55 7.11 36.02
CA THR A 262 1.86 6.17 37.08
C THR A 262 3.10 6.52 37.89
N ASP A 263 3.97 7.38 37.38
CA ASP A 263 5.21 7.74 38.05
C ASP A 263 4.97 8.94 38.96
N ASP A 264 5.43 8.82 40.22
CA ASP A 264 5.13 9.85 41.22
C ASP A 264 5.78 11.18 40.87
N ARG A 265 6.99 11.15 40.28
CA ARG A 265 7.63 12.40 39.90
C ARG A 265 6.83 13.16 38.85
N ALA A 266 6.10 12.42 38.00
CA ALA A 266 5.33 13.06 36.93
C ALA A 266 3.96 13.52 37.42
N LYS A 267 3.36 12.83 38.39
CA LYS A 267 2.12 13.32 38.99
C LYS A 267 2.29 14.72 39.55
N GLN A 268 3.42 14.97 40.22
CA GLN A 268 3.71 16.25 40.83
C GLN A 268 4.27 17.29 39.86
N SER A 269 4.66 16.87 38.66
CA SER A 269 5.42 17.74 37.76
C SER A 269 4.53 18.83 37.18
N GLU A 270 5.04 20.06 37.19
CA GLU A 270 4.42 21.19 36.51
C GLU A 270 5.43 21.78 35.54
N LEU A 271 5.07 21.83 34.27
CA LEU A 271 5.97 22.28 33.22
C LEU A 271 5.43 23.56 32.60
N TYR A 272 6.34 24.50 32.31
CA TYR A 272 5.97 25.80 31.78
C TYR A 272 6.45 25.93 30.33
N LEU A 273 5.63 26.56 29.51
CA LEU A 273 5.98 26.79 28.11
C LEU A 273 7.14 27.77 28.03
N VAL A 274 8.23 27.35 27.38
CA VAL A 274 9.43 28.18 27.28
C VAL A 274 9.85 28.33 25.83
N GLY A 275 9.25 27.55 24.94
CA GLY A 275 9.65 27.57 23.54
C GLY A 275 8.52 27.13 22.63
N MET A 276 8.58 27.59 21.38
CA MET A 276 7.51 27.33 20.43
C MET A 276 8.05 27.54 19.03
N ILE A 277 8.16 26.46 18.25
CA ILE A 277 8.51 26.56 16.84
C ILE A 277 7.26 26.87 16.05
N CYS A 278 7.34 27.88 15.17
CA CYS A 278 6.18 28.37 14.43
C CYS A 278 6.41 28.24 12.93
N TYR A 279 5.36 27.83 12.22
CA TYR A 279 5.37 27.74 10.77
C TYR A 279 4.51 28.85 10.17
N TYR A 280 4.96 29.38 9.04
CA TYR A 280 4.17 30.30 8.25
C TYR A 280 4.82 30.45 6.88
N GLY A 281 3.98 30.46 5.84
CA GLY A 281 4.42 30.75 4.49
C GLY A 281 5.65 29.96 4.06
N LYS A 282 5.65 28.66 4.31
CA LYS A 282 6.77 27.78 3.96
C LYS A 282 8.07 28.22 4.64
N HIS A 283 7.96 28.75 5.86
CA HIS A 283 9.09 29.26 6.61
C HIS A 283 8.90 28.91 8.09
N TYR A 284 10.01 28.89 8.83
CA TYR A 284 10.00 28.47 10.23
C TYR A 284 10.72 29.50 11.08
N SER A 285 10.24 29.68 12.31
CA SER A 285 10.84 30.60 13.27
C SER A 285 10.54 30.08 14.67
N THR A 286 11.15 30.72 15.68
CA THR A 286 11.12 30.20 17.04
C THR A 286 10.99 31.33 18.06
N PHE A 287 10.02 31.19 18.96
CA PHE A 287 9.93 32.01 20.17
C PHE A 287 10.53 31.25 21.34
N PHE A 288 11.22 31.97 22.22
CA PHE A 288 11.78 31.33 23.40
C PHE A 288 11.91 32.35 24.52
N PHE A 289 11.55 31.93 25.73
CA PHE A 289 11.65 32.78 26.92
C PHE A 289 13.02 32.58 27.55
N GLN A 290 13.89 33.57 27.39
CA GLN A 290 15.19 33.54 28.07
C GLN A 290 14.98 33.84 29.56
N THR A 291 15.29 32.85 30.40
CA THR A 291 15.09 33.01 31.85
C THR A 291 15.96 34.09 32.45
N LYS A 292 17.03 34.49 31.77
CA LYS A 292 17.93 35.52 32.31
C LYS A 292 17.35 36.92 32.11
N ILE A 293 17.21 37.36 30.86
CA ILE A 293 16.65 38.67 30.56
C ILE A 293 15.19 38.76 30.99
N ARG A 294 14.54 37.63 31.30
CA ARG A 294 13.14 37.60 31.74
C ARG A 294 12.21 38.12 30.65
N LYS A 295 12.52 37.78 29.39
CA LYS A 295 11.76 38.26 28.24
C LYS A 295 11.65 37.17 27.19
N TRP A 296 10.66 37.33 26.32
CA TRP A 296 10.45 36.41 25.21
C TRP A 296 11.27 36.87 24.01
N MET A 297 12.10 35.98 23.48
CA MET A 297 12.89 36.26 22.29
C MET A 297 12.24 35.66 21.06
N TYR A 298 12.65 36.16 19.90
CA TYR A 298 12.15 35.67 18.62
C TYR A 298 13.32 35.51 17.66
N PHE A 299 13.46 34.32 17.08
CA PHE A 299 14.57 33.98 16.19
C PHE A 299 14.00 33.55 14.84
N ASP A 300 14.22 34.36 13.82
CA ASP A 300 13.90 34.02 12.44
C ASP A 300 15.23 34.01 11.70
N ASP A 301 15.90 32.87 11.70
CA ASP A 301 17.23 32.72 11.13
C ASP A 301 18.18 33.79 11.69
N ALA A 302 18.57 34.75 10.86
CA ALA A 302 19.51 35.77 11.30
C ALA A 302 18.85 36.85 12.16
N HIS A 303 17.54 37.04 12.03
CA HIS A 303 16.83 38.11 12.74
C HIS A 303 16.48 37.66 14.16
N VAL A 304 17.08 38.33 15.15
CA VAL A 304 16.75 38.13 16.55
C VAL A 304 16.09 39.41 17.05
N LYS A 305 14.96 39.27 17.74
CA LYS A 305 14.19 40.42 18.18
C LYS A 305 13.71 40.21 19.60
N GLU A 306 13.51 41.33 20.31
CA GLU A 306 12.91 41.32 21.64
C GLU A 306 11.40 41.47 21.49
N ILE A 307 10.67 40.43 21.85
CA ILE A 307 9.21 40.48 21.77
C ILE A 307 8.60 41.10 23.02
N GLY A 308 9.08 40.72 24.20
CA GLY A 308 8.59 41.27 25.44
C GLY A 308 8.60 40.28 26.57
N PRO A 309 8.22 40.73 27.77
CA PRO A 309 8.20 39.84 28.93
C PRO A 309 6.87 39.14 29.16
N LYS A 310 5.84 39.45 28.40
CA LYS A 310 4.51 38.92 28.61
C LYS A 310 4.12 37.98 27.47
N TRP A 311 3.45 36.88 27.81
CA TRP A 311 3.00 35.92 26.81
C TRP A 311 2.05 36.57 25.80
N LYS A 312 1.26 37.55 26.25
CA LYS A 312 0.37 38.26 25.34
C LYS A 312 1.12 38.93 24.20
N ASP A 313 2.35 39.39 24.46
CA ASP A 313 3.16 39.97 23.39
C ASP A 313 3.44 38.94 22.29
N VAL A 314 3.70 37.70 22.68
CA VAL A 314 3.90 36.63 21.69
C VAL A 314 2.58 36.31 21.00
N VAL A 315 1.48 36.33 21.74
CA VAL A 315 0.16 36.08 21.16
C VAL A 315 -0.13 37.12 20.07
N THR A 316 0.11 38.39 20.38
CA THR A 316 -0.18 39.45 19.41
C THR A 316 0.63 39.28 18.13
N LYS A 317 1.91 38.91 18.25
CA LYS A 317 2.72 38.74 17.06
C LYS A 317 2.29 37.50 16.26
N CYS A 318 2.05 36.39 16.95
CA CYS A 318 1.61 35.17 16.26
C CYS A 318 0.29 35.40 15.53
N ILE A 319 -0.64 36.11 16.16
CA ILE A 319 -1.92 36.36 15.51
C ILE A 319 -1.76 37.34 14.35
N LYS A 320 -0.92 38.36 14.51
CA LYS A 320 -0.74 39.33 13.43
C LYS A 320 -0.03 38.70 12.24
N GLY A 321 0.92 37.81 12.49
CA GLY A 321 1.64 37.15 11.42
C GLY A 321 0.99 35.90 10.90
N HIS A 322 -0.15 35.49 11.48
CA HIS A 322 -0.82 34.25 11.13
C HIS A 322 0.08 33.05 11.36
N TYR A 323 0.90 33.13 12.41
CA TYR A 323 1.83 32.07 12.73
C TYR A 323 1.07 30.83 13.18
N GLN A 324 1.55 29.66 12.74
CA GLN A 324 0.95 28.39 13.12
C GLN A 324 1.91 27.64 14.04
N PRO A 325 1.68 27.62 15.35
CA PRO A 325 2.59 26.91 16.25
C PRO A 325 2.61 25.42 15.93
N LEU A 326 3.82 24.88 15.76
CA LEU A 326 4.00 23.48 15.43
C LEU A 326 4.51 22.66 16.61
N LEU A 327 5.59 23.11 17.27
CA LEU A 327 6.14 22.43 18.44
C LEU A 327 6.03 23.35 19.64
N LEU A 328 5.47 22.84 20.74
CA LEU A 328 5.48 23.54 22.02
C LEU A 328 6.38 22.76 22.96
N LEU A 329 7.26 23.47 23.66
CA LEU A 329 8.22 22.85 24.56
C LEU A 329 7.94 23.33 25.98
N TYR A 330 7.47 22.41 26.82
CA TYR A 330 7.21 22.67 28.22
C TYR A 330 8.33 22.05 29.04
N ALA A 331 9.03 22.89 29.80
CA ALA A 331 10.16 22.45 30.60
C ALA A 331 9.81 22.53 32.09
N ASP A 332 10.21 21.51 32.83
CA ASP A 332 10.02 21.53 34.27
C ASP A 332 11.04 22.48 34.87
N PRO A 333 10.62 23.56 35.53
CA PRO A 333 11.60 24.49 36.11
C PRO A 333 12.39 23.88 37.24
N GLN A 334 11.86 22.86 37.90
CA GLN A 334 12.60 22.09 38.90
C GLN A 334 13.38 20.94 38.28
N GLY A 335 13.57 20.96 36.96
CA GLY A 335 14.29 19.91 36.28
C GLY A 335 15.79 20.01 36.45
N THR A 336 16.48 18.92 36.14
CA THR A 336 17.91 18.81 36.33
C THR A 336 18.59 18.30 35.06
N PRO A 337 19.83 18.70 34.81
CA PRO A 337 20.58 18.14 33.68
C PRO A 337 20.89 16.67 33.95
N VAL A 338 21.31 15.97 32.89
CA VAL A 338 21.70 14.58 33.05
C VAL A 338 22.90 14.51 33.98
N SER A 339 22.93 13.48 34.82
CA SER A 339 24.00 13.31 35.78
C SER A 339 25.28 12.84 35.09
N MET B 1 -8.52 -6.71 5.47
CA MET B 1 -8.07 -6.33 6.80
C MET B 1 -8.40 -4.85 7.09
N GLN B 2 -8.89 -4.59 8.29
CA GLN B 2 -9.39 -3.30 8.69
C GLN B 2 -8.40 -2.61 9.64
N ILE B 3 -8.00 -1.39 9.30
CA ILE B 3 -7.16 -0.58 10.17
C ILE B 3 -7.78 0.80 10.31
N PHE B 4 -7.40 1.49 11.38
CA PHE B 4 -7.90 2.82 11.70
C PHE B 4 -6.83 3.86 11.40
N VAL B 5 -7.28 5.05 10.97
CA VAL B 5 -6.41 6.20 10.77
C VAL B 5 -7.01 7.38 11.52
N LYS B 6 -6.26 7.90 12.50
CA LYS B 6 -6.64 9.14 13.17
C LYS B 6 -6.20 10.32 12.30
N THR B 7 -7.17 11.09 11.82
CA THR B 7 -6.91 12.08 10.79
C THR B 7 -6.49 13.42 11.41
N LEU B 8 -6.25 14.41 10.53
CA LEU B 8 -5.79 15.72 10.96
C LEU B 8 -6.78 16.39 11.90
N THR B 9 -8.07 16.12 11.75
CA THR B 9 -9.11 16.77 12.53
C THR B 9 -9.45 16.02 13.81
N GLY B 10 -8.73 14.94 14.13
CA GLY B 10 -9.05 14.13 15.28
C GLY B 10 -10.06 13.05 15.02
N LYS B 11 -10.73 13.07 13.86
CA LYS B 11 -11.68 12.02 13.52
C LYS B 11 -10.95 10.73 13.18
N THR B 12 -11.61 9.61 13.44
CA THR B 12 -11.07 8.29 13.12
C THR B 12 -11.81 7.73 11.92
N ILE B 13 -11.06 7.31 10.91
CA ILE B 13 -11.63 6.70 9.71
C ILE B 13 -11.18 5.24 9.62
N THR B 14 -11.75 4.54 8.66
CA THR B 14 -11.52 3.12 8.46
C THR B 14 -10.89 2.90 7.09
N LEU B 15 -9.75 2.21 7.06
CA LEU B 15 -9.07 1.84 5.83
C LEU B 15 -9.20 0.34 5.62
N GLU B 16 -9.71 -0.05 4.46
CA GLU B 16 -9.67 -1.45 4.03
C GLU B 16 -8.35 -1.68 3.33
N VAL B 17 -7.57 -2.64 3.83
CA VAL B 17 -6.15 -2.74 3.48
C VAL B 17 -5.74 -4.21 3.55
N GLU B 18 -4.59 -4.51 2.97
CA GLU B 18 -4.01 -5.83 3.03
C GLU B 18 -2.62 -5.77 3.68
N PRO B 19 -2.21 -6.82 4.38
CA PRO B 19 -0.88 -6.81 5.02
C PRO B 19 0.26 -6.55 4.04
N SER B 20 0.11 -6.95 2.78
CA SER B 20 1.14 -6.74 1.77
C SER B 20 1.11 -5.34 1.16
N ASP B 21 0.23 -4.47 1.64
CA ASP B 21 0.11 -3.13 1.08
C ASP B 21 1.29 -2.27 1.52
N THR B 22 1.98 -1.67 0.56
CA THR B 22 2.94 -0.63 0.88
C THR B 22 2.24 0.55 1.54
N ILE B 23 3.00 1.34 2.31
CA ILE B 23 2.36 2.48 2.95
C ILE B 23 2.09 3.60 1.96
N GLU B 24 2.83 3.64 0.84
CA GLU B 24 2.44 4.53 -0.24
C GLU B 24 1.08 4.13 -0.80
N ASN B 25 0.80 2.82 -0.84
CA ASN B 25 -0.55 2.36 -1.15
C ASN B 25 -1.54 2.86 -0.10
N VAL B 26 -1.15 2.79 1.18
CA VAL B 26 -2.02 3.28 2.24
C VAL B 26 -2.20 4.79 2.14
N LYS B 27 -1.13 5.52 1.84
CA LYS B 27 -1.22 6.96 1.68
C LYS B 27 -2.15 7.36 0.54
N ALA B 28 -2.25 6.52 -0.51
CA ALA B 28 -3.17 6.82 -1.60
C ALA B 28 -4.61 6.63 -1.17
N LYS B 29 -4.88 5.60 -0.36
CA LYS B 29 -6.23 5.40 0.15
C LYS B 29 -6.62 6.55 1.08
N ILE B 30 -5.65 7.07 1.83
CA ILE B 30 -5.91 8.21 2.71
C ILE B 30 -6.18 9.46 1.89
N GLN B 31 -5.49 9.61 0.76
CA GLN B 31 -5.72 10.78 -0.09
C GLN B 31 -7.14 10.79 -0.64
N ASP B 32 -7.65 9.63 -1.08
CA ASP B 32 -8.99 9.58 -1.64
C ASP B 32 -10.05 9.88 -0.59
N LYS B 33 -9.85 9.38 0.63
CA LYS B 33 -10.84 9.59 1.68
C LYS B 33 -10.73 10.96 2.32
N GLU B 34 -9.51 11.46 2.49
CA GLU B 34 -9.26 12.64 3.30
C GLU B 34 -8.75 13.84 2.53
N GLY B 35 -8.27 13.66 1.30
CA GLY B 35 -7.86 14.77 0.46
C GLY B 35 -6.44 15.25 0.65
N ILE B 36 -5.70 14.70 1.59
CA ILE B 36 -4.32 15.14 1.83
C ILE B 36 -3.40 14.49 0.82
N PRO B 37 -2.56 15.27 0.11
CA PRO B 37 -1.62 14.69 -0.85
C PRO B 37 -0.57 13.83 -0.11
N PRO B 38 0.01 12.81 -0.77
CA PRO B 38 0.94 11.89 -0.11
C PRO B 38 2.20 12.50 0.50
N ASP B 39 2.82 13.46 -0.19
CA ASP B 39 4.11 14.04 0.29
C ASP B 39 3.85 14.82 1.59
N GLN B 40 2.61 15.20 1.83
CA GLN B 40 2.26 16.00 3.03
C GLN B 40 1.71 15.07 4.13
N GLN B 41 1.87 13.76 3.96
CA GLN B 41 1.26 12.80 4.91
C GLN B 41 2.34 12.21 5.82
N ARG B 42 2.14 12.28 7.14
CA ARG B 42 3.07 11.65 8.11
C ARG B 42 2.31 10.58 8.88
N LEU B 43 2.62 9.31 8.65
CA LEU B 43 1.94 8.20 9.30
C LEU B 43 2.79 7.72 10.47
N ILE B 44 2.24 7.78 11.67
CA ILE B 44 2.92 7.34 12.87
C ILE B 44 2.18 6.13 13.43
N PHE B 45 2.92 5.06 13.71
CA PHE B 45 2.39 3.88 14.37
C PHE B 45 3.30 3.53 15.53
N ALA B 46 2.72 3.40 16.72
CA ALA B 46 3.47 3.07 17.93
C ALA B 46 4.68 4.01 18.11
N GLY B 47 4.45 5.31 17.88
CA GLY B 47 5.46 6.32 18.08
C GLY B 47 6.49 6.47 16.98
N LYS B 48 6.51 5.58 15.99
CA LYS B 48 7.49 5.62 14.93
C LYS B 48 6.82 6.00 13.61
N GLN B 49 7.52 6.80 12.81
CA GLN B 49 7.02 7.22 11.51
C GLN B 49 7.26 6.14 10.47
N LEU B 50 6.24 5.80 9.70
CA LEU B 50 6.35 4.81 8.64
C LEU B 50 7.08 5.43 7.45
N GLU B 51 8.06 4.71 6.90
CA GLU B 51 8.87 5.21 5.81
C GLU B 51 8.57 4.45 4.52
N ASP B 52 8.43 5.20 3.42
CA ASP B 52 8.00 4.64 2.15
C ASP B 52 8.89 3.48 1.72
N GLY B 53 8.32 2.60 0.89
CA GLY B 53 8.99 1.40 0.45
C GLY B 53 8.70 0.17 1.28
N ARG B 54 8.21 0.34 2.50
CA ARG B 54 7.84 -0.77 3.37
C ARG B 54 6.36 -1.08 3.25
N THR B 55 5.97 -2.24 3.77
CA THR B 55 4.58 -2.68 3.80
C THR B 55 4.07 -2.65 5.23
N LEU B 56 2.75 -2.85 5.37
CA LEU B 56 2.15 -2.92 6.69
C LEU B 56 2.68 -4.12 7.47
N SER B 57 2.96 -5.23 6.79
CA SER B 57 3.50 -6.41 7.45
C SER B 57 4.87 -6.13 8.06
N ASP B 58 5.67 -5.27 7.43
CA ASP B 58 7.00 -4.95 7.95
C ASP B 58 6.90 -4.36 9.35
N TYR B 59 5.90 -3.52 9.59
CA TYR B 59 5.74 -2.84 10.87
C TYR B 59 4.84 -3.58 11.84
N ASN B 60 4.39 -4.79 11.48
CA ASN B 60 3.42 -5.55 12.27
C ASN B 60 2.09 -4.81 12.40
N ILE B 61 1.71 -4.10 11.35
CA ILE B 61 0.38 -3.45 11.34
C ILE B 61 -0.63 -4.58 11.20
N GLN B 62 -1.46 -4.76 12.22
CA GLN B 62 -2.47 -5.84 12.17
C GLN B 62 -3.86 -5.20 12.19
N LYS B 63 -4.90 -6.02 12.25
CA LYS B 63 -6.28 -5.49 12.18
C LYS B 63 -6.56 -4.64 13.42
N GLU B 64 -7.37 -3.60 13.26
CA GLU B 64 -7.75 -2.72 14.40
C GLU B 64 -6.53 -1.88 14.81
N SER B 65 -5.42 -1.98 14.11
CA SER B 65 -4.28 -1.09 14.43
C SER B 65 -4.67 0.35 14.09
N THR B 66 -4.06 1.33 14.75
CA THR B 66 -4.34 2.74 14.50
C THR B 66 -3.09 3.43 13.98
N LEU B 67 -3.23 4.13 12.86
CA LEU B 67 -2.17 4.99 12.36
C LEU B 67 -2.51 6.44 12.71
N HIS B 68 -1.52 7.18 13.18
CA HIS B 68 -1.70 8.57 13.57
C HIS B 68 -1.17 9.45 12.43
N LEU B 69 -2.08 10.18 11.80
CA LEU B 69 -1.75 11.03 10.66
C LEU B 69 -1.37 12.43 11.14
N VAL B 70 -0.18 12.88 10.78
CA VAL B 70 0.31 14.22 11.06
C VAL B 70 0.62 14.90 9.73
N LEU B 71 0.27 16.18 9.63
CA LEU B 71 0.51 16.93 8.40
C LEU B 71 1.95 17.45 8.37
N ARG B 72 2.66 17.18 7.27
CA ARG B 72 4.01 17.69 7.10
C ARG B 72 3.96 19.11 6.55
N LEU B 73 4.70 20.02 7.20
CA LEU B 73 4.73 21.43 6.82
C LEU B 73 6.15 21.77 6.40
N ARG B 74 6.42 21.65 5.09
CA ARG B 74 7.75 21.95 4.57
C ARG B 74 8.03 23.44 4.69
N GLY B 75 9.21 23.77 5.21
CA GLY B 75 9.62 25.16 5.35
C GLY B 75 11.08 25.38 5.03
N MET C 1 17.26 -11.55 44.24
CA MET C 1 16.88 -10.26 43.70
C MET C 1 15.43 -9.94 44.03
N GLN C 2 15.18 -8.71 44.48
CA GLN C 2 13.83 -8.22 44.72
C GLN C 2 13.44 -7.32 43.56
N ILE C 3 12.37 -7.69 42.85
CA ILE C 3 11.79 -6.83 41.84
C ILE C 3 10.34 -6.55 42.21
N PHE C 4 9.81 -5.45 41.69
CA PHE C 4 8.47 -4.98 42.01
C PHE C 4 7.61 -5.00 40.76
N VAL C 5 6.33 -5.34 40.94
CA VAL C 5 5.37 -5.44 39.84
C VAL C 5 4.21 -4.51 40.15
N LYS C 6 4.01 -3.51 39.29
CA LYS C 6 2.98 -2.50 39.48
C LYS C 6 1.71 -2.93 38.74
N THR C 7 0.60 -3.03 39.47
CA THR C 7 -0.68 -3.27 38.84
C THR C 7 -1.35 -1.94 38.52
N LEU C 8 -2.35 -1.99 37.65
CA LEU C 8 -3.01 -0.76 37.21
C LEU C 8 -3.95 -0.20 38.28
N THR C 9 -4.15 -0.91 39.38
CA THR C 9 -4.85 -0.36 40.53
C THR C 9 -3.90 0.27 41.54
N GLY C 10 -2.60 0.25 41.26
CA GLY C 10 -1.60 0.79 42.16
C GLY C 10 -1.03 -0.19 43.15
N LYS C 11 -1.55 -1.42 43.21
CA LYS C 11 -0.99 -2.43 44.11
C LYS C 11 0.38 -2.88 43.62
N THR C 12 1.29 -3.09 44.56
CA THR C 12 2.66 -3.48 44.24
C THR C 12 2.89 -4.91 44.71
N ILE C 13 3.31 -5.77 43.79
CA ILE C 13 3.64 -7.15 44.08
C ILE C 13 5.16 -7.24 44.17
N THR C 14 5.67 -7.54 45.35
CA THR C 14 7.10 -7.76 45.53
C THR C 14 7.43 -9.21 45.17
N LEU C 15 8.44 -9.39 44.34
CA LEU C 15 8.83 -10.71 43.85
C LEU C 15 10.31 -10.94 44.08
N GLU C 16 10.65 -12.15 44.52
CA GLU C 16 12.03 -12.58 44.65
C GLU C 16 12.37 -13.44 43.44
N VAL C 17 13.31 -12.98 42.62
CA VAL C 17 13.61 -13.61 41.35
C VAL C 17 15.13 -13.63 41.15
N GLU C 18 15.55 -14.30 40.07
CA GLU C 18 16.92 -14.32 39.59
C GLU C 18 16.99 -13.73 38.19
N PRO C 19 18.12 -13.13 37.81
CA PRO C 19 18.27 -12.63 36.44
C PRO C 19 18.00 -13.69 35.37
N SER C 20 18.28 -14.95 35.67
CA SER C 20 18.06 -16.03 34.72
C SER C 20 16.62 -16.53 34.68
N ASP C 21 15.74 -15.97 35.50
CA ASP C 21 14.32 -16.32 35.43
C ASP C 21 13.70 -15.77 34.15
N THR C 22 12.91 -16.60 33.49
CA THR C 22 12.21 -16.17 32.30
C THR C 22 10.98 -15.35 32.66
N ILE C 23 10.32 -14.82 31.64
CA ILE C 23 9.12 -14.01 31.87
C ILE C 23 7.96 -14.90 32.27
N GLU C 24 7.83 -16.06 31.63
CA GLU C 24 6.83 -17.03 32.07
C GLU C 24 7.09 -17.45 33.52
N ASN C 25 8.36 -17.55 33.92
CA ASN C 25 8.69 -17.81 35.31
C ASN C 25 8.16 -16.71 36.22
N VAL C 26 8.33 -15.45 35.81
CA VAL C 26 7.83 -14.33 36.62
C VAL C 26 6.30 -14.34 36.67
N LYS C 27 5.65 -14.63 35.54
CA LYS C 27 4.19 -14.68 35.53
C LYS C 27 3.66 -15.80 36.42
N ALA C 28 4.44 -16.86 36.61
CA ALA C 28 4.04 -17.93 37.53
C ALA C 28 4.12 -17.46 38.98
N LYS C 29 5.15 -16.68 39.32
CA LYS C 29 5.24 -16.13 40.67
C LYS C 29 4.09 -15.16 40.95
N ILE C 30 3.72 -14.36 39.94
CA ILE C 30 2.59 -13.45 40.10
C ILE C 30 1.31 -14.22 40.36
N GLN C 31 1.12 -15.35 39.66
CA GLN C 31 -0.04 -16.19 39.93
C GLN C 31 0.00 -16.78 41.33
N ASP C 32 1.20 -17.05 41.86
CA ASP C 32 1.30 -17.59 43.21
C ASP C 32 0.88 -16.56 44.25
N LYS C 33 1.14 -15.28 43.99
CA LYS C 33 0.78 -14.21 44.93
C LYS C 33 -0.62 -13.65 44.69
N GLU C 34 -1.18 -13.81 43.50
CA GLU C 34 -2.44 -13.16 43.14
C GLU C 34 -3.49 -14.07 42.54
N GLY C 35 -3.14 -15.27 42.08
CA GLY C 35 -4.13 -16.09 41.41
C GLY C 35 -4.52 -15.58 40.04
N ILE C 36 -3.69 -14.73 39.42
CA ILE C 36 -3.93 -14.24 38.07
C ILE C 36 -3.37 -15.27 37.10
N PRO C 37 -4.19 -15.86 36.23
CA PRO C 37 -3.66 -16.82 35.24
C PRO C 37 -2.63 -16.16 34.35
N PRO C 38 -1.52 -16.86 34.07
CA PRO C 38 -0.47 -16.25 33.23
C PRO C 38 -0.95 -15.82 31.85
N ASP C 39 -1.95 -16.49 31.29
CA ASP C 39 -2.43 -16.12 29.96
C ASP C 39 -3.08 -14.74 29.95
N GLN C 40 -3.55 -14.26 31.10
CA GLN C 40 -4.07 -12.90 31.20
C GLN C 40 -2.98 -11.86 31.40
N GLN C 41 -1.76 -12.28 31.76
CA GLN C 41 -0.72 -11.36 32.21
C GLN C 41 0.07 -10.80 31.03
N ARG C 42 0.24 -9.48 31.02
CA ARG C 42 1.19 -8.83 30.14
C ARG C 42 2.10 -7.96 30.99
N LEU C 43 3.41 -8.09 30.78
CA LEU C 43 4.39 -7.36 31.57
C LEU C 43 5.10 -6.35 30.68
N ILE C 44 5.28 -5.15 31.21
CA ILE C 44 5.84 -4.04 30.45
C ILE C 44 6.96 -3.42 31.28
N PHE C 45 8.10 -3.18 30.64
CA PHE C 45 9.22 -2.51 31.28
C PHE C 45 9.93 -1.64 30.25
N ALA C 46 10.13 -0.37 30.59
CA ALA C 46 10.86 0.59 29.74
C ALA C 46 10.22 0.71 28.35
N GLY C 47 8.89 0.62 28.29
CA GLY C 47 8.19 0.77 27.04
C GLY C 47 8.19 -0.45 26.14
N LYS C 48 8.68 -1.58 26.62
CA LYS C 48 8.76 -2.81 25.83
C LYS C 48 7.94 -3.90 26.52
N GLN C 49 7.22 -4.68 25.71
CA GLN C 49 6.56 -5.86 26.23
C GLN C 49 7.57 -6.99 26.42
N LEU C 50 7.42 -7.73 27.52
CA LEU C 50 8.38 -8.76 27.87
C LEU C 50 7.90 -10.12 27.35
N GLU C 51 8.77 -10.77 26.57
CA GLU C 51 8.40 -12.03 25.92
C GLU C 51 8.59 -13.21 26.84
N ASP C 52 7.60 -14.12 26.82
CA ASP C 52 7.61 -15.27 27.74
C ASP C 52 8.92 -16.04 27.69
N GLY C 53 9.46 -16.25 26.49
CA GLY C 53 10.63 -17.10 26.34
C GLY C 53 11.96 -16.46 26.69
N ARG C 54 11.99 -15.16 26.96
CA ARG C 54 13.23 -14.47 27.25
C ARG C 54 13.39 -14.23 28.75
N THR C 55 14.60 -13.90 29.16
CA THR C 55 14.96 -13.80 30.56
C THR C 55 14.98 -12.36 31.04
N LEU C 56 15.07 -12.20 32.36
CA LEU C 56 15.08 -10.86 32.95
C LEU C 56 16.37 -10.11 32.62
N SER C 57 17.50 -10.82 32.58
CA SER C 57 18.77 -10.18 32.22
C SER C 57 18.86 -9.84 30.74
N ASP C 58 17.98 -10.41 29.90
CA ASP C 58 17.89 -9.98 28.51
C ASP C 58 17.48 -8.52 28.41
N TYR C 59 16.51 -8.13 29.24
CA TYR C 59 16.03 -6.76 29.28
C TYR C 59 16.81 -5.89 30.27
N ASN C 60 17.92 -6.40 30.81
CA ASN C 60 18.74 -5.69 31.78
C ASN C 60 17.92 -5.23 32.98
N ILE C 61 17.01 -6.10 33.42
CA ILE C 61 16.16 -5.82 34.58
C ILE C 61 16.95 -6.14 35.84
N GLN C 62 17.21 -5.13 36.66
CA GLN C 62 18.10 -5.21 37.80
C GLN C 62 17.30 -5.24 39.11
N ARG C 63 18.02 -5.13 40.23
CA ARG C 63 17.38 -5.08 41.53
C ARG C 63 16.50 -3.84 41.66
N GLU C 64 15.39 -4.00 42.39
CA GLU C 64 14.42 -2.95 42.66
C GLU C 64 13.79 -2.39 41.39
N SER C 65 13.97 -3.04 40.25
CA SER C 65 13.32 -2.60 39.02
C SER C 65 11.81 -2.78 39.15
N THR C 66 11.07 -1.92 38.46
CA THR C 66 9.62 -1.94 38.51
C THR C 66 9.09 -2.40 37.16
N LEU C 67 8.33 -3.49 37.16
CA LEU C 67 7.63 -3.99 35.99
C LEU C 67 6.15 -3.60 36.09
N HIS C 68 5.52 -3.38 34.95
CA HIS C 68 4.12 -2.98 34.89
C HIS C 68 3.28 -4.14 34.39
N LEU C 69 2.29 -4.56 35.20
CA LEU C 69 1.40 -5.67 34.87
C LEU C 69 0.10 -5.12 34.29
N VAL C 70 -0.13 -5.40 33.01
CA VAL C 70 -1.39 -5.09 32.35
C VAL C 70 -2.06 -6.40 31.99
N LEU C 71 -3.37 -6.46 32.17
CA LEU C 71 -4.12 -7.69 32.03
C LEU C 71 -4.95 -7.67 30.76
N ARG C 72 -5.04 -8.84 30.10
CA ARG C 72 -5.95 -9.04 28.99
C ARG C 72 -7.10 -9.92 29.46
N LEU C 73 -8.30 -9.34 29.50
CA LEU C 73 -9.48 -10.01 30.03
C LEU C 73 -10.51 -10.19 28.92
N ARG C 74 -11.15 -11.35 28.89
CA ARG C 74 -12.26 -11.57 27.97
C ARG C 74 -13.48 -10.74 28.37
N GLY C 75 -13.69 -10.54 29.67
CA GLY C 75 -14.84 -9.81 30.14
C GLY C 75 -16.09 -10.67 30.22
N GLY C 76 -17.17 -10.04 30.64
CA GLY C 76 -18.43 -10.73 30.82
C GLY C 76 -18.33 -11.89 31.80
N SER D 11 -25.14 -69.07 35.99
CA SER D 11 -25.65 -67.79 36.49
C SER D 11 -26.03 -67.92 37.97
N LYS D 12 -25.67 -66.90 38.75
CA LYS D 12 -25.90 -66.88 40.20
C LYS D 12 -26.76 -65.67 40.56
N GLY D 13 -27.01 -65.51 41.86
CA GLY D 13 -27.86 -64.44 42.34
C GLY D 13 -27.33 -63.87 43.65
N LEU D 14 -27.95 -62.77 44.06
CA LEU D 14 -27.48 -62.00 45.20
C LEU D 14 -28.63 -61.78 46.18
N SER D 15 -28.30 -61.73 47.46
CA SER D 15 -29.32 -61.73 48.51
C SER D 15 -29.57 -60.33 49.06
N ASN D 16 -30.84 -60.04 49.34
CA ASN D 16 -31.24 -58.80 50.00
C ASN D 16 -32.20 -59.16 51.14
N GLU D 17 -31.74 -58.99 52.38
CA GLU D 17 -32.62 -59.15 53.54
C GLU D 17 -33.78 -58.17 53.45
N PRO D 18 -34.85 -58.41 54.22
CA PRO D 18 -36.04 -57.53 54.10
C PRO D 18 -35.73 -56.05 54.22
N GLY D 19 -34.96 -55.66 55.23
CA GLY D 19 -34.53 -54.29 55.40
C GLY D 19 -33.15 -53.98 54.89
N GLN D 20 -32.50 -54.91 54.18
CA GLN D 20 -31.16 -54.67 53.67
C GLN D 20 -31.15 -53.52 52.66
N ASN D 21 -32.15 -53.46 51.79
CA ASN D 21 -32.25 -52.44 50.75
C ASN D 21 -30.94 -52.32 49.99
N SER D 22 -30.52 -53.42 49.38
CA SER D 22 -29.20 -53.49 48.77
C SER D 22 -29.24 -53.85 47.29
N CYS D 23 -30.41 -53.83 46.66
CA CYS D 23 -30.48 -54.15 45.24
C CYS D 23 -29.73 -53.14 44.38
N PHE D 24 -29.42 -51.94 44.90
CA PHE D 24 -28.61 -51.01 44.14
C PHE D 24 -27.19 -51.54 43.96
N LEU D 25 -26.59 -52.05 45.04
CA LEU D 25 -25.29 -52.71 44.92
C LEU D 25 -25.40 -53.97 44.08
N ASN D 26 -26.36 -54.84 44.41
CA ASN D 26 -26.45 -56.12 43.73
C ASN D 26 -26.59 -55.95 42.23
N SER D 27 -27.44 -55.01 41.80
CA SER D 27 -27.59 -54.73 40.38
C SER D 27 -26.25 -54.37 39.74
N ALA D 28 -25.48 -53.50 40.40
CA ALA D 28 -24.19 -53.09 39.87
C ALA D 28 -23.15 -54.21 40.00
N LEU D 29 -23.25 -55.03 41.05
CA LEU D 29 -22.30 -56.12 41.24
C LEU D 29 -22.41 -57.14 40.13
N GLN D 30 -23.63 -57.41 39.65
CA GLN D 30 -23.82 -58.37 38.57
C GLN D 30 -23.17 -57.88 37.28
N VAL D 31 -23.30 -56.59 36.98
CA VAL D 31 -22.73 -56.05 35.74
C VAL D 31 -21.22 -56.20 35.74
N LEU D 32 -20.57 -55.83 36.85
CA LEU D 32 -19.11 -55.90 36.90
C LEU D 32 -18.62 -57.33 36.78
N TRP D 33 -19.35 -58.30 37.35
CA TRP D 33 -18.91 -59.69 37.28
C TRP D 33 -19.04 -60.25 35.88
N HIS D 34 -20.00 -59.75 35.10
CA HIS D 34 -20.31 -60.36 33.81
C HIS D 34 -19.55 -59.74 32.64
N LEU D 35 -19.18 -58.46 32.74
CA LEU D 35 -18.33 -57.87 31.71
C LEU D 35 -16.99 -58.60 31.67
N ASP D 36 -16.70 -59.24 30.54
CA ASP D 36 -15.49 -60.06 30.44
C ASP D 36 -14.24 -59.21 30.66
N ILE D 37 -14.26 -57.96 30.21
CA ILE D 37 -13.09 -57.09 30.34
C ILE D 37 -12.77 -56.83 31.80
N PHE D 38 -13.80 -56.52 32.60
CA PHE D 38 -13.57 -56.26 34.02
C PHE D 38 -13.20 -57.54 34.76
N ARG D 39 -13.87 -58.65 34.46
CA ARG D 39 -13.61 -59.88 35.22
C ARG D 39 -12.22 -60.43 34.91
N ARG D 40 -11.89 -60.59 33.64
CA ARG D 40 -10.58 -61.14 33.27
C ARG D 40 -9.45 -60.22 33.70
N SER D 41 -9.68 -58.90 33.67
CA SER D 41 -8.71 -57.99 34.25
C SER D 41 -8.56 -58.26 35.73
N PHE D 42 -9.68 -58.21 36.47
CA PHE D 42 -9.67 -58.33 37.93
C PHE D 42 -8.99 -59.60 38.43
N ARG D 43 -8.93 -60.66 37.61
CA ARG D 43 -8.31 -61.90 38.04
C ARG D 43 -6.79 -61.80 38.06
N GLN D 44 -6.21 -60.99 37.18
CA GLN D 44 -4.77 -60.79 37.12
C GLN D 44 -4.28 -59.71 38.09
N LEU D 45 -5.07 -59.39 39.11
CA LEU D 45 -4.77 -58.35 40.09
C LEU D 45 -4.55 -59.00 41.45
N THR D 46 -3.34 -58.89 41.98
CA THR D 46 -3.00 -59.46 43.29
C THR D 46 -2.33 -58.43 44.17
N THR D 47 -2.63 -57.15 43.97
CA THR D 47 -1.99 -56.05 44.69
C THR D 47 -2.97 -54.90 44.77
N HIS D 48 -3.07 -54.28 45.95
CA HIS D 48 -4.06 -53.23 46.15
C HIS D 48 -3.81 -52.51 47.47
N LYS D 49 -4.13 -51.21 47.49
CA LYS D 49 -4.06 -50.41 48.71
C LYS D 49 -5.20 -50.81 49.65
N CYS D 50 -4.96 -51.83 50.47
CA CYS D 50 -5.99 -52.35 51.36
C CYS D 50 -6.37 -51.30 52.40
N MET D 51 -7.68 -51.16 52.62
CA MET D 51 -8.18 -50.30 53.68
C MET D 51 -8.42 -51.06 54.99
N GLY D 52 -8.13 -52.36 55.01
CA GLY D 52 -8.31 -53.17 56.20
C GLY D 52 -9.69 -53.78 56.30
N ASP D 53 -10.57 -53.14 57.06
CA ASP D 53 -11.95 -53.60 57.20
C ASP D 53 -12.88 -52.88 56.23
N SER D 54 -12.71 -51.56 56.07
CA SER D 54 -13.54 -50.78 55.16
C SER D 54 -13.00 -50.83 53.74
N CYS D 55 -12.33 -51.94 53.39
CA CYS D 55 -11.72 -52.07 52.08
C CYS D 55 -12.73 -52.58 51.08
N ILE D 56 -12.99 -51.79 50.03
CA ILE D 56 -13.90 -52.22 48.99
C ILE D 56 -13.27 -53.31 48.13
N PHE D 57 -11.97 -53.20 47.87
CA PHE D 57 -11.28 -54.20 47.05
C PHE D 57 -11.40 -55.60 47.64
N CYS D 58 -11.11 -55.75 48.94
CA CYS D 58 -11.12 -57.07 49.55
C CYS D 58 -12.54 -57.63 49.64
N ALA D 59 -13.51 -56.78 49.96
CA ALA D 59 -14.91 -57.21 49.90
C ALA D 59 -15.29 -57.63 48.49
N LEU D 60 -14.96 -56.79 47.50
CA LEU D 60 -15.16 -57.15 46.11
C LEU D 60 -14.46 -58.46 45.79
N LYS D 61 -13.16 -58.54 46.08
CA LYS D 61 -12.42 -59.77 45.84
C LYS D 61 -13.18 -60.96 46.42
N GLY D 62 -13.51 -60.90 47.72
CA GLY D 62 -14.23 -62.01 48.34
C GLY D 62 -15.50 -62.43 47.62
N ILE D 63 -16.22 -61.47 47.02
CA ILE D 63 -17.43 -61.81 46.29
C ILE D 63 -17.09 -62.47 44.95
N PHE D 64 -15.99 -62.07 44.31
CA PHE D 64 -15.64 -62.66 43.03
C PHE D 64 -15.07 -64.07 43.19
N ASN D 65 -14.41 -64.37 44.32
CA ASN D 65 -13.98 -65.73 44.58
C ASN D 65 -15.18 -66.67 44.67
N GLN D 66 -16.23 -66.24 45.37
CA GLN D 66 -17.41 -67.08 45.53
C GLN D 66 -18.21 -67.20 44.24
N PHE D 67 -18.18 -66.16 43.40
CA PHE D 67 -18.87 -66.22 42.11
C PHE D 67 -18.28 -67.31 41.23
N GLN D 68 -16.99 -67.63 41.41
CA GLN D 68 -16.28 -68.59 40.57
C GLN D 68 -16.17 -69.97 41.19
N CYS D 69 -16.05 -70.07 42.52
CA CYS D 69 -15.80 -71.34 43.18
C CYS D 69 -17.01 -71.89 43.92
N SER D 70 -17.84 -71.04 44.51
CA SER D 70 -18.96 -71.53 45.31
C SER D 70 -20.03 -72.16 44.43
N SER D 71 -20.78 -73.10 45.01
CA SER D 71 -21.81 -73.83 44.28
C SER D 71 -23.21 -73.42 44.68
N GLU D 72 -23.37 -72.33 45.42
CA GLU D 72 -24.69 -71.87 45.84
C GLU D 72 -25.35 -71.06 44.72
N LYS D 73 -26.69 -71.07 44.72
CA LYS D 73 -27.43 -70.34 43.71
C LYS D 73 -27.48 -68.84 44.01
N VAL D 74 -27.50 -68.47 45.28
CA VAL D 74 -27.60 -67.07 45.70
C VAL D 74 -26.46 -66.78 46.66
N LEU D 75 -25.76 -65.67 46.42
CA LEU D 75 -24.54 -65.30 47.12
C LEU D 75 -24.72 -64.02 47.89
N PRO D 76 -24.08 -63.86 49.05
CA PRO D 76 -24.22 -62.64 49.83
C PRO D 76 -23.29 -61.53 49.37
N SER D 77 -23.78 -60.29 49.51
CA SER D 77 -23.03 -59.09 49.14
C SER D 77 -22.85 -58.13 50.32
N ASP D 78 -23.20 -58.55 51.53
CA ASP D 78 -23.06 -57.70 52.71
C ASP D 78 -21.61 -57.31 52.98
N THR D 79 -20.65 -58.10 52.49
CA THR D 79 -19.25 -57.73 52.67
C THR D 79 -18.91 -56.44 51.90
N LEU D 80 -19.52 -56.25 50.73
CA LEU D 80 -19.31 -55.01 49.98
C LEU D 80 -20.17 -53.89 50.52
N ARG D 81 -21.36 -54.21 51.07
CA ARG D 81 -22.23 -53.16 51.60
C ARG D 81 -21.61 -52.46 52.80
N SER D 82 -20.87 -53.19 53.63
CA SER D 82 -20.24 -52.58 54.80
C SER D 82 -18.99 -51.80 54.41
N ALA D 83 -18.17 -52.35 53.51
CA ALA D 83 -17.03 -51.61 53.01
C ALA D 83 -17.46 -50.35 52.28
N LEU D 84 -18.61 -50.40 51.60
CA LEU D 84 -19.14 -49.20 50.94
C LEU D 84 -19.67 -48.20 51.96
N ALA D 85 -20.33 -48.70 53.02
CA ALA D 85 -20.92 -47.80 54.00
C ALA D 85 -19.84 -47.17 54.88
N LYS D 86 -18.81 -47.92 55.23
CA LYS D 86 -17.75 -47.36 56.07
C LYS D 86 -16.87 -46.40 55.28
N THR D 87 -16.59 -46.72 54.01
CA THR D 87 -15.78 -45.82 53.18
C THR D 87 -16.47 -44.49 52.98
N PHE D 88 -17.81 -44.50 52.84
CA PHE D 88 -18.58 -43.30 52.58
C PHE D 88 -19.38 -42.86 53.80
N GLN D 89 -18.89 -43.16 55.01
CA GLN D 89 -19.60 -42.77 56.22
C GLN D 89 -19.52 -41.28 56.49
N ASP D 90 -18.50 -40.59 55.95
CA ASP D 90 -18.37 -39.15 56.16
C ASP D 90 -19.35 -38.35 55.32
N GLU D 91 -19.84 -38.89 54.21
CA GLU D 91 -20.76 -38.19 53.33
C GLU D 91 -22.16 -38.78 53.34
N GLN D 92 -22.41 -39.79 54.17
CA GLN D 92 -23.74 -40.40 54.33
C GLN D 92 -24.29 -40.90 53.00
N ARG D 93 -23.56 -41.84 52.39
CA ARG D 93 -23.93 -42.43 51.12
C ARG D 93 -23.72 -43.94 51.18
N PHE D 94 -24.65 -44.68 50.58
CA PHE D 94 -24.64 -46.15 50.59
C PHE D 94 -24.61 -46.68 52.02
N GLN D 95 -25.30 -45.98 52.92
CA GLN D 95 -25.31 -46.35 54.33
C GLN D 95 -26.03 -47.67 54.55
N LEU D 96 -25.72 -48.32 55.67
CA LEU D 96 -26.27 -49.63 55.99
C LEU D 96 -27.77 -49.50 56.28
N GLY D 97 -28.60 -50.08 55.41
CA GLY D 97 -30.04 -50.10 55.57
C GLY D 97 -30.77 -49.15 54.64
N ILE D 98 -30.15 -48.02 54.28
CA ILE D 98 -30.82 -47.03 53.47
C ILE D 98 -30.84 -47.46 52.00
N MET D 99 -31.78 -46.89 51.25
CA MET D 99 -31.90 -47.09 49.82
C MET D 99 -31.08 -46.04 49.07
N ASP D 100 -30.34 -46.47 48.05
CA ASP D 100 -29.44 -45.55 47.35
C ASP D 100 -29.52 -45.77 45.84
N ASP D 101 -28.72 -44.98 45.11
CA ASP D 101 -28.71 -44.98 43.65
C ASP D 101 -27.73 -46.03 43.14
N ALA D 102 -28.10 -46.68 42.04
CA ALA D 102 -27.27 -47.74 41.47
C ALA D 102 -26.18 -47.19 40.54
N ALA D 103 -26.53 -46.23 39.69
CA ALA D 103 -25.52 -45.60 38.84
C ALA D 103 -24.47 -44.90 39.70
N GLU D 104 -24.91 -44.21 40.75
CA GLU D 104 -23.97 -43.65 41.73
C GLU D 104 -23.08 -44.74 42.30
N CYS D 105 -23.67 -45.88 42.67
CA CYS D 105 -22.88 -46.99 43.19
C CYS D 105 -21.91 -47.52 42.13
N PHE D 106 -22.42 -47.73 40.90
CA PHE D 106 -21.55 -48.21 39.82
C PHE D 106 -20.41 -47.24 39.56
N GLU D 107 -20.67 -45.95 39.68
CA GLU D 107 -19.64 -44.94 39.39
C GLU D 107 -18.61 -44.85 40.51
N ASN D 108 -19.06 -44.81 41.76
CA ASN D 108 -18.12 -44.70 42.86
C ASN D 108 -17.31 -45.98 43.04
N LEU D 109 -17.87 -47.13 42.65
CA LEU D 109 -17.11 -48.37 42.67
C LEU D 109 -15.91 -48.29 41.73
N LEU D 110 -16.11 -47.77 40.52
CA LEU D 110 -15.01 -47.60 39.58
C LEU D 110 -13.97 -46.63 40.12
N MET D 111 -14.43 -45.54 40.75
CA MET D 111 -13.51 -44.59 41.37
C MET D 111 -12.72 -45.26 42.50
N ARG D 112 -13.42 -45.97 43.39
CA ARG D 112 -12.75 -46.62 44.51
C ARG D 112 -11.74 -47.67 44.04
N ILE D 113 -12.00 -48.30 42.89
CA ILE D 113 -11.03 -49.24 42.33
C ILE D 113 -9.74 -48.53 41.97
N HIS D 114 -9.85 -47.44 41.20
CA HIS D 114 -8.67 -46.67 40.82
C HIS D 114 -7.87 -46.23 42.03
N PHE D 115 -8.56 -45.71 43.05
CA PHE D 115 -7.91 -45.32 44.30
C PHE D 115 -7.11 -46.47 44.93
N HIS D 116 -7.41 -47.71 44.55
CA HIS D 116 -6.74 -48.89 45.10
C HIS D 116 -5.67 -49.45 44.16
N ILE D 117 -5.60 -49.00 42.91
CA ILE D 117 -4.66 -49.53 41.92
C ILE D 117 -3.76 -48.42 41.37
N ALA D 118 -3.59 -47.32 42.09
CA ALA D 118 -2.82 -46.19 41.60
C ALA D 118 -1.77 -45.77 42.62
N ASP D 119 -0.67 -45.23 42.12
CA ASP D 119 0.43 -44.75 42.96
C ASP D 119 0.28 -43.30 43.37
N GLU D 120 -0.95 -42.76 43.30
CA GLU D 120 -1.27 -41.40 43.75
C GLU D 120 -0.31 -40.38 43.12
N THR D 121 -0.32 -40.34 41.79
CA THR D 121 0.45 -39.34 41.07
C THR D 121 0.05 -37.95 41.54
N LYS D 122 1.05 -37.11 41.84
CA LYS D 122 0.77 -35.78 42.36
C LYS D 122 -0.09 -34.97 41.40
N GLU D 123 0.25 -35.00 40.11
CA GLU D 123 -0.56 -34.34 39.08
C GLU D 123 -1.92 -35.00 38.89
N ASP D 124 -2.22 -36.07 39.61
CA ASP D 124 -3.48 -36.81 39.60
C ASP D 124 -3.71 -37.55 38.30
N ILE D 125 -2.80 -37.47 37.33
CA ILE D 125 -2.92 -38.31 36.14
C ILE D 125 -2.89 -39.77 36.58
N CYS D 126 -3.49 -40.63 35.76
CA CYS D 126 -3.45 -42.07 35.99
C CYS D 126 -2.82 -42.74 34.77
N THR D 127 -1.67 -43.37 34.98
CA THR D 127 -0.96 -44.06 33.92
C THR D 127 -0.90 -45.56 34.12
N ALA D 128 -1.44 -46.08 35.22
CA ALA D 128 -1.30 -47.49 35.56
C ALA D 128 -1.87 -48.37 34.46
N GLN D 129 -1.03 -49.26 33.91
CA GLN D 129 -1.45 -50.14 32.85
C GLN D 129 -2.49 -51.16 33.32
N HIS D 130 -2.64 -51.34 34.64
CA HIS D 130 -3.56 -52.32 35.19
C HIS D 130 -4.85 -51.70 35.71
N CYS D 131 -4.95 -50.38 35.75
CA CYS D 131 -6.15 -49.70 36.22
C CYS D 131 -7.29 -49.93 35.23
N ILE D 132 -8.22 -50.81 35.59
CA ILE D 132 -9.36 -51.09 34.71
C ILE D 132 -10.21 -49.83 34.53
N SER D 133 -10.41 -49.07 35.61
CA SER D 133 -11.34 -47.95 35.56
C SER D 133 -10.92 -46.89 34.55
N HIS D 134 -9.62 -46.69 34.36
CA HIS D 134 -9.13 -45.68 33.42
C HIS D 134 -8.69 -46.25 32.09
N GLN D 135 -8.11 -47.45 32.07
CA GLN D 135 -7.61 -48.01 30.82
C GLN D 135 -8.74 -48.52 29.93
N LYS D 136 -9.87 -48.90 30.49
CA LYS D 136 -10.92 -49.57 29.73
C LYS D 136 -12.26 -48.86 29.75
N PHE D 137 -12.62 -48.17 30.83
CA PHE D 137 -13.95 -47.58 30.97
C PHE D 137 -13.98 -46.07 30.77
N ALA D 138 -12.90 -45.37 31.11
CA ALA D 138 -12.95 -43.91 31.24
C ALA D 138 -13.00 -43.22 29.88
N MET D 139 -13.71 -42.10 29.85
CA MET D 139 -13.81 -41.23 28.68
C MET D 139 -13.03 -39.95 28.97
N THR D 140 -11.89 -39.78 28.29
CA THR D 140 -11.10 -38.56 28.38
C THR D 140 -11.45 -37.69 27.19
N LEU D 141 -12.08 -36.55 27.44
CA LEU D 141 -12.51 -35.65 26.38
C LEU D 141 -12.26 -34.21 26.83
N PHE D 142 -12.64 -33.27 25.96
CA PHE D 142 -12.69 -31.87 26.38
C PHE D 142 -13.89 -31.19 25.71
N GLU D 143 -14.38 -30.16 26.37
CA GLU D 143 -15.45 -29.32 25.85
C GLU D 143 -14.89 -28.00 25.36
N GLN D 144 -15.47 -27.47 24.30
CA GLN D 144 -14.98 -26.23 23.73
C GLN D 144 -16.04 -25.62 22.81
N CYS D 145 -16.18 -24.31 22.87
CA CYS D 145 -17.06 -23.55 21.99
C CYS D 145 -16.23 -22.98 20.84
N VAL D 146 -16.56 -23.39 19.63
CA VAL D 146 -15.83 -22.97 18.43
C VAL D 146 -16.82 -22.27 17.50
N CYS D 147 -16.57 -20.99 17.24
CA CYS D 147 -17.37 -20.24 16.29
C CYS D 147 -16.75 -20.36 14.90
N THR D 148 -17.48 -20.96 13.97
CA THR D 148 -16.97 -21.19 12.63
C THR D 148 -17.12 -19.97 11.73
N SER D 149 -17.82 -18.92 12.18
CA SER D 149 -18.04 -17.73 11.36
C SER D 149 -16.95 -16.68 11.56
N CYS D 150 -16.53 -16.46 12.81
CA CYS D 150 -15.53 -15.46 13.11
C CYS D 150 -14.22 -16.03 13.62
N GLY D 151 -14.15 -17.35 13.84
CA GLY D 151 -12.95 -17.99 14.28
C GLY D 151 -12.82 -18.17 15.78
N ALA D 152 -13.48 -17.31 16.57
CA ALA D 152 -13.32 -17.29 18.02
C ALA D 152 -13.47 -18.67 18.66
N THR D 153 -12.93 -18.82 19.87
CA THR D 153 -12.87 -20.13 20.50
C THR D 153 -12.74 -19.98 22.00
N SER D 154 -13.61 -20.66 22.75
CA SER D 154 -13.56 -20.62 24.21
C SER D 154 -12.39 -21.44 24.73
N ASP D 155 -12.07 -21.22 26.00
CA ASP D 155 -10.99 -21.97 26.64
C ASP D 155 -11.40 -23.43 26.77
N PRO D 156 -10.59 -24.38 26.30
CA PRO D 156 -11.01 -25.79 26.32
C PRO D 156 -11.04 -26.33 27.75
N LEU D 157 -12.14 -27.03 28.08
CA LEU D 157 -12.31 -27.65 29.37
C LEU D 157 -12.13 -29.16 29.23
N PRO D 158 -11.00 -29.72 29.66
CA PRO D 158 -10.82 -31.16 29.62
C PRO D 158 -11.19 -31.82 30.94
N PHE D 159 -11.66 -33.05 30.84
CA PHE D 159 -11.99 -33.83 32.04
C PHE D 159 -12.17 -35.30 31.66
N ILE D 160 -12.26 -36.13 32.69
CA ILE D 160 -12.49 -37.56 32.55
C ILE D 160 -13.84 -37.87 33.17
N GLN D 161 -14.68 -38.60 32.44
CA GLN D 161 -15.95 -39.07 32.95
C GLN D 161 -16.00 -40.59 32.83
N MET D 162 -16.67 -41.22 33.79
CA MET D 162 -16.82 -42.67 33.74
C MET D 162 -18.12 -43.10 33.07
N VAL D 163 -19.12 -42.24 33.04
CA VAL D 163 -20.40 -42.52 32.41
C VAL D 163 -20.82 -41.27 31.65
N HIS D 164 -21.36 -41.46 30.44
CA HIS D 164 -21.87 -40.36 29.64
C HIS D 164 -23.38 -40.27 29.85
N TYR D 165 -23.83 -39.13 30.38
CA TYR D 165 -25.24 -38.95 30.74
C TYR D 165 -25.97 -38.21 29.64
N ILE D 166 -27.13 -38.74 29.26
CA ILE D 166 -27.96 -38.18 28.20
C ILE D 166 -29.40 -38.13 28.69
N SER D 167 -30.10 -37.04 28.36
CA SER D 167 -31.46 -36.85 28.85
C SER D 167 -32.44 -37.73 28.10
N THR D 168 -33.45 -38.24 28.83
CA THR D 168 -34.45 -39.09 28.20
C THR D 168 -35.38 -38.28 27.29
N THR D 169 -35.80 -37.09 27.74
CA THR D 169 -36.62 -36.21 26.91
C THR D 169 -35.92 -35.86 25.61
N SER D 170 -34.61 -36.03 25.55
CA SER D 170 -33.83 -35.76 24.34
C SER D 170 -33.61 -36.98 23.47
N LEU D 171 -33.38 -38.16 24.08
CA LEU D 171 -33.26 -39.38 23.30
C LEU D 171 -34.54 -39.66 22.51
N CYS D 172 -35.69 -39.52 23.18
CA CYS D 172 -36.96 -39.78 22.51
C CYS D 172 -37.23 -38.76 21.42
N ASN D 173 -37.07 -37.47 21.72
CA ASN D 173 -37.38 -36.43 20.75
C ASN D 173 -36.54 -36.59 19.50
N GLN D 174 -35.24 -36.85 19.66
CA GLN D 174 -34.37 -37.07 18.51
C GLN D 174 -34.77 -38.33 17.75
N ALA D 175 -35.30 -39.33 18.44
CA ALA D 175 -35.78 -40.54 17.75
C ALA D 175 -36.96 -40.21 16.84
N ILE D 176 -37.94 -39.47 17.37
CA ILE D 176 -39.04 -38.96 16.53
C ILE D 176 -38.49 -38.27 15.29
N CYS D 177 -37.45 -37.46 15.47
CA CYS D 177 -36.78 -36.79 14.36
C CYS D 177 -35.85 -37.77 13.63
N SER D 188 -29.39 -49.06 13.86
CA SER D 188 -28.46 -49.03 12.75
C SER D 188 -27.31 -48.06 13.02
N MET D 189 -27.65 -46.80 13.33
CA MET D 189 -26.68 -45.77 13.63
C MET D 189 -27.20 -44.90 14.77
N PHE D 190 -27.41 -45.52 15.94
CA PHE D 190 -27.89 -44.78 17.09
C PHE D 190 -26.77 -44.09 17.86
N GLY D 191 -25.52 -44.19 17.39
CA GLY D 191 -24.47 -43.36 17.93
C GLY D 191 -24.67 -41.90 17.59
N GLU D 192 -25.10 -41.63 16.34
CA GLU D 192 -25.49 -40.27 15.97
C GLU D 192 -26.70 -39.81 16.77
N LEU D 193 -27.64 -40.73 17.02
CA LEU D 193 -28.80 -40.42 17.84
C LEU D 193 -28.38 -39.98 19.23
N LEU D 194 -27.43 -40.68 19.84
CA LEU D 194 -26.94 -40.30 21.16
C LEU D 194 -26.20 -38.96 21.11
N GLN D 195 -25.37 -38.77 20.09
CA GLN D 195 -24.66 -37.50 19.94
C GLN D 195 -25.64 -36.35 19.68
N ASN D 196 -26.57 -36.56 18.75
CA ASN D 196 -27.58 -35.53 18.49
C ASN D 196 -28.44 -35.25 19.71
N ALA D 197 -28.71 -36.28 20.51
CA ALA D 197 -29.53 -36.09 21.71
C ALA D 197 -28.76 -35.35 22.79
N SER D 198 -27.50 -35.73 23.02
CA SER D 198 -26.72 -35.17 24.11
C SER D 198 -26.41 -33.69 23.91
N THR D 199 -26.51 -33.18 22.68
CA THR D 199 -26.15 -31.80 22.36
C THR D 199 -27.37 -30.92 22.15
N MET D 200 -28.55 -31.34 22.65
CA MET D 200 -29.79 -30.65 22.31
C MET D 200 -29.84 -29.26 22.95
N GLY D 201 -29.61 -29.17 24.25
CA GLY D 201 -29.71 -27.88 24.92
C GLY D 201 -28.38 -27.20 25.14
N ASP D 202 -27.44 -27.40 24.21
CA ASP D 202 -26.08 -26.93 24.37
C ASP D 202 -25.77 -25.71 23.49
N LEU D 203 -26.78 -24.94 23.14
CA LEU D 203 -26.57 -23.74 22.33
C LEU D 203 -26.03 -22.62 23.21
N ARG D 204 -24.92 -22.03 22.78
CA ARG D 204 -24.29 -20.93 23.50
C ARG D 204 -23.97 -19.80 22.53
N ASN D 205 -23.84 -18.59 23.07
CA ASN D 205 -23.37 -17.47 22.28
C ASN D 205 -21.92 -17.67 21.89
N CYS D 206 -21.52 -17.04 20.80
CA CYS D 206 -20.13 -17.09 20.38
C CYS D 206 -19.23 -16.54 21.47
N PRO D 207 -18.06 -17.14 21.71
CA PRO D 207 -17.19 -16.66 22.79
C PRO D 207 -16.83 -15.18 22.67
N SER D 208 -16.79 -14.63 21.46
CA SER D 208 -16.47 -13.23 21.24
C SER D 208 -17.70 -12.39 20.91
N ASN D 209 -18.90 -12.96 21.05
CA ASN D 209 -20.17 -12.24 20.87
C ASN D 209 -20.24 -11.56 19.51
N CYS D 210 -19.80 -12.26 18.47
CA CYS D 210 -19.92 -11.75 17.10
C CYS D 210 -21.35 -11.72 16.61
N GLY D 211 -22.30 -12.27 17.37
CA GLY D 211 -23.68 -12.38 16.97
C GLY D 211 -24.12 -13.80 16.72
N GLU D 212 -23.19 -14.68 16.37
CA GLU D 212 -23.52 -16.07 16.07
C GLU D 212 -23.69 -16.87 17.36
N ARG D 213 -24.47 -17.94 17.26
CA ARG D 213 -24.67 -18.89 18.35
C ARG D 213 -24.20 -20.26 17.88
N ILE D 214 -23.44 -20.96 18.72
CA ILE D 214 -22.84 -22.24 18.37
C ILE D 214 -23.26 -23.28 19.40
N ARG D 215 -22.89 -24.53 19.12
CA ARG D 215 -23.14 -25.64 20.04
C ARG D 215 -21.83 -26.08 20.66
N ILE D 216 -21.88 -26.46 21.94
CA ILE D 216 -20.70 -26.96 22.64
C ILE D 216 -20.24 -28.25 21.99
N ARG D 217 -18.94 -28.36 21.75
CA ARG D 217 -18.33 -29.54 21.13
C ARG D 217 -17.57 -30.32 22.18
N ARG D 218 -17.68 -31.65 22.11
CA ARG D 218 -16.91 -32.57 22.94
C ARG D 218 -16.19 -33.53 22.02
N VAL D 219 -14.90 -33.74 22.25
CA VAL D 219 -14.10 -34.64 21.44
C VAL D 219 -13.34 -35.60 22.35
N LEU D 220 -13.51 -36.89 22.10
CA LEU D 220 -12.88 -37.92 22.90
C LEU D 220 -11.42 -38.11 22.48
N MET D 221 -10.54 -38.32 23.46
CA MET D 221 -9.11 -38.37 23.19
C MET D 221 -8.48 -39.75 23.39
N ASN D 222 -9.11 -40.65 24.14
CA ASN D 222 -8.60 -42.00 24.27
C ASN D 222 -9.56 -42.98 23.59
N ALA D 223 -9.36 -44.28 23.87
CA ALA D 223 -10.11 -45.35 23.22
C ALA D 223 -10.62 -46.32 24.27
N PRO D 224 -11.71 -45.99 24.96
CA PRO D 224 -12.28 -46.92 25.93
C PRO D 224 -12.94 -48.09 25.22
N GLN D 225 -12.70 -49.30 25.75
CA GLN D 225 -13.28 -50.50 25.18
C GLN D 225 -14.63 -50.86 25.80
N ILE D 226 -15.05 -50.15 26.83
CA ILE D 226 -16.38 -50.30 27.40
C ILE D 226 -16.97 -48.90 27.56
N ILE D 227 -18.04 -48.63 26.81
CA ILE D 227 -18.74 -47.35 26.87
C ILE D 227 -20.01 -47.57 27.67
N THR D 228 -20.15 -46.85 28.77
CA THR D 228 -21.31 -46.95 29.64
C THR D 228 -22.11 -45.67 29.55
N ILE D 229 -23.39 -45.78 29.22
CA ILE D 229 -24.25 -44.62 28.96
C ILE D 229 -25.25 -44.49 30.10
N GLY D 230 -25.43 -43.27 30.59
CA GLY D 230 -26.40 -42.97 31.63
C GLY D 230 -27.58 -42.23 31.03
N LEU D 231 -28.79 -42.60 31.47
CA LEU D 231 -30.02 -42.00 30.98
C LEU D 231 -30.62 -41.13 32.08
N VAL D 232 -30.62 -39.83 31.87
CA VAL D 232 -31.18 -38.90 32.85
C VAL D 232 -32.69 -38.95 32.75
N TRP D 233 -33.35 -39.16 33.88
CA TRP D 233 -34.79 -39.36 33.93
C TRP D 233 -35.48 -38.12 34.49
N ASP D 234 -36.76 -37.98 34.15
CA ASP D 234 -37.57 -36.86 34.58
C ASP D 234 -38.29 -37.11 35.89
N SER D 235 -38.56 -38.36 36.24
CA SER D 235 -39.26 -38.71 37.46
C SER D 235 -39.11 -40.21 37.69
N ASP D 236 -39.44 -40.64 38.90
CA ASP D 236 -39.48 -42.07 39.20
C ASP D 236 -40.63 -42.78 38.51
N HIS D 237 -41.60 -42.03 37.97
CA HIS D 237 -42.76 -42.59 37.27
C HIS D 237 -42.82 -41.96 35.88
N SER D 238 -41.83 -42.28 35.05
CA SER D 238 -41.74 -41.69 33.72
C SER D 238 -42.70 -42.36 32.75
N ASP D 239 -43.35 -41.52 31.93
CA ASP D 239 -44.17 -42.01 30.82
C ASP D 239 -43.39 -42.12 29.53
N LEU D 240 -42.10 -41.77 29.55
CA LEU D 240 -41.22 -41.95 28.41
C LEU D 240 -40.50 -43.29 28.42
N ALA D 241 -40.70 -44.08 29.49
CA ALA D 241 -40.05 -45.37 29.62
C ALA D 241 -40.21 -46.22 28.35
N GLU D 242 -41.45 -46.44 27.94
CA GLU D 242 -41.71 -47.29 26.77
C GLU D 242 -40.98 -46.77 25.53
N ASP D 243 -41.03 -45.46 25.30
CA ASP D 243 -40.37 -44.91 24.13
C ASP D 243 -38.85 -44.97 24.24
N VAL D 244 -38.31 -44.89 25.44
CA VAL D 244 -36.85 -44.95 25.61
C VAL D 244 -36.32 -46.31 25.19
N ILE D 245 -36.97 -47.38 25.65
CA ILE D 245 -36.54 -48.72 25.28
C ILE D 245 -36.66 -48.94 23.77
N HIS D 246 -37.62 -48.26 23.13
CA HIS D 246 -37.83 -48.40 21.70
C HIS D 246 -36.79 -47.65 20.88
N SER D 247 -36.05 -46.72 21.48
CA SER D 247 -35.03 -45.96 20.78
C SER D 247 -33.63 -46.51 21.00
N LEU D 248 -33.47 -47.50 21.87
CA LEU D 248 -32.15 -48.04 22.16
C LEU D 248 -31.64 -48.90 21.00
N GLY D 249 -30.35 -48.78 20.71
CA GLY D 249 -29.71 -49.58 19.68
C GLY D 249 -28.74 -50.55 20.32
N THR D 250 -28.55 -51.70 19.67
CA THR D 250 -27.64 -52.70 20.20
C THR D 250 -26.19 -52.44 19.81
N CYS D 251 -25.95 -51.86 18.63
CA CYS D 251 -24.60 -51.64 18.11
C CYS D 251 -24.27 -50.15 18.13
N LEU D 252 -23.17 -49.80 18.79
CA LEU D 252 -22.78 -48.41 19.01
C LEU D 252 -21.43 -48.13 18.36
N LYS D 253 -21.42 -47.23 17.39
CA LYS D 253 -20.19 -46.84 16.70
C LYS D 253 -19.54 -45.68 17.46
N LEU D 254 -18.39 -45.93 18.08
CA LEU D 254 -17.76 -44.93 18.93
C LEU D 254 -17.37 -43.68 18.14
N GLY D 255 -17.10 -43.82 16.85
CA GLY D 255 -16.71 -42.68 16.03
C GLY D 255 -17.78 -41.61 15.88
N ASP D 256 -19.03 -41.91 16.26
CA ASP D 256 -20.12 -40.97 16.13
C ASP D 256 -20.72 -40.54 17.45
N LEU D 257 -20.25 -41.08 18.58
CA LEU D 257 -20.81 -40.71 19.88
C LEU D 257 -20.48 -39.26 20.25
N PHE D 258 -19.39 -38.72 19.70
CA PHE D 258 -18.96 -37.38 20.03
C PHE D 258 -18.72 -36.59 18.74
N PHE D 259 -18.61 -35.26 18.88
CA PHE D 259 -18.36 -34.40 17.73
C PHE D 259 -17.13 -34.87 16.97
N ARG D 260 -16.06 -35.22 17.70
CA ARG D 260 -14.87 -35.74 17.07
C ARG D 260 -14.25 -36.80 17.97
N VAL D 261 -13.53 -37.73 17.36
CA VAL D 261 -12.83 -38.78 18.08
C VAL D 261 -11.40 -38.81 17.55
N THR D 262 -10.44 -38.48 18.41
CA THR D 262 -9.02 -38.36 17.97
C THR D 262 -8.38 -39.74 17.76
N ASP D 263 -8.56 -40.67 18.70
CA ASP D 263 -7.88 -42.00 18.60
C ASP D 263 -8.48 -42.78 17.43
N ASP D 264 -7.62 -43.32 16.57
CA ASP D 264 -8.11 -44.05 15.36
C ASP D 264 -8.82 -45.32 15.80
N ARG D 265 -8.32 -45.98 16.84
CA ARG D 265 -8.93 -47.25 17.31
C ARG D 265 -10.40 -46.98 17.61
N ALA D 266 -10.68 -45.86 18.26
CA ALA D 266 -12.09 -45.49 18.59
C ALA D 266 -12.82 -45.13 17.31
N LYS D 267 -12.12 -44.48 16.36
CA LYS D 267 -12.78 -44.03 15.12
C LYS D 267 -13.45 -45.22 14.44
N GLN D 268 -12.79 -46.39 14.47
CA GLN D 268 -13.34 -47.58 13.79
C GLN D 268 -13.91 -48.55 14.82
N SER D 269 -14.24 -48.07 16.01
CA SER D 269 -14.70 -48.98 17.09
C SER D 269 -16.22 -49.09 17.12
N GLU D 270 -16.74 -50.31 17.09
CA GLU D 270 -18.17 -50.55 17.20
C GLU D 270 -18.42 -51.36 18.47
N LEU D 271 -19.35 -50.90 19.30
CA LEU D 271 -19.61 -51.51 20.60
C LEU D 271 -21.04 -52.02 20.66
N TYR D 272 -21.22 -53.19 21.27
CA TYR D 272 -22.51 -53.86 21.34
C TYR D 272 -23.09 -53.74 22.74
N LEU D 273 -24.41 -53.55 22.82
CA LEU D 273 -25.11 -53.49 24.09
C LEU D 273 -25.01 -54.82 24.82
N VAL D 274 -24.31 -54.83 25.95
CA VAL D 274 -23.94 -56.06 26.64
C VAL D 274 -24.67 -56.20 27.97
N GLY D 275 -24.89 -55.10 28.68
CA GLY D 275 -25.62 -55.13 29.93
C GLY D 275 -26.37 -53.84 30.15
N MET D 276 -27.25 -53.85 31.15
CA MET D 276 -28.06 -52.68 31.45
C MET D 276 -28.71 -52.83 32.82
N ILE D 277 -28.70 -51.73 33.59
CA ILE D 277 -29.35 -51.65 34.90
C ILE D 277 -30.68 -50.92 34.73
N CYS D 278 -31.74 -51.47 35.32
CA CYS D 278 -33.07 -50.90 35.22
C CYS D 278 -33.64 -50.58 36.59
N TYR D 279 -34.41 -49.50 36.67
CA TYR D 279 -35.07 -49.05 37.88
C TYR D 279 -36.58 -49.22 37.74
N TYR D 280 -37.24 -49.57 38.84
CA TYR D 280 -38.70 -49.69 38.84
C TYR D 280 -39.18 -49.64 40.28
N GLY D 281 -39.90 -48.58 40.65
CA GLY D 281 -40.51 -48.46 41.96
C GLY D 281 -39.58 -48.72 43.13
N LYS D 282 -38.56 -47.88 43.27
CA LYS D 282 -37.61 -47.99 44.38
C LYS D 282 -36.97 -49.37 44.44
N HIS D 283 -36.66 -49.93 43.27
CA HIS D 283 -36.00 -51.23 43.19
C HIS D 283 -35.16 -51.28 41.92
N TYR D 284 -34.22 -52.23 41.89
CA TYR D 284 -33.23 -52.31 40.83
C TYR D 284 -33.09 -53.73 40.31
N SER D 285 -32.81 -53.84 39.02
CA SER D 285 -32.60 -55.13 38.35
C SER D 285 -31.44 -54.99 37.38
N THR D 286 -31.09 -56.08 36.70
CA THR D 286 -29.99 -56.08 35.75
C THR D 286 -30.25 -57.08 34.65
N PHE D 287 -30.16 -56.61 33.40
CA PHE D 287 -30.18 -57.47 32.22
C PHE D 287 -28.77 -57.55 31.67
N PHE D 288 -28.38 -58.74 31.20
CA PHE D 288 -27.02 -58.94 30.73
C PHE D 288 -26.99 -60.05 29.69
N PHE D 289 -26.06 -59.94 28.74
CA PHE D 289 -25.89 -60.92 27.68
C PHE D 289 -24.76 -61.87 28.09
N GLN D 290 -25.13 -63.06 28.56
CA GLN D 290 -24.16 -64.11 28.82
C GLN D 290 -23.75 -64.71 27.48
N THR D 291 -22.55 -64.35 27.01
CA THR D 291 -22.09 -64.81 25.71
C THR D 291 -21.84 -66.31 25.68
N LYS D 292 -21.64 -66.95 26.84
CA LYS D 292 -21.46 -68.40 26.88
C LYS D 292 -22.73 -69.16 26.56
N ILE D 293 -23.88 -68.48 26.50
CA ILE D 293 -25.14 -69.10 26.12
C ILE D 293 -25.86 -68.35 25.02
N ARG D 294 -25.30 -67.24 24.54
CA ARG D 294 -25.89 -66.44 23.46
C ARG D 294 -27.30 -65.96 23.81
N LYS D 295 -27.60 -65.82 25.09
CA LYS D 295 -28.92 -65.44 25.56
C LYS D 295 -28.83 -64.35 26.62
N TRP D 296 -29.74 -63.39 26.55
CA TRP D 296 -29.82 -62.34 27.57
C TRP D 296 -30.37 -62.91 28.87
N MET D 297 -29.82 -62.46 29.99
CA MET D 297 -30.21 -62.94 31.30
C MET D 297 -30.75 -61.79 32.15
N TYR D 298 -31.38 -62.16 33.27
CA TYR D 298 -32.03 -61.20 34.15
C TYR D 298 -31.73 -61.55 35.59
N PHE D 299 -31.46 -60.52 36.40
CA PHE D 299 -31.05 -60.71 37.79
C PHE D 299 -31.78 -59.66 38.64
N ASP D 300 -32.83 -60.09 39.33
CA ASP D 300 -33.53 -59.25 40.31
C ASP D 300 -33.11 -59.75 41.69
N ASP D 301 -32.04 -59.14 42.22
CA ASP D 301 -31.46 -59.57 43.49
C ASP D 301 -31.17 -61.06 43.46
N ALA D 302 -32.07 -61.86 44.03
CA ALA D 302 -31.88 -63.30 44.15
C ALA D 302 -32.61 -64.10 43.07
N HIS D 303 -33.52 -63.46 42.33
CA HIS D 303 -34.33 -64.16 41.35
C HIS D 303 -33.66 -64.05 39.97
N VAL D 304 -33.19 -65.18 39.45
CA VAL D 304 -32.58 -65.26 38.13
C VAL D 304 -33.60 -65.85 37.17
N LYS D 305 -33.53 -65.43 35.91
CA LYS D 305 -34.42 -65.94 34.88
C LYS D 305 -33.80 -65.70 33.51
N GLU D 306 -34.08 -66.61 32.58
CA GLU D 306 -33.61 -66.47 31.21
C GLU D 306 -34.63 -65.71 30.38
N ILE D 307 -34.14 -64.86 29.49
CA ILE D 307 -34.98 -63.99 28.67
C ILE D 307 -35.07 -64.48 27.23
N GLY D 308 -33.95 -64.88 26.65
CA GLY D 308 -33.93 -65.39 25.29
C GLY D 308 -32.74 -64.88 24.50
N PRO D 309 -32.68 -65.24 23.22
CA PRO D 309 -31.54 -64.79 22.39
C PRO D 309 -31.80 -63.44 21.74
N LYS D 310 -33.05 -63.20 21.38
CA LYS D 310 -33.44 -61.97 20.71
C LYS D 310 -33.53 -60.82 21.72
N TRP D 311 -32.94 -59.67 21.36
CA TRP D 311 -33.06 -58.48 22.19
C TRP D 311 -34.50 -58.01 22.28
N LYS D 312 -35.35 -58.41 21.34
CA LYS D 312 -36.75 -58.02 21.37
C LYS D 312 -37.44 -58.47 22.65
N ASP D 313 -36.99 -59.56 23.26
CA ASP D 313 -37.60 -60.04 24.49
C ASP D 313 -37.25 -59.13 25.67
N VAL D 314 -36.00 -58.65 25.73
CA VAL D 314 -35.63 -57.69 26.76
C VAL D 314 -36.52 -56.47 26.68
N VAL D 315 -36.88 -56.04 25.46
CA VAL D 315 -37.80 -54.93 25.30
C VAL D 315 -39.15 -55.28 25.88
N THR D 316 -39.69 -56.46 25.52
CA THR D 316 -41.02 -56.83 26.01
C THR D 316 -41.04 -57.00 27.53
N LYS D 317 -39.99 -57.58 28.09
CA LYS D 317 -39.94 -57.67 29.55
C LYS D 317 -39.92 -56.28 30.18
N CYS D 318 -39.25 -55.33 29.53
CA CYS D 318 -39.09 -53.99 30.10
C CYS D 318 -40.37 -53.17 29.99
N ILE D 319 -40.99 -53.14 28.81
CA ILE D 319 -42.19 -52.32 28.67
C ILE D 319 -43.38 -52.92 29.41
N LYS D 320 -43.31 -54.19 29.80
CA LYS D 320 -44.39 -54.83 30.54
C LYS D 320 -44.29 -54.57 32.03
N GLY D 321 -43.10 -54.24 32.54
CA GLY D 321 -42.91 -53.88 33.92
C GLY D 321 -42.63 -52.42 34.17
N HIS D 322 -42.77 -51.55 33.15
CA HIS D 322 -42.52 -50.11 33.29
C HIS D 322 -41.11 -49.85 33.79
N TYR D 323 -40.15 -50.59 33.26
CA TYR D 323 -38.76 -50.45 33.68
C TYR D 323 -38.17 -49.14 33.12
N GLN D 324 -37.20 -48.60 33.85
CA GLN D 324 -36.49 -47.39 33.43
C GLN D 324 -35.00 -47.67 33.44
N PRO D 325 -34.41 -47.93 32.27
CA PRO D 325 -32.96 -48.20 32.23
C PRO D 325 -32.17 -46.99 32.72
N LEU D 326 -31.32 -47.22 33.71
CA LEU D 326 -30.48 -46.16 34.24
C LEU D 326 -29.07 -46.18 33.67
N LEU D 327 -28.48 -47.36 33.51
CA LEU D 327 -27.15 -47.51 32.95
C LEU D 327 -27.20 -48.51 31.80
N LEU D 328 -26.66 -48.11 30.65
CA LEU D 328 -26.47 -48.99 29.51
C LEU D 328 -24.98 -49.20 29.31
N LEU D 329 -24.59 -50.45 29.05
CA LEU D 329 -23.18 -50.81 28.96
C LEU D 329 -22.92 -51.42 27.59
N TYR D 330 -22.01 -50.81 26.85
CA TYR D 330 -21.60 -51.27 25.53
C TYR D 330 -20.14 -51.71 25.61
N ALA D 331 -19.84 -52.87 25.04
CA ALA D 331 -18.50 -53.44 25.09
C ALA D 331 -17.98 -53.65 23.68
N ASP D 332 -16.71 -53.33 23.50
CA ASP D 332 -16.02 -53.67 22.26
C ASP D 332 -15.94 -55.18 22.13
N PRO D 333 -16.54 -55.78 21.10
CA PRO D 333 -16.40 -57.23 20.92
C PRO D 333 -14.95 -57.68 20.88
N GLN D 334 -14.09 -56.95 20.18
CA GLN D 334 -12.67 -57.24 20.13
C GLN D 334 -11.90 -56.51 21.24
N GLY D 335 -12.42 -56.58 22.46
CA GLY D 335 -11.75 -55.97 23.59
C GLY D 335 -10.69 -56.88 24.19
N THR D 336 -9.89 -56.31 25.09
CA THR D 336 -8.85 -57.04 25.81
C THR D 336 -8.79 -56.57 27.26
N PRO D 337 -8.51 -57.48 28.19
CA PRO D 337 -8.26 -57.06 29.59
C PRO D 337 -6.94 -56.30 29.76
N VAL D 338 -6.66 -55.88 31.00
CA VAL D 338 -5.43 -55.14 31.27
C VAL D 338 -4.22 -56.04 31.02
N SER D 339 -3.09 -55.40 30.69
CA SER D 339 -1.88 -56.11 30.29
C SER D 339 -0.74 -55.79 31.25
N THR D 340 0.18 -56.74 31.40
CA THR D 340 1.34 -56.59 32.28
C THR D 340 2.22 -55.42 31.85
N MET E 1 -23.05 -13.20 39.10
CA MET E 1 -22.54 -14.22 38.19
C MET E 1 -23.62 -15.24 37.85
N GLN E 2 -23.79 -15.50 36.56
CA GLN E 2 -24.78 -16.47 36.09
C GLN E 2 -24.12 -17.82 35.85
N ILE E 3 -24.96 -18.85 35.81
CA ILE E 3 -24.51 -20.24 35.68
C ILE E 3 -25.51 -21.00 34.83
N PHE E 4 -25.02 -21.91 34.00
CA PHE E 4 -25.88 -22.77 33.19
C PHE E 4 -26.08 -24.10 33.90
N VAL E 5 -27.32 -24.61 33.86
CA VAL E 5 -27.68 -25.90 34.41
C VAL E 5 -28.48 -26.66 33.36
N LYS E 6 -28.03 -27.86 33.01
CA LYS E 6 -28.73 -28.69 32.05
C LYS E 6 -29.71 -29.58 32.81
N THR E 7 -31.00 -29.26 32.69
CA THR E 7 -32.03 -29.94 33.46
C THR E 7 -32.29 -31.35 32.91
N LEU E 8 -33.15 -32.09 33.60
CA LEU E 8 -33.47 -33.46 33.19
C LEU E 8 -34.16 -33.52 31.84
N THR E 9 -34.80 -32.42 31.42
CA THR E 9 -35.47 -32.32 30.13
C THR E 9 -34.48 -32.12 28.99
N GLY E 10 -33.20 -31.97 29.27
CA GLY E 10 -32.21 -31.65 28.26
C GLY E 10 -32.13 -30.18 27.92
N LYS E 11 -32.93 -29.33 28.56
CA LYS E 11 -32.87 -27.89 28.37
C LYS E 11 -31.95 -27.27 29.42
N THR E 12 -31.61 -26.00 29.19
CA THR E 12 -30.67 -25.29 30.05
C THR E 12 -31.35 -24.10 30.69
N ILE E 13 -31.22 -23.98 32.02
CA ILE E 13 -31.71 -22.83 32.76
C ILE E 13 -30.49 -22.06 33.26
N THR E 14 -30.74 -20.82 33.68
CA THR E 14 -29.69 -19.93 34.16
C THR E 14 -29.92 -19.61 35.62
N LEU E 15 -28.90 -19.84 36.44
CA LEU E 15 -28.95 -19.59 37.88
C LEU E 15 -28.03 -18.44 38.25
N GLU E 16 -28.52 -17.56 39.12
CA GLU E 16 -27.72 -16.45 39.64
C GLU E 16 -27.05 -16.90 40.93
N VAL E 17 -25.72 -17.05 40.89
CA VAL E 17 -24.97 -17.60 42.02
C VAL E 17 -23.71 -16.76 42.25
N GLU E 18 -23.07 -17.04 43.38
CA GLU E 18 -21.77 -16.51 43.78
C GLU E 18 -20.87 -17.69 44.13
N PRO E 19 -19.54 -17.53 44.01
CA PRO E 19 -18.67 -18.70 44.17
C PRO E 19 -18.59 -19.21 45.60
N SER E 20 -18.98 -18.41 46.59
CA SER E 20 -18.99 -18.83 47.99
C SER E 20 -20.24 -19.60 48.36
N ASP E 21 -21.14 -19.84 47.41
CA ASP E 21 -22.37 -20.57 47.68
C ASP E 21 -22.09 -22.06 47.80
N THR E 22 -22.57 -22.67 48.87
CA THR E 22 -22.57 -24.12 48.96
C THR E 22 -23.45 -24.70 47.86
N ILE E 23 -23.25 -25.99 47.58
CA ILE E 23 -24.06 -26.61 46.54
C ILE E 23 -25.44 -27.02 47.06
N GLU E 24 -25.62 -27.07 48.39
CA GLU E 24 -26.97 -27.16 48.94
C GLU E 24 -27.76 -25.89 48.62
N ASN E 25 -27.08 -24.74 48.63
CA ASN E 25 -27.70 -23.50 48.17
C ASN E 25 -28.02 -23.58 46.67
N VAL E 26 -27.05 -24.05 45.87
CA VAL E 26 -27.31 -24.21 44.44
C VAL E 26 -28.43 -25.21 44.21
N LYS E 27 -28.48 -26.27 45.03
CA LYS E 27 -29.55 -27.26 44.91
C LYS E 27 -30.90 -26.64 45.27
N ALA E 28 -30.94 -25.78 46.29
CA ALA E 28 -32.18 -25.13 46.67
C ALA E 28 -32.69 -24.21 45.56
N LYS E 29 -31.79 -23.48 44.91
CA LYS E 29 -32.19 -22.61 43.81
C LYS E 29 -32.66 -23.42 42.61
N ILE E 30 -32.03 -24.57 42.35
CA ILE E 30 -32.52 -25.47 41.31
C ILE E 30 -33.93 -25.92 41.65
N GLN E 31 -34.21 -26.13 42.93
CA GLN E 31 -35.54 -26.60 43.35
C GLN E 31 -36.61 -25.55 43.07
N ASP E 32 -36.27 -24.27 43.22
CA ASP E 32 -37.24 -23.21 42.97
C ASP E 32 -37.53 -23.02 41.48
N LYS E 33 -36.65 -23.51 40.61
CA LYS E 33 -36.82 -23.41 39.18
C LYS E 33 -37.39 -24.69 38.56
N GLU E 34 -36.86 -25.85 38.93
CA GLU E 34 -37.23 -27.12 38.31
C GLU E 34 -38.12 -27.99 39.18
N GLY E 35 -38.28 -27.67 40.47
CA GLY E 35 -39.19 -28.43 41.30
C GLY E 35 -38.73 -29.80 41.71
N ILE E 36 -37.41 -30.04 41.72
CA ILE E 36 -36.85 -31.31 42.16
C ILE E 36 -36.23 -31.10 43.54
N PRO E 37 -36.60 -31.89 44.54
CA PRO E 37 -36.00 -31.73 45.86
C PRO E 37 -34.50 -31.98 45.80
N PRO E 38 -33.72 -31.30 46.64
CA PRO E 38 -32.26 -31.44 46.56
C PRO E 38 -31.76 -32.85 46.80
N ASP E 39 -32.49 -33.66 47.54
CA ASP E 39 -32.05 -35.03 47.82
C ASP E 39 -32.11 -35.92 46.59
N GLN E 40 -32.93 -35.58 45.61
CA GLN E 40 -32.97 -36.28 44.33
C GLN E 40 -32.08 -35.63 43.27
N GLN E 41 -31.29 -34.64 43.66
CA GLN E 41 -30.49 -33.87 42.72
C GLN E 41 -29.04 -34.33 42.76
N ARG E 42 -28.55 -34.84 41.64
CA ARG E 42 -27.14 -35.14 41.43
C ARG E 42 -26.57 -34.09 40.48
N LEU E 43 -25.57 -33.35 40.93
CA LEU E 43 -24.97 -32.27 40.15
C LEU E 43 -23.59 -32.69 39.71
N ILE E 44 -23.37 -32.73 38.40
CA ILE E 44 -22.11 -33.14 37.81
C ILE E 44 -21.48 -31.94 37.12
N PHE E 45 -20.21 -31.69 37.41
CA PHE E 45 -19.43 -30.68 36.72
C PHE E 45 -18.10 -31.28 36.32
N ALA E 46 -17.84 -31.32 35.01
CA ALA E 46 -16.57 -31.79 34.46
C ALA E 46 -16.22 -33.18 34.96
N GLY E 47 -17.20 -34.09 34.91
CA GLY E 47 -17.01 -35.49 35.24
C GLY E 47 -17.26 -35.91 36.67
N LYS E 48 -16.89 -35.07 37.64
CA LYS E 48 -17.07 -35.40 39.05
C LYS E 48 -18.40 -34.87 39.56
N GLN E 49 -18.97 -35.59 40.54
CA GLN E 49 -20.22 -35.20 41.17
C GLN E 49 -19.93 -34.29 42.36
N LEU E 50 -20.69 -33.20 42.46
CA LEU E 50 -20.47 -32.21 43.51
C LEU E 50 -20.95 -32.76 44.85
N GLU E 51 -20.00 -32.97 45.78
CA GLU E 51 -20.31 -33.53 47.08
C GLU E 51 -20.82 -32.44 48.01
N ASP E 52 -22.04 -32.60 48.51
CA ASP E 52 -22.70 -31.57 49.32
C ASP E 52 -21.83 -31.14 50.49
N GLY E 53 -21.71 -29.82 50.68
CA GLY E 53 -20.87 -29.23 51.70
C GLY E 53 -19.84 -28.26 51.14
N ARG E 54 -19.31 -28.55 49.96
CA ARG E 54 -18.35 -27.67 49.32
C ARG E 54 -19.05 -26.44 48.74
N THR E 55 -18.24 -25.50 48.27
CA THR E 55 -18.73 -24.30 47.60
C THR E 55 -18.44 -24.40 46.11
N LEU E 56 -19.04 -23.48 45.35
CA LEU E 56 -18.84 -23.48 43.91
C LEU E 56 -17.39 -23.16 43.54
N SER E 57 -16.69 -22.41 44.40
CA SER E 57 -15.30 -22.06 44.10
C SER E 57 -14.37 -23.26 44.29
N ASP E 58 -14.76 -24.22 45.15
CA ASP E 58 -13.93 -25.40 45.38
C ASP E 58 -13.85 -26.29 44.15
N TYR E 59 -14.74 -26.10 43.18
CA TYR E 59 -14.72 -26.84 41.92
C TYR E 59 -14.31 -25.99 40.74
N ASN E 60 -13.88 -24.75 41.00
CA ASN E 60 -13.48 -23.81 39.95
C ASN E 60 -14.62 -23.55 38.96
N ILE E 61 -15.79 -23.23 39.51
CA ILE E 61 -16.97 -22.95 38.71
C ILE E 61 -17.05 -21.45 38.52
N GLN E 62 -16.59 -20.98 37.35
CA GLN E 62 -16.60 -19.57 37.02
C GLN E 62 -17.94 -19.21 36.37
N LYS E 63 -18.02 -18.01 35.78
CA LYS E 63 -19.24 -17.59 35.10
C LYS E 63 -19.46 -18.41 33.83
N GLU E 64 -20.73 -18.64 33.52
CA GLU E 64 -21.18 -19.33 32.31
C GLU E 64 -20.76 -20.80 32.27
N SER E 65 -20.40 -21.38 33.41
CA SER E 65 -20.13 -22.81 33.48
C SER E 65 -21.45 -23.58 33.49
N THR E 66 -21.42 -24.78 32.93
CA THR E 66 -22.62 -25.58 32.72
C THR E 66 -22.59 -26.79 33.64
N LEU E 67 -23.56 -26.88 34.55
CA LEU E 67 -23.73 -28.05 35.39
C LEU E 67 -24.75 -29.00 34.77
N HIS E 68 -24.53 -30.30 34.98
CA HIS E 68 -25.39 -31.35 34.44
C HIS E 68 -26.22 -31.93 35.56
N LEU E 69 -27.51 -31.58 35.59
CA LEU E 69 -28.42 -32.09 36.61
C LEU E 69 -28.86 -33.50 36.28
N VAL E 70 -28.90 -34.36 37.29
CA VAL E 70 -29.16 -35.78 37.12
C VAL E 70 -30.03 -36.27 38.27
N LEU E 71 -31.12 -36.96 37.94
CA LEU E 71 -32.06 -37.42 38.94
C LEU E 71 -31.51 -38.65 39.66
N ARG E 72 -31.42 -38.57 40.99
CA ARG E 72 -31.00 -39.72 41.80
C ARG E 72 -32.19 -40.66 41.99
N LEU E 73 -31.97 -41.94 41.72
CA LEU E 73 -33.03 -42.95 41.76
C LEU E 73 -32.69 -43.95 42.87
N ARG E 74 -33.10 -43.62 44.09
CA ARG E 74 -32.82 -44.49 45.23
C ARG E 74 -33.66 -45.75 45.14
N GLY E 75 -33.00 -46.91 45.16
CA GLY E 75 -33.66 -48.19 44.98
C GLY E 75 -33.02 -49.31 45.78
N MET F 1 14.01 -36.91 23.76
CA MET F 1 12.90 -37.84 23.47
C MET F 1 11.95 -37.19 22.46
N GLN F 2 11.42 -37.99 21.54
CA GLN F 2 10.48 -37.46 20.52
C GLN F 2 9.06 -37.54 21.08
N ILE F 3 8.44 -36.38 21.34
CA ILE F 3 7.04 -36.35 21.86
C ILE F 3 6.12 -36.07 20.67
N PHE F 4 4.85 -36.45 20.78
CA PHE F 4 3.92 -36.27 19.63
C PHE F 4 2.83 -35.28 20.01
N VAL F 5 2.72 -34.21 19.23
CA VAL F 5 1.63 -33.22 19.47
C VAL F 5 0.60 -33.41 18.37
N LYS F 6 -0.64 -33.66 18.76
CA LYS F 6 -1.69 -33.95 17.79
C LYS F 6 -2.67 -32.78 17.74
N THR F 7 -3.02 -32.36 16.54
CA THR F 7 -3.88 -31.20 16.33
C THR F 7 -5.26 -31.68 15.89
N LEU F 8 -6.23 -30.75 15.96
CA LEU F 8 -7.61 -31.10 15.65
C LEU F 8 -7.81 -31.43 14.19
N THR F 9 -7.00 -30.86 13.29
CA THR F 9 -7.12 -31.17 11.88
C THR F 9 -6.66 -32.60 11.56
N GLY F 10 -5.93 -33.23 12.47
CA GLY F 10 -5.40 -34.57 12.26
C GLY F 10 -3.90 -34.62 12.12
N LYS F 11 -3.24 -33.48 11.95
CA LYS F 11 -1.79 -33.46 11.82
C LYS F 11 -1.14 -33.88 13.14
N THR F 12 -0.26 -34.87 13.07
CA THR F 12 0.44 -35.39 14.24
C THR F 12 1.87 -34.86 14.22
N ILE F 13 2.13 -33.85 15.04
CA ILE F 13 3.44 -33.21 15.10
C ILE F 13 4.38 -34.06 15.95
N THR F 14 5.66 -34.10 15.55
CA THR F 14 6.69 -34.77 16.32
C THR F 14 7.77 -33.77 16.69
N LEU F 15 8.19 -33.77 17.96
CA LEU F 15 9.18 -32.82 18.48
C LEU F 15 10.23 -33.57 19.28
N GLU F 16 11.48 -33.14 19.14
CA GLU F 16 12.58 -33.65 19.95
C GLU F 16 12.71 -32.77 21.19
N VAL F 17 12.33 -33.29 22.35
CA VAL F 17 12.31 -32.54 23.59
C VAL F 17 13.00 -33.35 24.69
N GLU F 18 13.30 -32.68 25.78
CA GLU F 18 13.86 -33.27 27.00
C GLU F 18 12.93 -32.94 28.16
N PRO F 19 12.94 -33.75 29.24
CA PRO F 19 11.96 -33.52 30.32
C PRO F 19 12.10 -32.16 30.97
N SER F 20 13.27 -31.51 30.85
CA SER F 20 13.45 -30.19 31.40
C SER F 20 12.61 -29.14 30.67
N ASP F 21 12.30 -29.38 29.40
CA ASP F 21 11.58 -28.42 28.58
C ASP F 21 10.23 -28.06 29.18
N THR F 22 10.08 -26.81 29.60
CA THR F 22 8.79 -26.34 30.08
C THR F 22 7.77 -26.32 28.94
N ILE F 23 6.49 -26.31 29.31
CA ILE F 23 5.42 -26.32 28.32
C ILE F 23 5.54 -25.11 27.40
N GLU F 24 6.07 -23.99 27.91
CA GLU F 24 6.30 -22.82 27.06
C GLU F 24 7.28 -23.15 25.94
N ASN F 25 8.31 -23.94 26.22
CA ASN F 25 9.28 -24.30 25.19
C ASN F 25 8.68 -25.27 24.18
N VAL F 26 7.84 -26.20 24.64
CA VAL F 26 7.11 -27.06 23.71
C VAL F 26 6.23 -26.21 22.80
N LYS F 27 5.61 -25.16 23.37
CA LYS F 27 4.80 -24.25 22.56
C LYS F 27 5.66 -23.47 21.58
N ALA F 28 6.86 -23.06 22.02
CA ALA F 28 7.79 -22.39 21.11
C ALA F 28 8.15 -23.30 19.95
N LYS F 29 8.56 -24.53 20.24
CA LYS F 29 8.89 -25.50 19.20
C LYS F 29 7.72 -25.68 18.24
N ILE F 30 6.50 -25.70 18.76
CA ILE F 30 5.32 -25.78 17.91
C ILE F 30 5.26 -24.59 16.97
N GLN F 31 5.50 -23.38 17.49
CA GLN F 31 5.51 -22.19 16.66
C GLN F 31 6.59 -22.26 15.59
N ASP F 32 7.70 -22.94 15.88
CA ASP F 32 8.76 -23.08 14.89
C ASP F 32 8.36 -23.96 13.70
N LYS F 33 7.32 -24.79 13.87
CA LYS F 33 6.90 -25.71 12.82
C LYS F 33 5.50 -25.44 12.27
N GLU F 34 4.65 -24.71 12.98
CA GLU F 34 3.31 -24.39 12.50
C GLU F 34 3.01 -22.90 12.39
N GLY F 35 3.72 -22.06 13.12
CA GLY F 35 3.41 -20.64 13.12
C GLY F 35 2.24 -20.25 13.99
N ILE F 36 2.00 -20.99 15.06
CA ILE F 36 0.90 -20.71 15.99
C ILE F 36 1.49 -19.98 17.19
N PRO F 37 1.06 -18.75 17.50
CA PRO F 37 1.58 -18.04 18.67
C PRO F 37 1.29 -18.80 19.96
N PRO F 38 2.30 -18.98 20.81
CA PRO F 38 2.07 -19.70 22.08
C PRO F 38 0.93 -19.15 22.91
N ASP F 39 0.67 -17.85 22.85
CA ASP F 39 -0.46 -17.27 23.59
C ASP F 39 -1.79 -17.87 23.16
N GLN F 40 -1.87 -18.40 21.94
CA GLN F 40 -3.07 -19.03 21.43
C GLN F 40 -3.11 -20.53 21.62
N GLN F 41 -2.07 -21.12 22.20
CA GLN F 41 -1.96 -22.57 22.31
C GLN F 41 -2.35 -23.05 23.71
N ARG F 42 -3.02 -24.19 23.76
CA ARG F 42 -3.33 -24.90 25.00
C ARG F 42 -3.01 -26.37 24.79
N LEU F 43 -2.15 -26.91 25.66
CA LEU F 43 -1.75 -28.31 25.57
C LEU F 43 -2.57 -29.13 26.55
N ILE F 44 -2.88 -30.37 26.15
CA ILE F 44 -3.71 -31.28 26.95
C ILE F 44 -3.07 -32.65 26.94
N PHE F 45 -2.97 -33.27 28.11
CA PHE F 45 -2.47 -34.62 28.26
C PHE F 45 -3.24 -35.31 29.37
N ALA F 46 -3.80 -36.48 29.05
CA ALA F 46 -4.56 -37.29 30.02
C ALA F 46 -5.68 -36.47 30.66
N GLY F 47 -6.33 -35.63 29.88
CA GLY F 47 -7.43 -34.83 30.38
C GLY F 47 -7.03 -33.65 31.24
N LYS F 48 -5.74 -33.39 31.41
CA LYS F 48 -5.25 -32.26 32.19
C LYS F 48 -4.64 -31.22 31.27
N GLN F 49 -4.93 -29.95 31.53
CA GLN F 49 -4.37 -28.85 30.78
C GLN F 49 -3.01 -28.47 31.37
N LEU F 50 -1.97 -28.54 30.54
CA LEU F 50 -0.61 -28.28 31.01
C LEU F 50 -0.35 -26.78 31.08
N GLU F 51 0.41 -26.37 32.10
CA GLU F 51 0.72 -24.96 32.33
C GLU F 51 2.12 -24.63 31.81
N ASP F 52 2.26 -23.41 31.27
CA ASP F 52 3.52 -23.00 30.65
C ASP F 52 4.66 -22.95 31.65
N GLY F 53 4.37 -22.71 32.92
CA GLY F 53 5.41 -22.67 33.94
C GLY F 53 5.95 -24.04 34.29
N ARG F 54 5.06 -25.02 34.39
CA ARG F 54 5.46 -26.38 34.71
C ARG F 54 6.23 -26.98 33.54
N THR F 55 6.80 -28.16 33.77
CA THR F 55 7.62 -28.83 32.77
C THR F 55 7.10 -30.25 32.55
N LEU F 56 7.51 -30.84 31.42
CA LEU F 56 7.05 -32.18 31.06
C LEU F 56 7.32 -33.17 32.17
N SER F 57 8.48 -33.07 32.82
CA SER F 57 8.80 -33.98 33.92
C SER F 57 7.79 -33.84 35.06
N ASP F 58 7.27 -32.64 35.30
CA ASP F 58 6.29 -32.43 36.35
C ASP F 58 5.00 -33.21 36.11
N TYR F 59 4.72 -33.59 34.86
CA TYR F 59 3.51 -34.33 34.51
C TYR F 59 3.79 -35.80 34.20
N ASN F 60 5.00 -36.28 34.50
CA ASN F 60 5.42 -37.65 34.16
C ASN F 60 5.24 -37.95 32.68
N ILE F 61 5.24 -36.91 31.84
CA ILE F 61 5.12 -37.08 30.40
C ILE F 61 6.36 -37.81 29.90
N GLN F 62 6.23 -39.12 29.72
CA GLN F 62 7.35 -39.95 29.27
C GLN F 62 7.53 -39.82 27.76
N ARG F 63 8.61 -40.44 27.26
CA ARG F 63 8.87 -40.47 25.84
C ARG F 63 7.70 -41.09 25.08
N GLU F 64 7.61 -40.74 23.80
CA GLU F 64 6.58 -41.24 22.91
C GLU F 64 5.17 -40.92 23.40
N SER F 65 5.02 -39.90 24.25
CA SER F 65 3.70 -39.50 24.71
C SER F 65 3.02 -38.65 23.65
N THR F 66 1.70 -38.75 23.59
CA THR F 66 0.89 -38.03 22.62
C THR F 66 0.16 -36.90 23.34
N LEU F 67 0.38 -35.67 22.87
CA LEU F 67 -0.21 -34.49 23.48
C LEU F 67 -1.23 -33.89 22.51
N HIS F 68 -2.19 -33.17 23.05
CA HIS F 68 -3.32 -32.66 22.28
C HIS F 68 -3.26 -31.13 22.25
N LEU F 69 -3.25 -30.56 21.04
CA LEU F 69 -3.10 -29.13 20.86
C LEU F 69 -4.46 -28.53 20.50
N VAL F 70 -4.97 -27.71 21.40
CA VAL F 70 -6.22 -26.98 21.21
C VAL F 70 -5.90 -25.49 21.28
N LEU F 71 -6.52 -24.71 20.41
CA LEU F 71 -6.18 -23.30 20.23
C LEU F 71 -7.27 -22.43 20.82
N ARG F 72 -6.89 -21.52 21.71
CA ARG F 72 -7.81 -20.57 22.34
C ARG F 72 -7.54 -19.19 21.75
N LEU F 73 -8.43 -18.76 20.86
CA LEU F 73 -8.21 -17.52 20.11
C LEU F 73 -9.51 -16.71 20.09
N ARG F 74 -9.37 -15.44 19.74
CA ARG F 74 -10.53 -14.56 19.55
C ARG F 74 -10.93 -14.54 18.08
N GLY F 75 -11.96 -13.76 17.77
CA GLY F 75 -12.44 -13.65 16.42
C GLY F 75 -12.03 -12.35 15.73
N GLY F 76 -12.07 -12.37 14.42
CA GLY F 76 -11.95 -11.22 13.60
C GLY F 76 -10.69 -10.48 13.95
N ILE G 8 -26.07 46.12 5.55
CA ILE G 8 -27.36 46.79 5.36
C ILE G 8 -28.23 45.99 4.41
N ALA G 9 -27.72 45.81 3.18
CA ALA G 9 -28.37 45.07 2.09
C ALA G 9 -29.87 45.40 1.99
N PRO G 10 -30.24 46.62 1.62
CA PRO G 10 -31.67 46.94 1.48
C PRO G 10 -32.35 46.08 0.42
N SER G 11 -33.56 45.63 0.74
CA SER G 11 -34.33 44.72 -0.10
C SER G 11 -35.37 45.54 -0.87
N LYS G 12 -34.96 46.07 -2.02
CA LYS G 12 -35.84 46.81 -2.91
C LYS G 12 -36.14 45.99 -4.16
N GLY G 13 -37.15 46.43 -4.90
CA GLY G 13 -37.50 45.79 -6.14
C GLY G 13 -36.87 46.45 -7.36
N LEU G 14 -37.01 45.79 -8.51
CA LEU G 14 -36.45 46.28 -9.77
C LEU G 14 -37.54 46.33 -10.82
N SER G 15 -37.75 47.50 -11.40
CA SER G 15 -38.89 47.70 -12.28
C SER G 15 -38.71 46.96 -13.61
N ASN G 16 -39.84 46.54 -14.19
CA ASN G 16 -39.87 45.86 -15.47
C ASN G 16 -41.19 46.19 -16.15
N GLU G 17 -41.13 47.06 -17.15
CA GLU G 17 -42.33 47.49 -17.85
C GLU G 17 -42.72 46.47 -18.93
N PRO G 18 -44.00 46.45 -19.33
CA PRO G 18 -44.41 45.56 -20.42
C PRO G 18 -43.61 45.82 -21.69
N GLY G 19 -43.24 44.73 -22.36
CA GLY G 19 -42.32 44.81 -23.48
C GLY G 19 -40.87 44.96 -23.11
N GLN G 20 -40.58 45.47 -21.92
CA GLN G 20 -39.24 45.46 -21.36
C GLN G 20 -39.00 44.08 -20.75
N ASN G 21 -38.14 43.28 -21.38
CA ASN G 21 -37.85 41.94 -20.89
C ASN G 21 -36.55 41.97 -20.11
N SER G 22 -36.62 42.53 -18.91
CA SER G 22 -35.44 42.78 -18.09
C SER G 22 -35.38 41.90 -16.84
N CYS G 23 -36.22 40.87 -16.75
CA CYS G 23 -36.19 40.04 -15.54
C CYS G 23 -34.90 39.22 -15.45
N PHE G 24 -34.30 38.88 -16.60
CA PHE G 24 -33.02 38.17 -16.55
C PHE G 24 -31.93 39.05 -15.95
N LEU G 25 -32.00 40.36 -16.17
CA LEU G 25 -31.01 41.27 -15.61
C LEU G 25 -31.35 41.61 -14.15
N ASN G 26 -32.62 41.88 -13.86
CA ASN G 26 -33.01 42.20 -12.49
C ASN G 26 -32.67 41.06 -11.54
N SER G 27 -32.86 39.82 -11.98
CA SER G 27 -32.55 38.67 -11.13
C SER G 27 -31.05 38.56 -10.88
N ALA G 28 -30.23 38.76 -11.91
CA ALA G 28 -28.79 38.79 -11.71
C ALA G 28 -28.38 39.97 -10.83
N LEU G 29 -29.02 41.12 -11.05
CA LEU G 29 -28.71 42.30 -10.25
C LEU G 29 -28.99 42.06 -8.77
N GLN G 30 -30.11 41.38 -8.46
CA GLN G 30 -30.44 41.09 -7.07
C GLN G 30 -29.34 40.27 -6.41
N VAL G 31 -28.79 39.29 -7.14
CA VAL G 31 -27.72 38.46 -6.59
C VAL G 31 -26.47 39.30 -6.33
N LEU G 32 -26.09 40.11 -7.31
CA LEU G 32 -24.85 40.88 -7.20
C LEU G 32 -24.95 41.90 -6.07
N TRP G 33 -26.09 42.57 -5.94
CA TRP G 33 -26.26 43.55 -4.88
C TRP G 33 -26.24 42.88 -3.50
N HIS G 34 -26.80 41.68 -3.41
CA HIS G 34 -26.99 41.03 -2.11
C HIS G 34 -25.79 40.20 -1.68
N LEU G 35 -24.91 39.82 -2.62
CA LEU G 35 -23.69 39.10 -2.26
C LEU G 35 -22.80 40.03 -1.45
N ASP G 36 -22.63 39.72 -0.17
CA ASP G 36 -21.82 40.54 0.72
C ASP G 36 -20.46 40.85 0.10
N ILE G 37 -19.76 39.81 -0.36
CA ILE G 37 -18.41 39.99 -0.90
C ILE G 37 -18.41 40.91 -2.11
N PHE G 38 -19.46 40.87 -2.94
CA PHE G 38 -19.48 41.71 -4.12
C PHE G 38 -19.87 43.15 -3.78
N ARG G 39 -21.01 43.33 -3.11
CA ARG G 39 -21.45 44.68 -2.77
C ARG G 39 -20.41 45.40 -1.93
N ARG G 40 -19.83 44.70 -0.94
CA ARG G 40 -18.82 45.26 -0.07
C ARG G 40 -17.44 45.35 -0.72
N SER G 41 -17.32 44.99 -2.00
CA SER G 41 -16.09 45.22 -2.75
C SER G 41 -16.25 46.28 -3.83
N PHE G 42 -17.43 46.35 -4.44
CA PHE G 42 -17.71 47.35 -5.47
C PHE G 42 -17.68 48.76 -4.90
N ARG G 43 -18.12 48.94 -3.65
CA ARG G 43 -18.17 50.28 -3.07
C ARG G 43 -16.78 50.86 -2.83
N GLN G 44 -15.82 50.01 -2.46
CA GLN G 44 -14.45 50.46 -2.26
C GLN G 44 -13.73 50.73 -3.58
N LEU G 45 -14.35 50.39 -4.70
CA LEU G 45 -13.76 50.60 -6.01
C LEU G 45 -14.27 51.92 -6.58
N THR G 46 -13.36 52.88 -6.73
CA THR G 46 -13.70 54.19 -7.25
C THR G 46 -13.06 54.50 -8.59
N THR G 47 -12.05 53.74 -9.00
CA THR G 47 -11.39 53.92 -10.30
C THR G 47 -11.73 52.73 -11.19
N HIS G 48 -11.92 53.01 -12.49
CA HIS G 48 -12.28 51.96 -13.43
C HIS G 48 -11.97 52.44 -14.85
N LYS G 49 -11.98 51.49 -15.78
CA LYS G 49 -11.83 51.77 -17.21
C LYS G 49 -13.22 52.09 -17.75
N CYS G 50 -13.55 53.38 -17.77
CA CYS G 50 -14.86 53.80 -18.22
C CYS G 50 -14.92 53.86 -19.74
N MET G 51 -16.08 53.49 -20.29
CA MET G 51 -16.27 53.42 -21.74
C MET G 51 -17.17 54.53 -22.27
N GLY G 52 -17.62 55.45 -21.42
CA GLY G 52 -18.47 56.52 -21.86
C GLY G 52 -19.89 56.39 -21.36
N ASP G 53 -20.86 56.85 -22.15
CA ASP G 53 -22.27 56.74 -21.76
C ASP G 53 -22.69 55.28 -21.67
N SER G 54 -22.25 54.46 -22.61
CA SER G 54 -22.58 53.03 -22.62
C SER G 54 -21.59 52.23 -21.79
N CYS G 55 -21.28 52.72 -20.59
CA CYS G 55 -20.37 52.07 -19.67
C CYS G 55 -21.16 51.21 -18.68
N ILE G 56 -20.80 49.92 -18.61
CA ILE G 56 -21.50 49.00 -17.71
C ILE G 56 -21.18 49.33 -16.26
N PHE G 57 -19.89 49.55 -15.96
CA PHE G 57 -19.48 49.90 -14.60
C PHE G 57 -20.24 51.09 -14.06
N CYS G 58 -20.35 52.16 -14.87
CA CYS G 58 -21.04 53.36 -14.41
C CYS G 58 -22.52 53.09 -14.17
N ALA G 59 -23.14 52.33 -15.08
CA ALA G 59 -24.55 51.97 -14.88
C ALA G 59 -24.72 51.15 -13.61
N LEU G 60 -23.81 50.20 -13.37
CA LEU G 60 -23.87 49.38 -12.16
C LEU G 60 -23.71 50.23 -10.91
N LYS G 61 -22.82 51.24 -10.95
CA LYS G 61 -22.63 52.10 -9.79
C LYS G 61 -23.86 52.94 -9.52
N GLY G 62 -24.50 53.46 -10.56
CA GLY G 62 -25.70 54.27 -10.36
C GLY G 62 -26.83 53.47 -9.74
N ILE G 63 -26.95 52.19 -10.11
CA ILE G 63 -27.97 51.34 -9.50
C ILE G 63 -27.61 51.02 -8.05
N PHE G 64 -26.34 50.69 -7.80
CA PHE G 64 -25.93 50.35 -6.44
C PHE G 64 -26.05 51.55 -5.51
N ASN G 65 -25.78 52.75 -6.01
CA ASN G 65 -25.91 53.95 -5.19
C ASN G 65 -27.35 54.15 -4.74
N GLN G 66 -28.31 53.80 -5.60
CA GLN G 66 -29.72 53.96 -5.26
C GLN G 66 -30.23 52.82 -4.39
N PHE G 67 -29.72 51.60 -4.60
CA PHE G 67 -30.05 50.50 -3.70
C PHE G 67 -29.74 50.85 -2.26
N GLN G 68 -28.68 51.64 -2.03
CA GLN G 68 -28.21 51.97 -0.69
C GLN G 68 -28.73 53.30 -0.17
N CYS G 69 -29.15 54.22 -1.05
CA CYS G 69 -29.52 55.57 -0.63
C CYS G 69 -30.97 55.94 -0.89
N SER G 70 -31.66 55.28 -1.80
CA SER G 70 -33.01 55.70 -2.17
C SER G 70 -34.03 55.25 -1.12
N SER G 71 -35.11 56.02 -1.02
CA SER G 71 -36.25 55.67 -0.18
C SER G 71 -37.35 54.95 -0.96
N GLU G 72 -37.20 54.84 -2.28
CA GLU G 72 -38.19 54.18 -3.11
C GLU G 72 -38.20 52.67 -2.85
N LYS G 73 -39.33 52.05 -3.18
CA LYS G 73 -39.47 50.60 -3.03
C LYS G 73 -39.03 49.84 -4.27
N VAL G 74 -39.23 50.40 -5.47
CA VAL G 74 -38.87 49.77 -6.73
C VAL G 74 -37.89 50.66 -7.46
N LEU G 75 -36.90 50.03 -8.10
CA LEU G 75 -35.77 50.70 -8.74
C LEU G 75 -35.73 50.34 -10.22
N PRO G 76 -35.26 51.26 -11.07
CA PRO G 76 -35.11 50.94 -12.49
C PRO G 76 -33.71 50.44 -12.85
N SER G 77 -33.67 49.43 -13.72
CA SER G 77 -32.42 48.90 -14.23
C SER G 77 -32.17 49.30 -15.67
N ASP G 78 -32.93 50.28 -16.19
CA ASP G 78 -32.83 50.63 -17.60
C ASP G 78 -31.44 51.14 -17.98
N THR G 79 -30.72 51.77 -17.04
CA THR G 79 -29.37 52.25 -17.34
C THR G 79 -28.43 51.10 -17.66
N LEU G 80 -28.47 50.04 -16.84
CA LEU G 80 -27.65 48.87 -17.11
C LEU G 80 -28.17 48.10 -18.32
N ARG G 81 -29.50 48.03 -18.49
CA ARG G 81 -30.07 47.38 -19.65
C ARG G 81 -29.59 48.03 -20.94
N SER G 82 -29.62 49.36 -20.99
CA SER G 82 -29.14 50.05 -22.18
C SER G 82 -27.65 49.87 -22.37
N ALA G 83 -26.87 49.96 -21.27
CA ALA G 83 -25.42 49.82 -21.39
C ALA G 83 -25.03 48.42 -21.82
N LEU G 84 -25.69 47.41 -21.27
CA LEU G 84 -25.46 46.04 -21.71
C LEU G 84 -25.79 45.88 -23.20
N ALA G 85 -26.85 46.55 -23.65
CA ALA G 85 -27.28 46.41 -25.04
C ALA G 85 -26.24 46.97 -26.00
N LYS G 86 -25.75 48.18 -25.73
CA LYS G 86 -24.79 48.81 -26.64
C LYS G 86 -23.43 48.11 -26.60
N THR G 87 -23.02 47.62 -25.43
CA THR G 87 -21.72 46.94 -25.32
C THR G 87 -21.68 45.67 -26.14
N PHE G 88 -22.72 44.83 -26.01
CA PHE G 88 -22.84 43.59 -26.77
C PHE G 88 -23.62 43.77 -28.07
N GLN G 89 -23.51 44.94 -28.70
CA GLN G 89 -24.31 45.24 -29.88
C GLN G 89 -23.91 44.37 -31.06
N ASP G 90 -22.61 44.35 -31.39
CA ASP G 90 -22.12 43.54 -32.50
C ASP G 90 -22.36 42.06 -32.31
N GLU G 91 -22.72 41.64 -31.09
CA GLU G 91 -22.93 40.25 -30.75
C GLU G 91 -24.41 39.91 -30.62
N GLN G 92 -25.29 40.90 -30.73
CA GLN G 92 -26.74 40.70 -30.71
C GLN G 92 -27.20 40.00 -29.43
N ARG G 93 -26.61 40.39 -28.31
CA ARG G 93 -26.96 39.85 -27.00
C ARG G 93 -27.44 40.98 -26.10
N PHE G 94 -28.30 40.62 -25.14
CA PHE G 94 -28.83 41.57 -24.15
C PHE G 94 -29.41 42.81 -24.82
N GLN G 95 -30.09 42.58 -25.94
CA GLN G 95 -30.70 43.66 -26.71
C GLN G 95 -31.98 44.14 -26.02
N LEU G 96 -32.33 45.38 -26.31
CA LEU G 96 -33.47 46.01 -25.63
C LEU G 96 -34.78 45.36 -26.06
N GLY G 97 -35.60 45.01 -25.06
CA GLY G 97 -36.89 44.39 -25.30
C GLY G 97 -36.85 42.92 -25.65
N ILE G 98 -35.68 42.33 -25.80
CA ILE G 98 -35.52 40.93 -26.18
C ILE G 98 -35.18 40.13 -24.93
N MET G 99 -35.89 39.03 -24.73
CA MET G 99 -35.58 38.12 -23.62
C MET G 99 -34.18 37.54 -23.78
N ASP G 100 -33.54 37.26 -22.65
CA ASP G 100 -32.19 36.69 -22.66
C ASP G 100 -32.00 35.81 -21.42
N ASP G 101 -30.78 35.34 -21.23
CA ASP G 101 -30.46 34.31 -20.24
C ASP G 101 -29.78 34.93 -19.03
N ALA G 102 -30.30 34.62 -17.84
CA ALA G 102 -29.80 35.26 -16.63
C ALA G 102 -28.42 34.75 -16.23
N ALA G 103 -28.12 33.48 -16.49
CA ALA G 103 -26.79 32.95 -16.18
C ALA G 103 -25.76 33.55 -17.14
N GLU G 104 -26.11 33.65 -18.42
CA GLU G 104 -25.24 34.34 -19.37
C GLU G 104 -25.03 35.79 -18.97
N CYS G 105 -26.10 36.47 -18.54
CA CYS G 105 -25.98 37.86 -18.14
C CYS G 105 -25.13 38.00 -16.88
N PHE G 106 -25.32 37.09 -15.92
CA PHE G 106 -24.51 37.11 -14.71
C PHE G 106 -23.04 36.90 -15.04
N GLU G 107 -22.74 35.92 -15.89
CA GLU G 107 -21.35 35.59 -16.23
C GLU G 107 -20.66 36.76 -16.93
N ASN G 108 -21.35 37.38 -17.91
CA ASN G 108 -20.73 38.48 -18.65
C ASN G 108 -20.53 39.70 -17.78
N LEU G 109 -21.42 39.93 -16.82
CA LEU G 109 -21.21 41.04 -15.88
C LEU G 109 -19.93 40.82 -15.07
N LEU G 110 -19.66 39.58 -14.66
CA LEU G 110 -18.41 39.28 -13.99
C LEU G 110 -17.21 39.53 -14.91
N MET G 111 -17.31 39.09 -16.17
CA MET G 111 -16.20 39.28 -17.09
C MET G 111 -15.99 40.75 -17.41
N ARG G 112 -17.07 41.52 -17.51
CA ARG G 112 -16.94 42.94 -17.83
C ARG G 112 -16.41 43.74 -16.64
N ILE G 113 -16.72 43.29 -15.41
CA ILE G 113 -16.08 43.88 -14.24
C ILE G 113 -14.57 43.72 -14.32
N HIS G 114 -14.10 42.57 -14.81
CA HIS G 114 -12.67 42.35 -14.95
C HIS G 114 -12.06 43.30 -15.97
N PHE G 115 -12.76 43.50 -17.09
N PHE G 115 -12.75 43.52 -17.10
CA PHE G 115 -12.29 44.43 -18.12
CA PHE G 115 -12.20 44.44 -18.09
C PHE G 115 -12.25 45.86 -17.61
C PHE G 115 -12.27 45.89 -17.63
N HIS G 116 -13.15 46.21 -16.69
CA HIS G 116 -13.19 47.57 -16.13
C HIS G 116 -12.11 47.80 -15.08
N ILE G 117 -11.63 46.74 -14.44
CA ILE G 117 -10.71 46.85 -13.31
C ILE G 117 -9.27 46.57 -13.74
N ALA G 118 -9.04 45.42 -14.36
CA ALA G 118 -7.69 44.96 -14.61
C ALA G 118 -7.09 45.69 -15.81
N ASP G 119 -5.78 45.91 -15.73
CA ASP G 119 -5.05 46.48 -16.85
C ASP G 119 -4.67 45.37 -17.83
N GLU G 120 -4.75 45.67 -19.12
CA GLU G 120 -4.41 44.69 -20.14
C GLU G 120 -2.99 44.22 -19.97
N THR G 121 -2.80 42.90 -19.96
CA THR G 121 -1.49 42.29 -19.81
C THR G 121 -1.11 41.54 -21.06
N LYS G 122 0.19 41.36 -21.26
CA LYS G 122 0.68 40.71 -22.46
C LYS G 122 0.19 39.27 -22.56
N GLU G 123 0.09 38.57 -21.41
CA GLU G 123 -0.22 37.15 -21.41
C GLU G 123 -1.59 36.84 -20.81
N ASP G 124 -2.45 37.85 -20.68
CA ASP G 124 -3.83 37.67 -20.24
C ASP G 124 -3.90 36.91 -18.91
N ILE G 125 -3.11 37.39 -17.94
CA ILE G 125 -3.11 36.87 -16.59
C ILE G 125 -3.54 38.00 -15.67
N CYS G 126 -4.69 37.84 -15.02
CA CYS G 126 -5.21 38.87 -14.14
C CYS G 126 -4.57 38.73 -12.77
N THR G 127 -3.76 39.72 -12.40
CA THR G 127 -3.18 39.81 -11.07
C THR G 127 -3.77 40.97 -10.27
N ALA G 128 -4.74 41.68 -10.83
CA ALA G 128 -5.28 42.87 -10.20
C ALA G 128 -5.89 42.54 -8.84
N GLN G 129 -5.29 43.11 -7.79
CA GLN G 129 -5.78 42.90 -6.44
C GLN G 129 -7.17 43.48 -6.20
N HIS G 130 -7.72 44.21 -7.18
CA HIS G 130 -9.04 44.80 -7.06
C HIS G 130 -10.09 44.10 -7.91
N CYS G 131 -9.70 43.10 -8.71
CA CYS G 131 -10.64 42.41 -9.59
C CYS G 131 -11.49 41.46 -8.77
N ILE G 132 -12.77 41.83 -8.57
CA ILE G 132 -13.67 41.00 -7.78
C ILE G 132 -13.85 39.64 -8.43
N SER G 133 -13.95 39.62 -9.77
CA SER G 133 -14.28 38.39 -10.47
C SER G 133 -13.20 37.34 -10.29
N HIS G 134 -11.94 37.71 -10.55
CA HIS G 134 -10.87 36.72 -10.50
C HIS G 134 -10.44 36.41 -9.07
N GLN G 135 -10.45 37.40 -8.19
CA GLN G 135 -9.99 37.19 -6.82
C GLN G 135 -11.02 36.47 -5.95
N LYS G 136 -12.30 36.46 -6.32
CA LYS G 136 -13.32 35.94 -5.41
C LYS G 136 -14.25 34.93 -6.07
N PHE G 137 -14.51 35.09 -7.37
CA PHE G 137 -15.47 34.23 -8.08
C PHE G 137 -14.80 33.13 -8.89
N ALA G 138 -13.67 33.41 -9.53
CA ALA G 138 -13.17 32.58 -10.61
C ALA G 138 -12.57 31.27 -10.09
N MET G 139 -12.75 30.21 -10.87
CA MET G 139 -12.21 28.89 -10.58
C MET G 139 -11.08 28.59 -11.55
N THR G 140 -9.86 28.49 -11.03
CA THR G 140 -8.69 28.17 -11.85
C THR G 140 -8.48 26.67 -11.84
N LEU G 141 -8.56 26.04 -13.01
CA LEU G 141 -8.56 24.59 -13.13
C LEU G 141 -7.60 24.15 -14.22
N PHE G 142 -7.28 22.86 -14.21
CA PHE G 142 -6.71 22.22 -15.38
C PHE G 142 -7.32 20.83 -15.53
N GLU G 143 -7.51 20.41 -16.78
CA GLU G 143 -8.06 19.10 -17.11
C GLU G 143 -6.93 18.22 -17.63
N GLN G 144 -7.01 16.93 -17.31
CA GLN G 144 -5.95 16.00 -17.72
C GLN G 144 -6.47 14.57 -17.69
N CYS G 145 -6.08 13.81 -18.70
CA CYS G 145 -6.32 12.37 -18.72
C CYS G 145 -5.15 11.65 -18.09
N VAL G 146 -5.44 10.78 -17.13
CA VAL G 146 -4.42 10.03 -16.40
C VAL G 146 -4.84 8.55 -16.43
N CYS G 147 -3.95 7.69 -16.92
CA CYS G 147 -4.21 6.27 -17.02
C CYS G 147 -3.47 5.54 -15.90
N THR G 148 -4.22 4.87 -15.03
CA THR G 148 -3.65 4.12 -13.92
C THR G 148 -3.17 2.73 -14.32
N SER G 149 -3.31 2.34 -15.59
CA SER G 149 -2.85 1.03 -16.02
C SER G 149 -1.43 1.07 -16.57
N CYS G 150 -1.14 1.99 -17.48
CA CYS G 150 0.18 2.11 -18.08
C CYS G 150 0.92 3.37 -17.64
N GLY G 151 0.30 4.23 -16.83
CA GLY G 151 0.93 5.46 -16.41
C GLY G 151 0.88 6.59 -17.41
N ALA G 152 0.23 6.40 -18.57
CA ALA G 152 0.14 7.47 -19.55
C ALA G 152 -0.60 8.67 -18.97
N THR G 153 -0.27 9.84 -19.49
CA THR G 153 -0.83 11.08 -18.99
C THR G 153 -0.93 12.07 -20.14
N SER G 154 -2.10 12.72 -20.26
CA SER G 154 -2.32 13.66 -21.34
C SER G 154 -1.73 15.03 -21.00
N ASP G 155 -1.62 15.86 -22.02
CA ASP G 155 -1.15 17.22 -21.80
C ASP G 155 -2.21 17.99 -21.00
N PRO G 156 -1.82 18.63 -19.89
CA PRO G 156 -2.82 19.34 -19.09
C PRO G 156 -3.36 20.55 -19.83
N LEU G 157 -4.66 20.81 -19.63
CA LEU G 157 -5.32 21.96 -20.24
C LEU G 157 -5.81 22.90 -19.15
N PRO G 158 -5.07 23.95 -18.84
CA PRO G 158 -5.53 24.91 -17.83
C PRO G 158 -6.46 25.95 -18.42
N PHE G 159 -7.38 26.44 -17.58
CA PHE G 159 -8.31 27.50 -17.98
C PHE G 159 -8.99 28.03 -16.72
N ILE G 160 -9.72 29.12 -16.90
CA ILE G 160 -10.45 29.78 -15.83
C ILE G 160 -11.93 29.81 -16.19
N GLN G 161 -12.78 29.53 -15.22
CA GLN G 161 -14.23 29.62 -15.41
C GLN G 161 -14.85 30.39 -14.27
N MET G 162 -15.88 31.17 -14.59
CA MET G 162 -16.62 31.90 -13.57
C MET G 162 -17.78 31.10 -13.02
N VAL G 163 -18.33 30.19 -13.82
CA VAL G 163 -19.46 29.35 -13.43
C VAL G 163 -19.11 27.89 -13.73
N HIS G 164 -19.48 27.00 -12.82
CA HIS G 164 -19.28 25.56 -12.97
C HIS G 164 -20.61 24.92 -13.35
N TYR G 165 -20.70 24.40 -14.57
CA TYR G 165 -21.96 23.87 -15.10
C TYR G 165 -22.01 22.37 -14.95
N ILE G 166 -23.12 21.87 -14.42
CA ILE G 166 -23.34 20.45 -14.17
C ILE G 166 -24.72 20.07 -14.72
N SER G 167 -24.80 18.90 -15.35
CA SER G 167 -26.04 18.48 -16.00
C SER G 167 -27.08 18.10 -14.95
N THR G 168 -28.30 18.60 -15.13
CA THR G 168 -29.39 18.22 -14.23
C THR G 168 -29.71 16.74 -14.32
N THR G 169 -29.46 16.11 -15.47
CA THR G 169 -29.67 14.68 -15.61
C THR G 169 -28.66 13.91 -14.75
N SER G 170 -27.39 14.30 -14.81
CA SER G 170 -26.36 13.64 -14.02
C SER G 170 -26.59 13.84 -12.54
N LEU G 171 -26.98 15.06 -12.13
CA LEU G 171 -27.25 15.32 -10.72
C LEU G 171 -28.36 14.41 -10.19
N CYS G 172 -29.45 14.26 -10.95
CA CYS G 172 -30.55 13.40 -10.51
C CYS G 172 -30.14 11.94 -10.47
N ASN G 173 -29.42 11.48 -11.50
CA ASN G 173 -29.00 10.08 -11.54
C ASN G 173 -28.06 9.76 -10.39
N GLN G 174 -27.14 10.68 -10.08
CA GLN G 174 -26.17 10.43 -9.01
C GLN G 174 -26.82 10.47 -7.64
N ALA G 175 -27.85 11.31 -7.46
CA ALA G 175 -28.54 11.37 -6.18
C ALA G 175 -29.28 10.07 -5.88
N ILE G 176 -29.74 9.37 -6.93
CA ILE G 176 -30.40 8.08 -6.73
C ILE G 176 -29.37 7.01 -6.38
N CYS G 177 -28.22 7.03 -7.06
CA CYS G 177 -27.12 6.11 -6.70
C CYS G 177 -26.66 6.32 -5.27
N MET G 178 -26.72 7.56 -4.78
CA MET G 178 -26.24 7.86 -3.43
C MET G 178 -27.16 7.27 -2.37
N LEU G 179 -28.47 7.28 -2.62
CA LEU G 179 -29.41 6.67 -1.67
C LEU G 179 -29.20 5.17 -1.55
N GLU G 180 -28.51 4.56 -2.52
CA GLU G 180 -28.22 3.13 -2.53
C GLU G 180 -29.49 2.29 -2.47
N SER G 186 -26.52 15.45 -0.45
CA SER G 186 -27.04 16.68 0.13
C SER G 186 -26.53 16.97 1.56
N PRO G 187 -26.60 15.98 2.49
CA PRO G 187 -26.12 16.25 3.85
C PRO G 187 -24.62 16.07 3.98
N SER G 188 -23.87 17.16 3.87
CA SER G 188 -22.41 17.18 3.91
C SER G 188 -21.77 16.32 2.83
N MET G 189 -22.57 15.79 1.91
CA MET G 189 -22.07 15.07 0.76
C MET G 189 -22.40 15.76 -0.55
N PHE G 190 -23.06 16.93 -0.50
CA PHE G 190 -23.44 17.66 -1.70
C PHE G 190 -22.22 17.93 -2.59
N GLY G 191 -21.07 18.19 -1.97
CA GLY G 191 -19.86 18.41 -2.75
C GLY G 191 -19.46 17.19 -3.55
N GLU G 192 -19.44 16.02 -2.89
CA GLU G 192 -19.12 14.78 -3.61
C GLU G 192 -20.21 14.44 -4.62
N LEU G 193 -21.47 14.74 -4.30
CA LEU G 193 -22.55 14.50 -5.24
C LEU G 193 -22.38 15.31 -6.51
N LEU G 194 -22.02 16.60 -6.38
CA LEU G 194 -21.81 17.43 -7.55
C LEU G 194 -20.61 16.95 -8.37
N GLN G 195 -19.52 16.57 -7.69
CA GLN G 195 -18.35 16.06 -8.40
C GLN G 195 -18.69 14.80 -9.19
N ASN G 196 -19.41 13.86 -8.56
CA ASN G 196 -19.79 12.63 -9.25
C ASN G 196 -20.73 12.91 -10.41
N ALA G 197 -21.63 13.88 -10.24
CA ALA G 197 -22.52 14.25 -11.33
C ALA G 197 -21.77 14.94 -12.46
N SER G 198 -20.86 15.86 -12.11
CA SER G 198 -20.11 16.59 -13.14
C SER G 198 -19.24 15.66 -13.97
N THR G 199 -18.63 14.66 -13.32
CA THR G 199 -17.66 13.81 -14.00
C THR G 199 -18.32 12.70 -14.81
N MET G 200 -19.62 12.47 -14.65
CA MET G 200 -20.32 11.52 -15.50
C MET G 200 -20.16 11.89 -16.97
N GLY G 201 -19.86 10.88 -17.79
CA GLY G 201 -19.66 11.09 -19.21
C GLY G 201 -18.25 11.47 -19.61
N ASP G 202 -17.34 11.63 -18.66
CA ASP G 202 -15.97 12.05 -18.95
C ASP G 202 -15.05 10.89 -19.28
N LEU G 203 -15.60 9.73 -19.62
CA LEU G 203 -14.75 8.61 -20.00
C LEU G 203 -14.12 8.88 -21.36
N ARG G 204 -12.80 8.74 -21.43
CA ARG G 204 -12.06 8.90 -22.67
C ARG G 204 -11.07 7.76 -22.81
N ASN G 205 -10.51 7.64 -24.01
CA ASN G 205 -9.46 6.66 -24.23
C ASN G 205 -8.19 7.06 -23.48
N CYS G 206 -7.36 6.07 -23.20
CA CYS G 206 -6.04 6.34 -22.65
C CYS G 206 -5.24 7.17 -23.64
N PRO G 207 -4.52 8.21 -23.18
CA PRO G 207 -3.78 9.07 -24.12
C PRO G 207 -2.66 8.36 -24.88
N SER G 208 -2.25 7.16 -24.45
CA SER G 208 -1.28 6.36 -25.19
C SER G 208 -1.91 5.12 -25.81
N ASN G 209 -3.23 4.99 -25.73
CA ASN G 209 -3.98 3.93 -26.40
C ASN G 209 -3.53 2.54 -25.96
N CYS G 210 -3.42 2.35 -24.65
CA CYS G 210 -3.06 1.04 -24.11
C CYS G 210 -4.22 0.07 -24.07
N GLY G 211 -5.43 0.52 -24.41
CA GLY G 211 -6.63 -0.29 -24.37
C GLY G 211 -7.58 0.05 -23.25
N GLU G 212 -7.12 0.77 -22.22
CA GLU G 212 -7.93 1.09 -21.07
C GLU G 212 -8.70 2.39 -21.28
N ARG G 213 -9.84 2.50 -20.62
CA ARG G 213 -10.61 3.73 -20.57
C ARG G 213 -10.34 4.45 -19.26
N ILE G 214 -10.41 5.79 -19.30
CA ILE G 214 -10.12 6.61 -18.13
C ILE G 214 -11.12 7.75 -18.08
N ARG G 215 -11.16 8.42 -16.93
CA ARG G 215 -12.05 9.53 -16.71
C ARG G 215 -11.26 10.83 -16.63
N ILE G 216 -11.81 11.90 -17.23
CA ILE G 216 -11.15 13.19 -17.21
C ILE G 216 -11.09 13.72 -15.78
N ARG G 217 -9.93 14.24 -15.40
CA ARG G 217 -9.70 14.77 -14.06
C ARG G 217 -9.61 16.28 -14.13
N ARG G 218 -10.50 16.95 -13.41
CA ARG G 218 -10.41 18.40 -13.19
C ARG G 218 -9.86 18.63 -11.79
N VAL G 219 -8.88 19.52 -11.67
CA VAL G 219 -8.28 19.86 -10.39
C VAL G 219 -8.28 21.37 -10.23
N LEU G 220 -8.70 21.83 -9.06
CA LEU G 220 -8.81 23.25 -8.76
C LEU G 220 -7.53 23.74 -8.11
N MET G 221 -7.02 24.87 -8.58
CA MET G 221 -5.74 25.40 -8.13
C MET G 221 -5.85 26.61 -7.22
N ASN G 222 -6.95 27.36 -7.28
CA ASN G 222 -7.09 28.57 -6.47
C ASN G 222 -8.15 28.34 -5.38
N ALA G 223 -8.56 29.42 -4.72
CA ALA G 223 -9.49 29.35 -3.61
C ALA G 223 -10.55 30.44 -3.75
N PRO G 224 -11.56 30.22 -4.60
CA PRO G 224 -12.66 31.18 -4.68
C PRO G 224 -13.45 31.22 -3.38
N GLN G 225 -13.86 32.43 -2.99
CA GLN G 225 -14.72 32.58 -1.83
C GLN G 225 -16.20 32.53 -2.21
N ILE G 226 -16.52 32.57 -3.50
CA ILE G 226 -17.88 32.38 -3.99
C ILE G 226 -17.80 31.37 -5.14
N ILE G 227 -18.62 30.33 -5.06
CA ILE G 227 -18.70 29.30 -6.09
C ILE G 227 -20.06 29.43 -6.77
N THR G 228 -20.05 29.78 -8.05
CA THR G 228 -21.27 29.85 -8.85
C THR G 228 -21.46 28.53 -9.57
N ILE G 229 -22.48 27.77 -9.18
CA ILE G 229 -22.84 26.52 -9.83
C ILE G 229 -23.94 26.81 -10.84
N GLY G 230 -23.71 26.41 -12.09
CA GLY G 230 -24.72 26.51 -13.13
C GLY G 230 -25.34 25.15 -13.39
N LEU G 231 -26.66 25.13 -13.54
CA LEU G 231 -27.39 23.91 -13.82
C LEU G 231 -27.72 23.83 -15.30
N VAL G 232 -27.42 22.69 -15.91
CA VAL G 232 -27.66 22.47 -17.33
C VAL G 232 -28.96 21.69 -17.47
N TRP G 233 -29.96 22.32 -18.06
CA TRP G 233 -31.30 21.75 -18.17
C TRP G 233 -31.50 21.08 -19.51
N ASP G 234 -32.49 20.19 -19.56
CA ASP G 234 -32.84 19.50 -20.80
C ASP G 234 -33.86 20.25 -21.63
N SER G 235 -34.61 21.17 -21.03
CA SER G 235 -35.63 21.96 -21.73
C SER G 235 -36.10 23.06 -20.80
N ASP G 236 -36.87 23.99 -21.36
CA ASP G 236 -37.46 25.08 -20.59
C ASP G 236 -38.75 24.68 -19.87
N HIS G 237 -39.04 23.38 -19.80
CA HIS G 237 -40.20 22.86 -19.09
C HIS G 237 -39.88 21.47 -18.56
N SER G 238 -38.79 21.37 -17.80
CA SER G 238 -38.19 20.08 -17.50
C SER G 238 -38.96 19.32 -16.43
N ASP G 239 -39.14 18.01 -16.65
CA ASP G 239 -39.75 17.14 -15.66
C ASP G 239 -38.82 16.81 -14.50
N LEU G 240 -37.54 17.16 -14.61
CA LEU G 240 -36.57 16.92 -13.54
C LEU G 240 -36.54 18.03 -12.51
N ALA G 241 -37.42 19.03 -12.62
CA ALA G 241 -37.33 20.21 -11.76
C ALA G 241 -37.50 19.86 -10.29
N GLU G 242 -38.48 19.02 -9.97
CA GLU G 242 -38.71 18.64 -8.59
C GLU G 242 -37.54 17.85 -8.01
N ASP G 243 -37.10 16.82 -8.75
CA ASP G 243 -35.98 16.01 -8.27
C ASP G 243 -34.69 16.81 -8.19
N VAL G 244 -34.52 17.80 -9.07
CA VAL G 244 -33.34 18.66 -8.97
C VAL G 244 -33.44 19.54 -7.73
N ILE G 245 -34.61 20.12 -7.48
CA ILE G 245 -34.81 20.96 -6.31
C ILE G 245 -34.50 20.20 -5.02
N HIS G 246 -34.99 18.95 -4.93
CA HIS G 246 -34.82 18.19 -3.69
C HIS G 246 -33.38 17.74 -3.49
N SER G 247 -32.63 17.54 -4.57
CA SER G 247 -31.25 17.09 -4.46
C SER G 247 -30.28 18.21 -4.06
N LEU G 248 -30.75 19.45 -3.96
CA LEU G 248 -29.87 20.58 -3.71
C LEU G 248 -29.48 20.65 -2.24
N GLY G 249 -28.18 20.82 -1.98
CA GLY G 249 -27.68 21.01 -0.64
C GLY G 249 -27.42 22.48 -0.36
N THR G 250 -27.42 22.82 0.94
CA THR G 250 -27.16 24.19 1.37
C THR G 250 -25.72 24.43 1.79
N CYS G 251 -24.96 23.38 2.08
CA CYS G 251 -23.56 23.51 2.45
C CYS G 251 -22.70 22.79 1.41
N LEU G 252 -21.72 23.50 0.87
CA LEU G 252 -20.84 22.97 -0.16
C LEU G 252 -19.43 22.90 0.39
N LYS G 253 -18.89 21.68 0.52
CA LYS G 253 -17.49 21.49 0.86
C LYS G 253 -16.67 21.61 -0.41
N LEU G 254 -15.90 22.70 -0.53
CA LEU G 254 -15.15 22.96 -1.76
C LEU G 254 -14.12 21.88 -2.02
N GLY G 255 -13.62 21.23 -0.97
CA GLY G 255 -12.59 20.20 -1.15
C GLY G 255 -13.05 19.00 -1.95
N ASP G 256 -14.35 18.69 -1.93
CA ASP G 256 -14.90 17.58 -2.67
C ASP G 256 -15.45 17.97 -4.03
N LEU G 257 -15.47 19.26 -4.37
CA LEU G 257 -16.17 19.70 -5.58
C LEU G 257 -15.47 19.20 -6.84
N PHE G 258 -14.15 19.11 -6.84
CA PHE G 258 -13.38 18.66 -7.98
C PHE G 258 -12.57 17.43 -7.61
N PHE G 259 -11.98 16.79 -8.62
CA PHE G 259 -11.23 15.56 -8.38
C PHE G 259 -10.09 15.78 -7.40
N ARG G 260 -9.39 16.91 -7.52
CA ARG G 260 -8.38 17.33 -6.56
C ARG G 260 -8.50 18.83 -6.32
N VAL G 261 -8.19 19.24 -5.10
CA VAL G 261 -8.16 20.64 -4.70
C VAL G 261 -6.83 20.85 -4.01
N THR G 262 -5.95 21.66 -4.61
CA THR G 262 -4.57 21.78 -4.15
C THR G 262 -4.32 22.94 -3.21
N ASP G 263 -5.19 23.95 -3.19
CA ASP G 263 -5.03 25.04 -2.24
C ASP G 263 -5.66 24.66 -0.91
N ASP G 264 -4.85 24.61 0.15
CA ASP G 264 -5.34 24.17 1.44
C ASP G 264 -6.45 25.09 1.96
N ARG G 265 -6.48 26.35 1.53
CA ARG G 265 -7.58 27.23 1.91
C ARG G 265 -8.90 26.76 1.29
N ALA G 266 -8.86 26.29 0.05
CA ALA G 266 -10.08 25.81 -0.60
C ALA G 266 -10.51 24.45 -0.05
N LYS G 267 -9.55 23.60 0.34
CA LYS G 267 -9.91 22.31 0.91
C LYS G 267 -10.68 22.46 2.21
N GLN G 268 -10.38 23.50 2.97
CA GLN G 268 -11.03 23.75 4.25
C GLN G 268 -12.24 24.66 4.14
N SER G 269 -12.62 25.05 2.93
CA SER G 269 -13.69 26.01 2.73
C SER G 269 -15.04 25.30 2.70
N GLU G 270 -15.94 25.69 3.59
CA GLU G 270 -17.33 25.27 3.57
C GLU G 270 -18.16 26.47 3.15
N LEU G 271 -18.81 26.37 1.98
CA LEU G 271 -19.60 27.47 1.43
C LEU G 271 -21.08 27.14 1.54
N TYR G 272 -21.87 28.14 1.90
CA TYR G 272 -23.30 27.96 2.13
C TYR G 272 -24.11 28.63 1.03
N LEU G 273 -25.19 27.97 0.61
CA LEU G 273 -26.08 28.49 -0.41
C LEU G 273 -26.69 29.81 0.06
N VAL G 274 -26.35 30.90 -0.61
CA VAL G 274 -26.84 32.22 -0.23
C VAL G 274 -27.75 32.84 -1.30
N GLY G 275 -27.68 32.37 -2.55
CA GLY G 275 -28.51 32.92 -3.61
C GLY G 275 -28.84 31.86 -4.64
N MET G 276 -29.85 32.15 -5.44
CA MET G 276 -30.31 31.22 -6.46
C MET G 276 -31.24 31.91 -7.45
N ILE G 277 -30.88 31.89 -8.73
CA ILE G 277 -31.71 32.43 -9.80
C ILE G 277 -32.53 31.30 -10.38
N CYS G 278 -33.85 31.51 -10.49
CA CYS G 278 -34.78 30.49 -10.94
C CYS G 278 -35.44 30.91 -12.25
N TYR G 279 -35.51 29.98 -13.20
CA TYR G 279 -36.24 30.18 -14.44
C TYR G 279 -37.58 29.47 -14.37
N TYR G 280 -38.60 30.10 -14.96
CA TYR G 280 -39.88 29.45 -15.18
C TYR G 280 -40.66 30.25 -16.22
N GLY G 281 -41.28 29.54 -17.16
CA GLY G 281 -42.19 30.12 -18.12
C GLY G 281 -41.67 31.39 -18.78
N LYS G 282 -40.45 31.32 -19.32
CA LYS G 282 -39.81 32.46 -19.96
C LYS G 282 -39.75 33.67 -19.03
N HIS G 283 -39.46 33.41 -17.76
CA HIS G 283 -39.36 34.46 -16.75
C HIS G 283 -38.30 34.07 -15.73
N TYR G 284 -37.79 35.07 -15.01
CA TYR G 284 -36.70 34.89 -14.06
C TYR G 284 -37.04 35.53 -12.73
N SER G 285 -36.54 34.92 -11.65
CA SER G 285 -36.67 35.47 -10.31
C SER G 285 -35.47 35.04 -9.49
N THR G 286 -35.34 35.60 -8.29
CA THR G 286 -34.14 35.40 -7.48
C THR G 286 -34.50 35.23 -6.02
N PHE G 287 -33.94 34.19 -5.40
CA PHE G 287 -33.96 34.01 -3.95
C PHE G 287 -32.62 34.46 -3.38
N PHE G 288 -32.64 34.97 -2.15
CA PHE G 288 -31.40 35.33 -1.48
C PHE G 288 -31.59 35.30 0.03
N PHE G 289 -30.68 34.61 0.71
CA PHE G 289 -30.68 34.54 2.16
C PHE G 289 -29.98 35.78 2.73
N GLN G 290 -30.73 36.58 3.49
CA GLN G 290 -30.21 37.83 4.05
C GLN G 290 -29.55 37.54 5.39
N THR G 291 -28.21 37.62 5.43
CA THR G 291 -27.47 37.27 6.64
C THR G 291 -27.65 38.28 7.76
N LYS G 292 -28.06 39.51 7.44
CA LYS G 292 -28.29 40.50 8.49
C LYS G 292 -29.56 40.21 9.27
N ILE G 293 -30.50 39.47 8.69
CA ILE G 293 -31.73 39.10 9.38
C ILE G 293 -31.96 37.60 9.46
N ARG G 294 -31.18 36.80 8.72
CA ARG G 294 -31.21 35.33 8.79
C ARG G 294 -32.56 34.76 8.34
N LYS G 295 -32.94 35.06 7.10
CA LYS G 295 -34.13 34.50 6.50
C LYS G 295 -34.07 34.70 4.99
N TRP G 296 -34.79 33.84 4.27
CA TRP G 296 -34.75 33.84 2.82
C TRP G 296 -35.73 34.86 2.25
N MET G 297 -35.28 35.61 1.26
CA MET G 297 -36.08 36.60 0.57
C MET G 297 -36.27 36.19 -0.89
N TYR G 298 -37.35 36.69 -1.50
CA TYR G 298 -37.69 36.37 -2.87
C TYR G 298 -37.87 37.67 -3.65
N PHE G 299 -37.22 37.76 -4.80
CA PHE G 299 -37.26 38.95 -5.65
C PHE G 299 -37.73 38.54 -7.04
N ASP G 300 -38.88 39.07 -7.44
CA ASP G 300 -39.42 38.89 -8.80
C ASP G 300 -39.69 40.29 -9.35
N ASP G 301 -38.69 40.84 -10.05
CA ASP G 301 -38.75 42.21 -10.56
C ASP G 301 -39.11 43.18 -9.45
N ALA G 302 -40.35 43.67 -9.45
CA ALA G 302 -40.78 44.66 -8.47
C ALA G 302 -41.29 44.03 -7.18
N HIS G 303 -41.67 42.77 -7.19
CA HIS G 303 -42.28 42.12 -6.03
C HIS G 303 -41.21 41.57 -5.11
N VAL G 304 -41.25 41.98 -3.85
CA VAL G 304 -40.36 41.48 -2.81
C VAL G 304 -41.22 40.78 -1.76
N LYS G 305 -40.90 39.52 -1.49
CA LYS G 305 -41.63 38.72 -0.52
C LYS G 305 -40.66 38.06 0.45
N GLU G 306 -41.02 38.05 1.73
CA GLU G 306 -40.26 37.31 2.73
C GLU G 306 -40.71 35.86 2.71
N ILE G 307 -39.76 34.95 2.54
CA ILE G 307 -40.09 33.53 2.44
C ILE G 307 -40.03 32.84 3.79
N GLY G 308 -38.97 33.10 4.56
CA GLY G 308 -38.83 32.52 5.87
C GLY G 308 -37.40 32.12 6.17
N PRO G 309 -37.14 31.63 7.38
CA PRO G 309 -35.78 31.24 7.76
C PRO G 309 -35.40 29.82 7.39
N LYS G 310 -36.33 29.02 6.89
CA LYS G 310 -36.07 27.63 6.55
C LYS G 310 -35.95 27.47 5.05
N TRP G 311 -34.91 26.74 4.62
CA TRP G 311 -34.75 26.44 3.20
C TRP G 311 -35.94 25.67 2.65
N LYS G 312 -36.63 24.89 3.50
CA LYS G 312 -37.83 24.19 3.07
C LYS G 312 -38.88 25.14 2.52
N ASP G 313 -38.92 26.38 3.03
CA ASP G 313 -39.90 27.35 2.55
C ASP G 313 -39.65 27.71 1.08
N VAL G 314 -38.39 27.97 0.71
CA VAL G 314 -38.12 28.29 -0.68
C VAL G 314 -38.28 27.04 -1.56
N VAL G 315 -38.01 25.86 -1.00
CA VAL G 315 -38.23 24.63 -1.75
C VAL G 315 -39.69 24.51 -2.14
N THR G 316 -40.57 24.60 -1.15
CA THR G 316 -42.01 24.49 -1.39
C THR G 316 -42.47 25.46 -2.47
N LYS G 317 -41.91 26.67 -2.47
CA LYS G 317 -42.30 27.65 -3.49
C LYS G 317 -41.76 27.25 -4.85
N CYS G 318 -40.53 26.73 -4.91
CA CYS G 318 -39.96 26.30 -6.17
C CYS G 318 -40.69 25.07 -6.73
N ILE G 319 -41.04 24.13 -5.85
CA ILE G 319 -41.78 22.94 -6.29
C ILE G 319 -43.13 23.35 -6.85
N LYS G 320 -43.84 24.23 -6.13
CA LYS G 320 -45.18 24.64 -6.54
C LYS G 320 -45.16 25.45 -7.83
N GLY G 321 -44.17 26.33 -7.98
CA GLY G 321 -44.05 27.14 -9.16
C GLY G 321 -43.39 26.47 -10.34
N HIS G 322 -43.06 25.19 -10.21
CA HIS G 322 -42.33 24.45 -11.24
C HIS G 322 -41.04 25.19 -11.61
N TYR G 323 -40.37 25.72 -10.59
CA TYR G 323 -39.17 26.52 -10.81
C TYR G 323 -38.01 25.62 -11.24
N GLN G 324 -37.17 26.16 -12.11
CA GLN G 324 -35.93 25.51 -12.53
C GLN G 324 -34.75 26.33 -12.04
N PRO G 325 -34.08 25.95 -10.96
CA PRO G 325 -32.88 26.69 -10.53
C PRO G 325 -31.82 26.63 -11.61
N LEU G 326 -31.24 27.79 -11.92
CA LEU G 326 -30.22 27.91 -12.96
C LEU G 326 -28.83 28.19 -12.40
N LEU G 327 -28.70 29.22 -11.58
CA LEU G 327 -27.44 29.55 -10.93
C LEU G 327 -27.57 29.34 -9.43
N LEU G 328 -26.56 28.73 -8.83
CA LEU G 328 -26.47 28.55 -7.40
C LEU G 328 -25.23 29.27 -6.90
N LEU G 329 -25.37 30.04 -5.82
CA LEU G 329 -24.28 30.86 -5.30
C LEU G 329 -23.96 30.44 -3.87
N TYR G 330 -22.80 29.82 -3.70
CA TYR G 330 -22.30 29.37 -2.41
C TYR G 330 -21.18 30.31 -1.99
N ALA G 331 -21.34 30.96 -0.85
CA ALA G 331 -20.38 31.94 -0.36
C ALA G 331 -19.79 31.47 0.96
N ASP G 332 -18.49 31.62 1.10
CA ASP G 332 -17.85 31.36 2.38
C ASP G 332 -18.31 32.40 3.40
N PRO G 333 -18.82 32.00 4.56
CA PRO G 333 -19.28 32.99 5.54
C PRO G 333 -18.19 33.90 6.06
N GLN G 334 -16.96 33.38 6.18
CA GLN G 334 -15.82 34.19 6.57
C GLN G 334 -15.12 34.83 5.38
N GLY G 335 -15.79 34.87 4.22
CA GLY G 335 -15.19 35.51 3.07
C GLY G 335 -14.95 36.99 3.31
N THR G 336 -13.96 37.53 2.62
CA THR G 336 -13.55 38.90 2.84
C THR G 336 -13.68 39.70 1.54
N PRO G 337 -14.05 40.98 1.63
CA PRO G 337 -14.07 41.82 0.44
C PRO G 337 -12.67 41.96 -0.16
N VAL G 338 -12.64 42.49 -1.38
CA VAL G 338 -11.38 42.74 -2.05
C VAL G 338 -10.51 43.68 -1.21
N SER G 339 -9.20 43.57 -1.38
CA SER G 339 -8.29 44.37 -0.57
C SER G 339 -8.27 45.82 -1.07
N THR G 340 -7.79 46.72 -0.19
CA THR G 340 -7.72 48.16 -0.49
C THR G 340 -6.39 48.70 0.02
N GLN G 341 -5.30 48.24 -0.59
CA GLN G 341 -3.96 48.72 -0.24
C GLN G 341 -2.96 48.37 -1.34
N MET H 1 -11.44 16.56 -38.53
CA MET H 1 -10.98 16.02 -37.26
C MET H 1 -12.15 15.66 -36.36
N GLN H 2 -11.84 15.14 -35.18
CA GLN H 2 -12.84 14.61 -34.25
C GLN H 2 -12.81 15.43 -32.97
N ILE H 3 -13.95 16.01 -32.61
CA ILE H 3 -14.10 16.71 -31.34
C ILE H 3 -15.25 16.09 -30.57
N PHE H 4 -15.25 16.34 -29.26
CA PHE H 4 -16.27 15.82 -28.35
C PHE H 4 -17.16 16.95 -27.87
N VAL H 5 -18.40 16.62 -27.53
CA VAL H 5 -19.37 17.57 -27.01
C VAL H 5 -20.10 16.91 -25.85
N LYS H 6 -20.05 17.52 -24.67
CA LYS H 6 -20.84 17.04 -23.53
C LYS H 6 -22.27 17.56 -23.67
N THR H 7 -23.23 16.64 -23.78
CA THR H 7 -24.62 16.98 -24.05
C THR H 7 -25.34 17.44 -22.78
N LEU H 8 -26.53 18.04 -22.98
CA LEU H 8 -27.34 18.53 -21.87
C LEU H 8 -27.58 17.46 -20.80
N THR H 9 -27.64 16.19 -21.20
CA THR H 9 -27.88 15.10 -20.26
C THR H 9 -26.60 14.56 -19.65
N GLY H 10 -25.46 15.18 -19.91
CA GLY H 10 -24.20 14.68 -19.40
C GLY H 10 -23.57 13.58 -20.24
N LYS H 11 -24.22 13.15 -21.32
CA LYS H 11 -23.60 12.19 -22.22
C LYS H 11 -22.62 12.90 -23.15
N THR H 12 -21.65 12.15 -23.64
CA THR H 12 -20.63 12.67 -24.55
C THR H 12 -20.92 12.16 -25.95
N ILE H 13 -21.01 13.08 -26.91
CA ILE H 13 -21.16 12.71 -28.31
C ILE H 13 -19.90 13.14 -29.05
N THR H 14 -19.74 12.56 -30.24
CA THR H 14 -18.62 12.84 -31.12
C THR H 14 -19.11 13.72 -32.27
N LEU H 15 -18.22 14.59 -32.76
CA LEU H 15 -18.48 15.40 -33.93
C LEU H 15 -17.29 15.32 -34.88
N GLU H 16 -17.58 15.21 -36.17
CA GLU H 16 -16.56 15.36 -37.21
C GLU H 16 -16.63 16.79 -37.73
N VAL H 17 -15.53 17.53 -37.60
CA VAL H 17 -15.48 18.94 -37.94
C VAL H 17 -14.13 19.22 -38.60
N GLU H 18 -14.01 20.41 -39.17
CA GLU H 18 -12.74 20.91 -39.67
C GLU H 18 -12.36 22.19 -38.94
N PRO H 19 -11.07 22.49 -38.85
CA PRO H 19 -10.67 23.72 -38.13
C PRO H 19 -11.32 24.98 -38.66
N SER H 20 -11.86 24.91 -39.88
CA SER H 20 -12.46 26.11 -40.52
C SER H 20 -13.95 26.19 -40.23
N ASP H 21 -14.54 25.13 -39.66
CA ASP H 21 -16.00 25.12 -39.43
C ASP H 21 -16.38 26.30 -38.53
N THR H 22 -17.53 26.92 -38.79
CA THR H 22 -18.00 28.06 -37.98
C THR H 22 -18.72 27.53 -36.74
N ILE H 23 -18.81 28.35 -35.69
CA ILE H 23 -19.52 27.94 -34.46
C ILE H 23 -20.96 27.61 -34.83
N GLU H 24 -21.54 28.38 -35.74
CA GLU H 24 -22.95 28.14 -36.19
C GLU H 24 -23.01 26.79 -36.89
N ASN H 25 -22.03 26.49 -37.75
CA ASN H 25 -21.99 25.20 -38.48
C ASN H 25 -21.86 24.08 -37.44
N VAL H 26 -21.08 24.33 -36.38
CA VAL H 26 -20.89 23.33 -35.29
C VAL H 26 -22.22 23.20 -34.53
N LYS H 27 -22.84 24.33 -34.21
CA LYS H 27 -24.13 24.26 -33.54
C LYS H 27 -25.16 23.49 -34.36
N ALA H 28 -25.08 23.57 -35.69
CA ALA H 28 -26.03 22.85 -36.54
C ALA H 28 -25.77 21.35 -36.52
N LYS H 29 -24.50 20.95 -36.46
CA LYS H 29 -24.19 19.52 -36.32
C LYS H 29 -24.70 19.00 -34.98
N ILE H 30 -24.62 19.80 -33.93
CA ILE H 30 -25.21 19.42 -32.65
C ILE H 30 -26.72 19.29 -32.78
N GLN H 31 -27.34 20.19 -33.55
CA GLN H 31 -28.77 20.09 -33.81
C GLN H 31 -29.12 18.78 -34.53
N ASP H 32 -28.19 18.26 -35.33
CA ASP H 32 -28.42 16.96 -35.96
C ASP H 32 -28.45 15.84 -34.94
N LYS H 33 -27.43 15.76 -34.08
CA LYS H 33 -27.32 14.64 -33.15
C LYS H 33 -28.26 14.78 -31.96
N GLU H 34 -28.45 16.02 -31.47
CA GLU H 34 -29.17 16.23 -30.22
C GLU H 34 -30.52 16.90 -30.39
N GLY H 35 -30.75 17.60 -31.50
CA GLY H 35 -32.02 18.27 -31.70
C GLY H 35 -32.20 19.57 -30.95
N ILE H 36 -31.13 20.14 -30.41
CA ILE H 36 -31.18 21.43 -29.74
C ILE H 36 -30.97 22.52 -30.80
N PRO H 37 -31.93 23.44 -30.97
CA PRO H 37 -31.75 24.48 -31.99
C PRO H 37 -30.60 25.40 -31.64
N PRO H 38 -29.87 25.92 -32.64
CA PRO H 38 -28.67 26.71 -32.35
C PRO H 38 -28.89 27.89 -31.42
N ASP H 39 -30.05 28.54 -31.49
CA ASP H 39 -30.31 29.68 -30.61
C ASP H 39 -30.41 29.28 -29.14
N GLN H 40 -30.60 28.00 -28.85
CA GLN H 40 -30.66 27.50 -27.48
C GLN H 40 -29.34 26.92 -27.01
N GLN H 41 -28.33 26.89 -27.86
CA GLN H 41 -27.05 26.28 -27.52
C GLN H 41 -26.08 27.33 -26.97
N ARG H 42 -25.44 26.99 -25.86
CA ARG H 42 -24.27 27.72 -25.36
C ARG H 42 -23.10 26.74 -25.42
N LEU H 43 -22.14 27.04 -26.29
CA LEU H 43 -20.95 26.21 -26.45
C LEU H 43 -19.81 26.81 -25.64
N ILE H 44 -19.32 26.05 -24.66
CA ILE H 44 -18.27 26.51 -23.76
C ILE H 44 -17.04 25.65 -23.99
N PHE H 45 -15.92 26.28 -24.32
CA PHE H 45 -14.62 25.62 -24.41
C PHE H 45 -13.64 26.31 -23.49
N ALA H 46 -12.96 25.52 -22.66
CA ALA H 46 -11.94 26.03 -21.74
C ALA H 46 -12.44 27.24 -20.95
N GLY H 47 -13.69 27.17 -20.52
CA GLY H 47 -14.29 28.22 -19.73
C GLY H 47 -14.79 29.42 -20.51
N LYS H 48 -14.74 29.39 -21.84
CA LYS H 48 -15.10 30.54 -22.67
C LYS H 48 -16.22 30.14 -23.63
N GLN H 49 -17.23 30.98 -23.74
CA GLN H 49 -18.35 30.71 -24.63
C GLN H 49 -17.95 31.01 -26.07
N LEU H 50 -18.08 30.02 -26.95
CA LEU H 50 -17.81 30.23 -28.36
C LEU H 50 -18.85 31.15 -28.96
N GLU H 51 -18.40 32.07 -29.80
CA GLU H 51 -19.25 33.12 -30.33
C GLU H 51 -19.58 32.86 -31.80
N ASP H 52 -20.82 33.21 -32.16
CA ASP H 52 -21.24 33.13 -33.55
C ASP H 52 -20.38 34.06 -34.40
N GLY H 53 -19.75 33.51 -35.43
CA GLY H 53 -18.94 34.27 -36.36
C GLY H 53 -17.47 33.86 -36.41
N ARG H 54 -16.99 33.14 -35.40
CA ARG H 54 -15.62 32.69 -35.35
C ARG H 54 -15.53 31.22 -35.77
N THR H 55 -14.31 30.77 -36.01
CA THR H 55 -14.05 29.39 -36.41
C THR H 55 -13.53 28.58 -35.22
N LEU H 56 -13.52 27.25 -35.40
CA LEU H 56 -12.92 26.40 -34.39
C LEU H 56 -11.44 26.69 -34.22
N SER H 57 -10.75 27.06 -35.29
CA SER H 57 -9.34 27.41 -35.20
C SER H 57 -9.12 28.73 -34.48
N ASP H 58 -10.13 29.61 -34.46
CA ASP H 58 -10.01 30.86 -33.71
C ASP H 58 -9.88 30.60 -32.21
N TYR H 59 -10.39 29.48 -31.73
CA TYR H 59 -10.28 29.09 -30.33
C TYR H 59 -9.25 27.99 -30.11
N ASN H 60 -8.49 27.63 -31.14
CA ASN H 60 -7.54 26.51 -31.09
C ASN H 60 -8.23 25.20 -30.70
N ILE H 61 -9.43 24.98 -31.23
CA ILE H 61 -10.11 23.69 -31.09
C ILE H 61 -9.31 22.65 -31.87
N GLN H 62 -8.61 21.79 -31.16
CA GLN H 62 -7.81 20.74 -31.79
C GLN H 62 -8.59 19.42 -31.78
N LYS H 63 -7.92 18.38 -32.27
CA LYS H 63 -8.51 17.05 -32.25
C LYS H 63 -8.79 16.60 -30.83
N GLU H 64 -9.95 15.96 -30.65
CA GLU H 64 -10.39 15.42 -29.36
C GLU H 64 -10.61 16.50 -28.30
N SER H 65 -10.74 17.75 -28.70
CA SER H 65 -11.17 18.79 -27.77
C SER H 65 -12.62 18.54 -27.35
N THR H 66 -13.00 19.13 -26.23
CA THR H 66 -14.32 18.90 -25.65
C THR H 66 -15.07 20.22 -25.52
N LEU H 67 -16.18 20.34 -26.23
CA LEU H 67 -17.10 21.45 -26.06
C LEU H 67 -18.12 21.10 -24.98
N HIS H 68 -18.46 22.08 -24.15
CA HIS H 68 -19.42 21.91 -23.06
C HIS H 68 -20.71 22.61 -23.45
N LEU H 69 -21.78 21.83 -23.61
CA LEU H 69 -23.06 22.34 -24.08
C LEU H 69 -23.95 22.72 -22.90
N VAL H 70 -24.36 23.99 -22.86
CA VAL H 70 -25.28 24.50 -21.85
C VAL H 70 -26.51 25.03 -22.57
N LEU H 71 -27.68 24.79 -22.00
CA LEU H 71 -28.94 25.21 -22.62
C LEU H 71 -29.25 26.64 -22.21
N ARG H 72 -29.45 27.50 -23.22
CA ARG H 72 -29.88 28.87 -22.96
C ARG H 72 -31.37 28.91 -22.64
N LEU H 73 -31.73 29.72 -21.65
CA LEU H 73 -33.13 29.91 -21.27
C LEU H 73 -33.44 31.40 -21.30
N ARG H 74 -34.07 31.86 -22.38
CA ARG H 74 -34.44 33.26 -22.49
C ARG H 74 -35.62 33.57 -21.59
N GLY H 75 -35.48 34.58 -20.74
CA GLY H 75 -36.54 34.98 -19.84
C GLY H 75 -36.92 36.44 -19.98
N MET I 1 15.64 35.87 -7.10
CA MET I 1 14.32 35.82 -6.49
C MET I 1 13.88 34.37 -6.29
N GLN I 2 13.02 34.16 -5.29
CA GLN I 2 12.53 32.84 -4.94
C GLN I 2 11.08 32.70 -5.39
N ILE I 3 10.80 31.64 -6.14
CA ILE I 3 9.44 31.24 -6.48
C ILE I 3 9.20 29.84 -5.93
N PHE I 4 7.96 29.37 -6.05
CA PHE I 4 7.57 28.06 -5.57
C PHE I 4 6.99 27.24 -6.72
N VAL I 5 7.26 25.93 -6.68
CA VAL I 5 6.69 24.97 -7.62
C VAL I 5 5.96 23.93 -6.80
N LYS I 6 4.64 23.86 -6.97
CA LYS I 6 3.82 22.84 -6.32
C LYS I 6 3.58 21.71 -7.30
N THR I 7 3.74 20.47 -6.83
CA THR I 7 3.50 19.28 -7.62
C THR I 7 2.18 18.63 -7.21
N LEU I 8 1.75 17.64 -7.99
CA LEU I 8 0.48 16.93 -7.67
C LEU I 8 0.72 15.95 -6.53
N THR I 9 1.98 15.58 -6.29
CA THR I 9 2.31 14.69 -5.15
C THR I 9 2.07 15.45 -3.85
N GLY I 10 1.93 16.77 -3.92
CA GLY I 10 1.68 17.59 -2.73
C GLY I 10 2.91 18.31 -2.24
N LYS I 11 4.03 18.19 -2.96
CA LYS I 11 5.29 18.81 -2.52
C LYS I 11 5.46 20.20 -3.13
N THR I 12 5.99 21.15 -2.35
CA THR I 12 6.28 22.50 -2.88
C THR I 12 7.77 22.75 -2.72
N ILE I 13 8.51 22.85 -3.83
CA ILE I 13 9.93 23.13 -3.81
C ILE I 13 10.14 24.60 -4.11
N THR I 14 11.30 25.11 -3.69
CA THR I 14 11.71 26.47 -4.02
C THR I 14 12.65 26.46 -5.20
N LEU I 15 12.59 27.52 -6.00
CA LEU I 15 13.55 27.75 -7.07
C LEU I 15 14.14 29.13 -6.90
N GLU I 16 15.43 29.26 -7.21
CA GLU I 16 16.10 30.55 -7.28
C GLU I 16 16.17 30.93 -8.76
N VAL I 17 15.41 31.96 -9.14
CA VAL I 17 15.28 32.35 -10.54
C VAL I 17 15.54 33.84 -10.65
N GLU I 18 15.60 34.30 -11.89
CA GLU I 18 15.67 35.72 -12.19
C GLU I 18 14.54 36.05 -13.18
N PRO I 19 14.03 37.28 -13.16
CA PRO I 19 12.91 37.63 -14.05
C PRO I 19 13.19 37.33 -15.51
N SER I 20 14.46 37.27 -15.88
CA SER I 20 14.87 37.02 -17.26
C SER I 20 14.99 35.55 -17.61
N ASP I 21 14.94 34.65 -16.63
CA ASP I 21 15.05 33.22 -16.91
C ASP I 21 13.89 32.76 -17.80
N THR I 22 14.19 31.86 -18.73
CA THR I 22 13.16 31.27 -19.56
C THR I 22 12.50 30.09 -18.86
N ILE I 23 11.31 29.75 -19.33
CA ILE I 23 10.58 28.60 -18.77
C ILE I 23 11.41 27.33 -18.92
N GLU I 24 12.11 27.20 -20.06
CA GLU I 24 13.04 26.08 -20.22
C GLU I 24 14.11 26.09 -19.14
N ASN I 25 14.66 27.27 -18.82
CA ASN I 25 15.63 27.36 -17.73
C ASN I 25 15.00 27.00 -16.40
N VAL I 26 13.78 27.48 -16.14
CA VAL I 26 13.09 27.10 -14.91
C VAL I 26 12.89 25.59 -14.87
N LYS I 27 12.56 24.99 -16.01
CA LYS I 27 12.40 23.54 -16.05
C LYS I 27 13.72 22.82 -15.73
N ALA I 28 14.85 23.38 -16.18
CA ALA I 28 16.14 22.76 -15.89
C ALA I 28 16.47 22.85 -14.41
N LYS I 29 16.08 23.95 -13.76
CA LYS I 29 16.29 24.07 -12.31
C LYS I 29 15.43 23.06 -11.56
N ILE I 30 14.22 22.80 -12.05
CA ILE I 30 13.39 21.74 -11.48
C ILE I 30 14.08 20.39 -11.65
N GLN I 31 14.74 20.20 -12.80
CA GLN I 31 15.48 18.96 -13.02
C GLN I 31 16.70 18.87 -12.12
N ASP I 32 17.41 19.99 -11.94
CA ASP I 32 18.60 19.98 -11.09
C ASP I 32 18.26 19.70 -9.63
N LYS I 33 17.01 19.88 -9.23
CA LYS I 33 16.58 19.71 -7.85
C LYS I 33 15.71 18.47 -7.64
N GLU I 34 14.86 18.13 -8.61
CA GLU I 34 13.97 16.98 -8.48
C GLU I 34 14.26 15.85 -9.47
N GLY I 35 15.13 16.07 -10.45
CA GLY I 35 15.47 15.01 -11.38
C GLY I 35 14.44 14.70 -12.44
N ILE I 36 13.48 15.58 -12.66
CA ILE I 36 12.41 15.33 -13.62
C ILE I 36 12.84 15.87 -14.98
N PRO I 37 12.85 15.05 -16.03
CA PRO I 37 13.25 15.53 -17.36
C PRO I 37 12.37 16.68 -17.82
N PRO I 38 12.95 17.71 -18.43
CA PRO I 38 12.15 18.86 -18.85
C PRO I 38 11.09 18.53 -19.88
N ASP I 39 11.26 17.46 -20.65
CA ASP I 39 10.30 17.11 -21.70
C ASP I 39 8.95 16.73 -21.11
N GLN I 40 8.95 16.06 -19.96
CA GLN I 40 7.71 15.68 -19.29
C GLN I 40 7.17 16.77 -18.37
N GLN I 41 7.73 17.98 -18.44
CA GLN I 41 7.38 19.05 -17.51
C GLN I 41 6.45 20.05 -18.16
N ARG I 42 5.34 20.35 -17.48
CA ARG I 42 4.43 21.43 -17.87
C ARG I 42 4.20 22.31 -16.65
N LEU I 43 4.31 23.62 -16.85
CA LEU I 43 4.17 24.59 -15.78
C LEU I 43 2.95 25.46 -16.03
N ILE I 44 2.21 25.74 -14.96
CA ILE I 44 0.99 26.52 -15.02
C ILE I 44 1.06 27.61 -13.96
N PHE I 45 0.67 28.82 -14.35
CA PHE I 45 0.56 29.94 -13.42
C PHE I 45 -0.73 30.68 -13.69
N ALA I 46 -1.58 30.79 -12.67
CA ALA I 46 -2.82 31.56 -12.75
C ALA I 46 -3.69 31.09 -13.92
N GLY I 47 -3.70 29.79 -14.16
CA GLY I 47 -4.54 29.22 -15.19
C GLY I 47 -3.97 29.23 -16.60
N LYS I 48 -2.75 29.72 -16.78
CA LYS I 48 -2.12 29.74 -18.09
C LYS I 48 -0.90 28.82 -18.09
N GLN I 49 -0.74 28.06 -19.17
CA GLN I 49 0.44 27.23 -19.36
C GLN I 49 1.60 28.11 -19.81
N LEU I 50 2.77 27.90 -19.21
CA LEU I 50 3.94 28.73 -19.49
C LEU I 50 4.73 28.12 -20.64
N GLU I 51 4.97 28.90 -21.68
CA GLU I 51 5.60 28.40 -22.90
C GLU I 51 7.12 28.53 -22.84
N ASP I 52 7.80 27.55 -23.43
CA ASP I 52 9.24 27.39 -23.23
C ASP I 52 10.03 28.60 -23.72
N GLY I 53 9.51 29.33 -24.70
CA GLY I 53 10.24 30.46 -25.27
C GLY I 53 10.09 31.78 -24.55
N ARG I 54 9.22 31.87 -23.54
CA ARG I 54 8.98 33.10 -22.82
C ARG I 54 9.77 33.12 -21.51
N THR I 55 9.95 34.33 -20.98
CA THR I 55 10.60 34.51 -19.70
C THR I 55 9.57 34.59 -18.58
N LEU I 56 10.06 34.49 -17.35
CA LEU I 56 9.18 34.68 -16.20
C LEU I 56 8.61 36.09 -16.17
N SER I 57 9.45 37.08 -16.52
CA SER I 57 8.99 38.47 -16.56
C SER I 57 7.86 38.67 -17.59
N ASP I 58 7.80 37.81 -18.60
CA ASP I 58 6.72 37.91 -19.58
C ASP I 58 5.36 37.65 -18.95
N TYR I 59 5.30 36.72 -18.00
CA TYR I 59 4.07 36.39 -17.29
C TYR I 59 3.91 37.18 -16.00
N ASN I 60 4.78 38.16 -15.76
CA ASN I 60 4.77 38.96 -14.54
C ASN I 60 4.88 38.08 -13.30
N ILE I 61 5.57 36.94 -13.41
CA ILE I 61 5.89 36.09 -12.27
C ILE I 61 6.75 36.90 -11.30
N GLN I 62 6.19 37.23 -10.15
CA GLN I 62 6.90 38.01 -9.14
C GLN I 62 7.52 37.07 -8.12
N ARG I 63 8.14 37.66 -7.10
CA ARG I 63 8.71 36.85 -6.02
C ARG I 63 7.60 36.20 -5.20
N GLU I 64 7.90 35.00 -4.69
CA GLU I 64 6.98 34.20 -3.88
C GLU I 64 5.74 33.76 -4.66
N SER I 65 5.78 33.85 -5.99
CA SER I 65 4.71 33.27 -6.80
C SER I 65 4.86 31.76 -6.82
N THR I 66 3.75 31.06 -7.02
CA THR I 66 3.73 29.61 -7.03
C THR I 66 3.34 29.11 -8.41
N LEU I 67 4.22 28.31 -9.02
CA LEU I 67 3.92 27.63 -10.26
C LEU I 67 3.45 26.21 -9.96
N HIS I 68 2.56 25.70 -10.81
CA HIS I 68 2.02 24.37 -10.65
C HIS I 68 2.64 23.44 -11.68
N LEU I 69 3.36 22.43 -11.21
CA LEU I 69 4.03 21.47 -12.09
C LEU I 69 3.11 20.29 -12.37
N VAL I 70 2.87 20.02 -13.64
CA VAL I 70 2.09 18.86 -14.06
C VAL I 70 2.92 18.10 -15.10
N LEU I 71 3.12 16.82 -14.85
CA LEU I 71 3.94 16.00 -15.74
C LEU I 71 3.11 15.48 -16.91
N ARG I 72 3.72 15.43 -18.09
CA ARG I 72 3.15 14.79 -19.26
C ARG I 72 3.98 13.54 -19.55
N LEU I 73 3.38 12.36 -19.34
CA LEU I 73 4.10 11.09 -19.39
C LEU I 73 3.54 10.23 -20.50
N ARG I 74 4.41 9.82 -21.42
CA ARG I 74 4.04 8.76 -22.36
C ARG I 74 3.99 7.45 -21.61
N GLY I 75 2.86 6.74 -21.74
CA GLY I 75 2.67 5.49 -21.03
C GLY I 75 3.80 4.51 -21.20
N GLY I 76 4.12 3.78 -20.13
CA GLY I 76 5.20 2.81 -20.15
C GLY I 76 5.13 1.87 -21.34
N SER J 11 53.33 -9.56 -52.73
CA SER J 11 52.40 -9.49 -51.61
C SER J 11 52.93 -10.28 -50.42
N LYS J 12 53.18 -9.59 -49.32
CA LYS J 12 53.75 -10.21 -48.14
C LYS J 12 52.70 -11.00 -47.35
N GLY J 13 53.18 -11.82 -46.43
CA GLY J 13 52.33 -12.56 -45.51
C GLY J 13 52.71 -12.25 -44.07
N LEU J 14 51.89 -12.74 -43.15
CA LEU J 14 52.05 -12.44 -41.73
C LEU J 14 52.26 -13.72 -40.94
N SER J 15 53.26 -13.72 -40.06
CA SER J 15 53.64 -14.94 -39.35
C SER J 15 52.61 -15.29 -38.27
N ASN J 16 52.36 -16.59 -38.11
CA ASN J 16 51.51 -17.11 -37.04
C ASN J 16 52.18 -18.36 -36.49
N GLU J 17 52.96 -18.19 -35.43
CA GLU J 17 53.65 -19.31 -34.82
C GLU J 17 52.66 -20.23 -34.11
N PRO J 18 53.06 -21.49 -33.82
CA PRO J 18 52.14 -22.45 -33.18
C PRO J 18 51.41 -21.92 -31.96
N GLY J 19 52.16 -21.49 -30.94
CA GLY J 19 51.52 -21.07 -29.69
C GLY J 19 50.57 -19.90 -29.86
N GLN J 20 50.99 -18.89 -30.62
CA GLN J 20 50.18 -17.71 -30.81
C GLN J 20 49.06 -17.98 -31.81
N ASN J 21 47.95 -17.26 -31.65
CA ASN J 21 46.79 -17.45 -32.51
C ASN J 21 46.42 -16.13 -33.18
N SER J 22 47.30 -15.62 -34.04
CA SER J 22 47.19 -14.27 -34.56
C SER J 22 46.48 -14.20 -35.90
N CYS J 23 45.82 -15.28 -36.34
CA CYS J 23 45.21 -15.27 -37.67
C CYS J 23 44.00 -14.34 -37.74
N PHE J 24 43.32 -14.11 -36.62
CA PHE J 24 42.28 -13.07 -36.62
C PHE J 24 42.90 -11.70 -36.82
N LEU J 25 44.10 -11.48 -36.27
CA LEU J 25 44.79 -10.22 -36.47
C LEU J 25 45.30 -10.09 -37.90
N ASN J 26 45.99 -11.12 -38.39
CA ASN J 26 46.62 -11.02 -39.70
C ASN J 26 45.59 -10.95 -40.82
N SER J 27 44.45 -11.62 -40.66
CA SER J 27 43.39 -11.51 -41.67
C SER J 27 42.83 -10.09 -41.71
N ALA J 28 42.64 -9.47 -40.55
CA ALA J 28 42.12 -8.10 -40.53
C ALA J 28 43.17 -7.11 -41.01
N LEU J 29 44.44 -7.35 -40.67
CA LEU J 29 45.50 -6.42 -41.06
C LEU J 29 45.69 -6.39 -42.57
N GLN J 30 45.54 -7.54 -43.23
CA GLN J 30 45.69 -7.59 -44.69
C GLN J 30 44.64 -6.72 -45.37
N VAL J 31 43.40 -6.76 -44.86
CA VAL J 31 42.34 -5.92 -45.42
C VAL J 31 42.70 -4.45 -45.32
N LEU J 32 43.17 -4.03 -44.14
CA LEU J 32 43.55 -2.63 -43.93
C LEU J 32 44.68 -2.23 -44.87
N TRP J 33 45.73 -3.05 -44.94
CA TRP J 33 46.88 -2.70 -45.78
C TRP J 33 46.49 -2.66 -47.26
N HIS J 34 45.64 -3.57 -47.69
CA HIS J 34 45.29 -3.67 -49.10
C HIS J 34 44.17 -2.74 -49.52
N LEU J 35 43.41 -2.19 -48.57
CA LEU J 35 42.40 -1.19 -48.88
C LEU J 35 43.09 0.10 -49.31
N ASP J 36 42.88 0.50 -50.57
CA ASP J 36 43.60 1.66 -51.11
C ASP J 36 43.23 2.94 -50.37
N ILE J 37 41.99 3.05 -49.89
CA ILE J 37 41.57 4.29 -49.24
C ILE J 37 42.17 4.39 -47.84
N PHE J 38 42.31 3.27 -47.14
CA PHE J 38 42.90 3.28 -45.81
C PHE J 38 44.40 3.47 -45.87
N ARG J 39 45.08 2.67 -46.70
CA ARG J 39 46.54 2.69 -46.74
C ARG J 39 47.06 4.06 -47.17
N ARG J 40 46.52 4.60 -48.27
CA ARG J 40 46.93 5.92 -48.74
C ARG J 40 46.66 6.98 -47.68
N SER J 41 45.48 6.96 -47.07
CA SER J 41 45.16 7.92 -46.02
C SER J 41 46.06 7.74 -44.80
N PHE J 42 46.32 6.48 -44.41
CA PHE J 42 47.14 6.21 -43.24
C PHE J 42 48.56 6.76 -43.42
N ARG J 43 49.09 6.69 -44.64
CA ARG J 43 50.45 7.17 -44.89
C ARG J 43 50.55 8.69 -44.74
N GLN J 44 49.49 9.42 -45.10
CA GLN J 44 49.49 10.86 -44.90
C GLN J 44 49.50 11.21 -43.41
N LEU J 45 48.91 10.35 -42.57
CA LEU J 45 48.85 10.61 -41.14
C LEU J 45 50.25 10.63 -40.54
N THR J 46 50.60 11.75 -39.92
CA THR J 46 51.88 11.91 -39.24
C THR J 46 51.75 12.22 -37.76
N THR J 47 50.57 12.64 -37.30
CA THR J 47 50.35 12.99 -35.91
C THR J 47 49.28 12.08 -35.33
N HIS J 48 49.49 11.66 -34.07
CA HIS J 48 48.57 10.75 -33.41
C HIS J 48 48.72 10.86 -31.91
N LYS J 49 47.64 10.55 -31.19
CA LYS J 49 47.68 10.50 -29.74
C LYS J 49 48.42 9.24 -29.30
N CYS J 50 49.73 9.36 -29.08
CA CYS J 50 50.53 8.21 -28.71
C CYS J 50 50.24 7.82 -27.27
N MET J 51 50.07 6.52 -27.04
CA MET J 51 49.76 5.98 -25.71
C MET J 51 50.94 5.22 -25.10
N GLY J 52 52.15 5.42 -25.63
CA GLY J 52 53.31 4.74 -25.11
C GLY J 52 53.71 3.53 -25.93
N ASP J 53 54.26 2.51 -25.27
CA ASP J 53 54.67 1.31 -25.99
C ASP J 53 53.47 0.58 -26.56
N SER J 54 52.36 0.53 -25.82
CA SER J 54 51.15 -0.17 -26.27
C SER J 54 50.36 0.61 -27.31
N CYS J 55 50.88 1.74 -27.78
CA CYS J 55 50.16 2.55 -28.76
C CYS J 55 49.95 1.76 -30.06
N ILE J 56 48.68 1.56 -30.42
CA ILE J 56 48.35 0.76 -31.59
C ILE J 56 48.82 1.45 -32.87
N PHE J 57 48.61 2.77 -32.96
CA PHE J 57 49.03 3.54 -34.13
C PHE J 57 50.50 3.29 -34.46
N CYS J 58 51.37 3.42 -33.47
CA CYS J 58 52.79 3.19 -33.68
C CYS J 58 53.06 1.80 -34.22
N ALA J 59 52.50 0.77 -33.56
CA ALA J 59 52.65 -0.59 -34.04
C ALA J 59 52.13 -0.73 -35.47
N LEU J 60 50.90 -0.26 -35.70
CA LEU J 60 50.33 -0.29 -37.05
C LEU J 60 51.22 0.43 -38.05
N LYS J 61 51.72 1.61 -37.69
CA LYS J 61 52.56 2.39 -38.58
C LYS J 61 53.81 1.61 -38.99
N GLY J 62 54.44 0.92 -38.04
CA GLY J 62 55.63 0.16 -38.37
C GLY J 62 55.33 -1.01 -39.29
N ILE J 63 54.27 -1.76 -38.99
CA ILE J 63 53.86 -2.86 -39.85
C ILE J 63 53.62 -2.37 -41.28
N PHE J 64 53.00 -1.19 -41.40
CA PHE J 64 52.75 -0.62 -42.72
C PHE J 64 54.04 -0.23 -43.42
N ASN J 65 55.06 0.19 -42.65
CA ASN J 65 56.34 0.55 -43.24
C ASN J 65 57.04 -0.69 -43.80
N GLN J 66 57.09 -1.78 -43.03
CA GLN J 66 57.70 -3.01 -43.52
C GLN J 66 56.92 -3.61 -44.69
N PHE J 67 55.60 -3.45 -44.68
CA PHE J 67 54.78 -3.90 -45.81
C PHE J 67 55.18 -3.25 -47.12
N GLN J 68 55.80 -2.06 -47.06
CA GLN J 68 56.22 -1.34 -48.25
C GLN J 68 57.73 -1.28 -48.43
N CYS J 69 58.51 -1.66 -47.41
CA CYS J 69 59.96 -1.54 -47.45
C CYS J 69 60.66 -2.89 -47.34
N SER J 70 60.29 -3.71 -46.37
CA SER J 70 60.98 -4.96 -46.12
C SER J 70 60.91 -5.87 -47.34
N SER J 71 62.08 -6.32 -47.80
CA SER J 71 62.14 -7.29 -48.89
C SER J 71 61.70 -8.68 -48.47
N GLU J 72 61.57 -8.93 -47.16
CA GLU J 72 61.10 -10.21 -46.67
C GLU J 72 59.68 -10.47 -47.17
N LYS J 73 59.37 -11.76 -47.35
CA LYS J 73 58.05 -12.15 -47.84
C LYS J 73 57.04 -12.37 -46.73
N VAL J 74 57.50 -12.71 -45.53
CA VAL J 74 56.63 -12.93 -44.38
C VAL J 74 57.05 -11.96 -43.28
N LEU J 75 56.07 -11.26 -42.69
CA LEU J 75 56.30 -10.20 -41.73
C LEU J 75 55.65 -10.55 -40.39
N PRO J 76 56.19 -10.06 -39.28
CA PRO J 76 55.57 -10.31 -37.98
C PRO J 76 54.45 -9.31 -37.68
N SER J 77 53.62 -9.69 -36.70
CA SER J 77 52.53 -8.82 -36.25
C SER J 77 52.43 -8.76 -34.74
N ASP J 78 53.40 -9.29 -34.00
CA ASP J 78 53.32 -9.35 -32.55
C ASP J 78 53.30 -7.97 -31.90
N THR J 79 53.80 -6.94 -32.59
CA THR J 79 53.73 -5.58 -32.07
C THR J 79 52.28 -5.18 -31.81
N LEU J 80 51.44 -5.25 -32.85
CA LEU J 80 50.03 -4.93 -32.69
C LEU J 80 49.35 -5.87 -31.72
N ARG J 81 49.69 -7.16 -31.78
CA ARG J 81 49.07 -8.15 -30.91
C ARG J 81 49.32 -7.81 -29.44
N SER J 82 50.54 -7.44 -29.09
CA SER J 82 50.84 -7.04 -27.72
C SER J 82 50.10 -5.75 -27.36
N ALA J 83 50.05 -4.79 -28.29
CA ALA J 83 49.34 -3.54 -28.04
C ALA J 83 47.86 -3.80 -27.78
N LEU J 84 47.20 -4.50 -28.70
CA LEU J 84 45.78 -4.84 -28.52
C LEU J 84 45.54 -5.50 -27.16
N ALA J 85 46.33 -6.53 -26.86
CA ALA J 85 46.18 -7.23 -25.58
C ALA J 85 46.30 -6.26 -24.41
N LYS J 86 47.36 -5.46 -24.39
CA LYS J 86 47.50 -4.44 -23.35
C LYS J 86 46.33 -3.46 -23.39
N THR J 87 46.16 -2.76 -24.52
CA THR J 87 45.09 -1.79 -24.69
C THR J 87 43.71 -2.37 -24.36
N PHE J 88 43.56 -3.69 -24.40
CA PHE J 88 42.31 -4.35 -24.05
C PHE J 88 42.49 -5.31 -22.88
N GLN J 89 43.42 -5.00 -21.97
CA GLN J 89 43.69 -5.89 -20.84
C GLN J 89 42.49 -6.04 -19.94
N ASP J 90 41.90 -4.91 -19.51
CA ASP J 90 40.75 -4.96 -18.61
C ASP J 90 39.55 -5.63 -19.25
N GLU J 91 39.46 -5.60 -20.59
CA GLU J 91 38.36 -6.23 -21.29
C GLU J 91 38.52 -7.73 -21.45
N GLN J 92 39.69 -8.28 -21.11
CA GLN J 92 39.98 -9.71 -21.29
C GLN J 92 39.70 -10.16 -22.72
N ARG J 93 40.00 -9.27 -23.67
CA ARG J 93 39.77 -9.52 -25.08
C ARG J 93 41.07 -9.27 -25.85
N PHE J 94 41.17 -9.92 -27.01
CA PHE J 94 42.35 -9.82 -27.87
C PHE J 94 43.63 -10.10 -27.09
N GLN J 95 43.53 -10.96 -26.09
CA GLN J 95 44.65 -11.27 -25.22
C GLN J 95 45.62 -12.22 -25.91
N LEU J 96 46.89 -12.12 -25.51
CA LEU J 96 47.97 -12.85 -26.18
C LEU J 96 47.84 -14.36 -25.99
N GLY J 97 47.95 -15.10 -27.08
CA GLY J 97 47.91 -16.55 -27.04
C GLY J 97 46.54 -17.16 -27.20
N ILE J 98 45.48 -16.37 -27.19
CA ILE J 98 44.11 -16.86 -27.27
C ILE J 98 43.51 -16.40 -28.58
N MET J 99 42.56 -17.18 -29.07
CA MET J 99 41.85 -16.88 -30.30
C MET J 99 40.80 -15.81 -30.07
N ASP J 100 40.38 -15.16 -31.15
CA ASP J 100 39.36 -14.12 -31.07
C ASP J 100 38.74 -13.91 -32.44
N ASP J 101 37.69 -13.08 -32.45
CA ASP J 101 36.94 -12.80 -33.66
C ASP J 101 37.67 -11.76 -34.50
N ALA J 102 37.72 -11.98 -35.81
CA ALA J 102 38.39 -11.07 -36.72
C ALA J 102 37.57 -9.81 -36.99
N ALA J 103 36.23 -9.92 -36.99
CA ALA J 103 35.41 -8.73 -37.17
C ALA J 103 35.50 -7.81 -35.96
N GLU J 104 35.44 -8.38 -34.76
CA GLU J 104 35.72 -7.61 -33.54
C GLU J 104 37.06 -6.90 -33.64
N CYS J 105 38.08 -7.62 -34.09
CA CYS J 105 39.39 -7.03 -34.27
C CYS J 105 39.31 -5.88 -35.29
N PHE J 106 38.81 -6.15 -36.49
CA PHE J 106 38.67 -5.08 -37.49
C PHE J 106 37.87 -3.91 -36.94
N GLU J 107 36.81 -4.18 -36.17
CA GLU J 107 35.96 -3.11 -35.64
C GLU J 107 36.71 -2.25 -34.64
N ASN J 108 37.27 -2.89 -33.60
CA ASN J 108 37.93 -2.14 -32.53
C ASN J 108 39.16 -1.40 -33.06
N LEU J 109 39.86 -1.97 -34.04
CA LEU J 109 41.01 -1.29 -34.63
C LEU J 109 40.59 0.03 -35.28
N LEU J 110 39.47 0.03 -36.00
CA LEU J 110 38.99 1.26 -36.64
C LEU J 110 38.59 2.29 -35.59
N MET J 111 37.93 1.85 -34.52
CA MET J 111 37.59 2.77 -33.44
C MET J 111 38.85 3.27 -32.74
N ARG J 112 39.85 2.39 -32.59
CA ARG J 112 41.09 2.80 -31.96
C ARG J 112 41.86 3.79 -32.81
N ILE J 113 41.76 3.67 -34.14
CA ILE J 113 42.32 4.69 -35.01
C ILE J 113 41.73 6.06 -34.67
N HIS J 114 40.39 6.13 -34.63
CA HIS J 114 39.73 7.38 -34.27
C HIS J 114 40.13 7.84 -32.88
N PHE J 115 40.23 6.93 -31.92
CA PHE J 115 40.68 7.25 -30.57
C PHE J 115 42.14 7.71 -30.54
N HIS J 116 42.77 7.80 -31.71
CA HIS J 116 44.15 8.27 -31.83
C HIS J 116 44.32 9.50 -32.72
N ILE J 117 43.35 9.82 -33.58
CA ILE J 117 43.45 10.93 -34.53
C ILE J 117 42.18 11.79 -34.39
N ALA J 118 41.75 12.04 -33.16
CA ALA J 118 40.56 12.85 -32.98
C ALA J 118 40.63 13.61 -31.66
N ASP J 119 39.94 14.74 -31.63
CA ASP J 119 39.93 15.61 -30.45
C ASP J 119 38.93 15.06 -29.44
N GLU J 120 39.45 14.53 -28.33
CA GLU J 120 38.58 13.97 -27.30
C GLU J 120 37.71 15.04 -26.66
N THR J 121 38.18 16.28 -26.63
CA THR J 121 37.40 17.38 -26.06
C THR J 121 35.98 17.41 -26.64
N LYS J 122 35.84 17.06 -27.91
CA LYS J 122 34.52 16.99 -28.54
C LYS J 122 33.61 16.06 -27.77
N GLU J 123 32.33 16.45 -27.67
CA GLU J 123 31.33 15.68 -26.92
C GLU J 123 30.78 14.57 -27.81
N ASP J 124 31.62 13.56 -28.04
CA ASP J 124 31.24 12.35 -28.79
C ASP J 124 30.80 12.66 -30.21
N ILE J 125 31.46 13.64 -30.83
CA ILE J 125 31.18 14.03 -32.22
C ILE J 125 32.50 14.20 -32.95
N CYS J 126 32.63 13.56 -34.11
CA CYS J 126 33.86 13.55 -34.88
C CYS J 126 33.64 14.30 -36.19
N THR J 127 34.40 15.38 -36.39
CA THR J 127 34.39 16.12 -37.65
C THR J 127 35.77 16.21 -38.29
N ALA J 128 36.80 15.68 -37.63
CA ALA J 128 38.15 15.72 -38.17
C ALA J 128 38.20 15.15 -39.58
N GLN J 129 38.83 15.90 -40.49
CA GLN J 129 38.99 15.45 -41.86
C GLN J 129 40.11 14.42 -42.01
N HIS J 130 40.88 14.19 -40.94
CA HIS J 130 41.93 13.18 -40.97
C HIS J 130 41.46 11.82 -40.48
N CYS J 131 40.29 11.74 -39.86
CA CYS J 131 39.82 10.48 -39.28
C CYS J 131 39.39 9.53 -40.39
N ILE J 132 40.11 8.42 -40.54
CA ILE J 132 39.82 7.47 -41.61
C ILE J 132 38.50 6.75 -41.34
N SER J 133 38.30 6.28 -40.11
CA SER J 133 37.16 5.42 -39.81
C SER J 133 35.84 6.15 -39.92
N HIS J 134 35.81 7.45 -39.65
CA HIS J 134 34.56 8.19 -39.70
C HIS J 134 34.32 8.89 -41.04
N GLN J 135 35.39 9.30 -41.73
CA GLN J 135 35.23 10.06 -42.96
C GLN J 135 34.89 9.17 -44.16
N LYS J 136 35.36 7.92 -44.18
CA LYS J 136 35.17 7.07 -45.33
C LYS J 136 34.74 5.64 -44.99
N PHE J 137 34.51 5.32 -43.72
CA PHE J 137 34.10 3.98 -43.30
C PHE J 137 32.77 3.96 -42.57
N ALA J 138 32.49 4.97 -41.75
CA ALA J 138 31.36 4.93 -40.84
C ALA J 138 30.03 5.20 -41.56
N MET J 139 29.00 4.47 -41.16
CA MET J 139 27.65 4.66 -41.67
C MET J 139 26.83 5.43 -40.63
N THR J 140 26.33 6.60 -41.02
CA THR J 140 25.51 7.44 -40.16
C THR J 140 24.04 7.15 -40.47
N LEU J 141 23.34 6.58 -39.49
CA LEU J 141 21.94 6.20 -39.66
C LEU J 141 21.11 6.69 -38.48
N PHE J 142 19.79 6.66 -38.68
CA PHE J 142 18.85 6.73 -37.58
C PHE J 142 17.70 5.77 -37.88
N GLU J 143 17.22 5.10 -36.84
CA GLU J 143 16.09 4.19 -36.95
C GLU J 143 14.80 4.90 -36.54
N GLN J 144 13.70 4.48 -37.14
CA GLN J 144 12.43 5.14 -36.87
C GLN J 144 11.28 4.19 -37.19
N CYS J 145 10.25 4.25 -36.35
CA CYS J 145 9.02 3.51 -36.56
C CYS J 145 7.95 4.47 -37.09
N VAL J 146 7.49 4.23 -38.32
CA VAL J 146 6.51 5.09 -38.97
C VAL J 146 5.30 4.26 -39.39
N CYS J 147 4.11 4.74 -39.04
CA CYS J 147 2.86 4.08 -39.36
C CYS J 147 2.21 4.78 -40.54
N THR J 148 1.90 4.03 -41.59
CA THR J 148 1.29 4.59 -42.79
C THR J 148 -0.23 4.72 -42.68
N SER J 149 -0.80 4.41 -41.51
CA SER J 149 -2.24 4.50 -41.32
C SER J 149 -2.61 5.71 -40.46
N CYS J 150 -2.24 5.72 -39.19
CA CYS J 150 -2.55 6.84 -38.31
C CYS J 150 -1.53 7.97 -38.39
N GLY J 151 -0.48 7.81 -39.19
CA GLY J 151 0.53 8.84 -39.31
C GLY J 151 1.42 9.02 -38.11
N ALA J 152 1.39 8.08 -37.16
CA ALA J 152 2.23 8.20 -35.98
C ALA J 152 3.69 7.88 -36.32
N THR J 153 4.58 8.32 -35.46
CA THR J 153 6.01 8.20 -35.69
C THR J 153 6.72 8.06 -34.35
N SER J 154 7.66 7.12 -34.27
CA SER J 154 8.42 6.92 -33.04
C SER J 154 9.55 7.93 -32.95
N ASP J 155 10.18 7.96 -31.77
CA ASP J 155 11.33 8.85 -31.57
C ASP J 155 12.51 8.36 -32.41
N PRO J 156 13.21 9.26 -33.10
CA PRO J 156 14.35 8.83 -33.92
C PRO J 156 15.50 8.33 -33.05
N LEU J 157 16.16 7.26 -33.54
CA LEU J 157 17.28 6.63 -32.83
C LEU J 157 18.52 6.70 -33.72
N PRO J 158 19.27 7.80 -33.65
CA PRO J 158 20.49 7.90 -34.45
C PRO J 158 21.64 7.15 -33.81
N PHE J 159 22.55 6.68 -34.66
CA PHE J 159 23.75 5.99 -34.19
C PHE J 159 24.73 5.87 -35.35
N ILE J 160 25.95 5.46 -35.02
CA ILE J 160 27.02 5.26 -35.99
C ILE J 160 27.49 3.82 -35.87
N GLN J 161 27.67 3.15 -37.01
CA GLN J 161 28.19 1.78 -37.04
C GLN J 161 29.31 1.68 -38.07
N MET J 162 30.38 0.99 -37.68
CA MET J 162 31.46 0.72 -38.61
C MET J 162 31.12 -0.45 -39.54
N VAL J 163 30.34 -1.41 -39.06
CA VAL J 163 29.97 -2.60 -39.82
C VAL J 163 28.46 -2.75 -39.82
N HIS J 164 27.91 -3.16 -40.96
CA HIS J 164 26.48 -3.38 -41.13
C HIS J 164 26.23 -4.89 -41.11
N TYR J 165 25.56 -5.35 -40.05
CA TYR J 165 25.42 -6.77 -39.78
C TYR J 165 24.06 -7.29 -40.27
N ILE J 166 24.11 -8.36 -41.07
CA ILE J 166 22.92 -8.98 -41.63
C ILE J 166 22.99 -10.49 -41.38
N SER J 167 21.85 -11.11 -41.11
CA SER J 167 21.80 -12.53 -40.78
C SER J 167 21.94 -13.37 -42.05
N THR J 168 22.81 -14.39 -41.97
CA THR J 168 22.98 -15.30 -43.10
C THR J 168 21.67 -16.02 -43.43
N THR J 169 20.88 -16.33 -42.41
CA THR J 169 19.58 -16.97 -42.66
C THR J 169 18.66 -16.06 -43.44
N SER J 170 18.60 -14.77 -43.06
CA SER J 170 17.75 -13.83 -43.79
C SER J 170 18.25 -13.61 -45.21
N LEU J 171 19.58 -13.60 -45.39
CA LEU J 171 20.15 -13.40 -46.72
C LEU J 171 19.78 -14.55 -47.66
N CYS J 172 19.92 -15.79 -47.17
CA CYS J 172 19.53 -16.93 -47.99
C CYS J 172 18.05 -16.85 -48.34
N ASN J 173 17.19 -16.81 -47.32
CA ASN J 173 15.73 -16.82 -47.52
C ASN J 173 15.27 -15.74 -48.49
N GLN J 174 15.96 -14.61 -48.54
CA GLN J 174 15.60 -13.54 -49.48
C GLN J 174 16.24 -13.72 -50.86
N ALA J 175 17.16 -14.67 -51.01
CA ALA J 175 17.80 -14.94 -52.30
C ALA J 175 17.36 -16.27 -52.89
N ILE J 176 16.19 -16.79 -52.49
CA ILE J 176 15.76 -18.12 -52.91
C ILE J 176 15.55 -18.16 -54.43
N CYS J 177 14.80 -17.18 -54.94
CA CYS J 177 14.55 -17.13 -56.39
C CYS J 177 15.85 -16.88 -57.15
N MET J 178 16.74 -16.07 -56.59
CA MET J 178 18.02 -15.82 -57.22
C MET J 178 18.89 -17.08 -57.22
N LEU J 179 18.98 -17.74 -56.06
CA LEU J 179 19.78 -18.97 -55.97
C LEU J 179 19.19 -20.08 -56.83
N GLU J 180 17.88 -20.04 -57.09
CA GLU J 180 17.25 -21.10 -57.87
C GLU J 180 17.63 -21.01 -59.35
N ARG J 181 17.58 -19.80 -59.92
CA ARG J 181 17.93 -19.61 -61.32
C ARG J 181 19.43 -19.54 -61.57
N ARG J 182 20.25 -19.67 -60.51
CA ARG J 182 21.71 -19.58 -60.62
C ARG J 182 22.15 -18.22 -61.15
N GLU J 183 21.46 -17.17 -60.72
CA GLU J 183 21.80 -15.80 -61.08
C GLU J 183 22.55 -15.15 -59.94
N LYS J 184 23.75 -14.65 -60.22
CA LYS J 184 24.48 -13.90 -59.21
C LYS J 184 23.83 -12.54 -59.00
N PRO J 185 23.73 -12.06 -57.76
CA PRO J 185 23.09 -10.75 -57.51
C PRO J 185 23.72 -9.61 -58.29
N SER J 186 22.95 -9.05 -59.22
CA SER J 186 23.42 -7.93 -60.02
C SER J 186 23.40 -6.65 -59.19
N PRO J 187 24.10 -5.60 -59.65
CA PRO J 187 24.00 -4.29 -59.00
C PRO J 187 22.55 -3.86 -58.81
N SER J 188 22.33 -3.02 -57.80
CA SER J 188 21.00 -2.57 -57.39
C SER J 188 20.18 -3.73 -56.82
N MET J 189 20.06 -4.84 -57.58
CA MET J 189 19.39 -6.02 -57.06
C MET J 189 20.08 -6.55 -55.81
N PHE J 190 21.42 -6.46 -55.78
CA PHE J 190 22.14 -6.94 -54.59
C PHE J 190 21.93 -6.00 -53.41
N GLY J 191 21.85 -4.69 -53.66
CA GLY J 191 21.58 -3.76 -52.58
C GLY J 191 20.21 -3.98 -51.96
N GLU J 192 19.18 -4.15 -52.80
CA GLU J 192 17.85 -4.45 -52.29
C GLU J 192 17.83 -5.78 -51.54
N LEU J 193 18.62 -6.75 -52.00
CA LEU J 193 18.71 -8.03 -51.30
C LEU J 193 19.21 -7.84 -49.88
N LEU J 194 20.27 -7.06 -49.71
CA LEU J 194 20.80 -6.81 -48.37
C LEU J 194 19.80 -6.03 -47.52
N GLN J 195 19.12 -5.04 -48.12
CA GLN J 195 18.15 -4.25 -47.37
C GLN J 195 16.97 -5.11 -46.94
N ASN J 196 16.43 -5.92 -47.86
CA ASN J 196 15.29 -6.75 -47.52
C ASN J 196 15.66 -7.81 -46.50
N ALA J 197 16.89 -8.33 -46.57
CA ALA J 197 17.34 -9.29 -45.57
C ALA J 197 17.59 -8.62 -44.22
N SER J 198 18.00 -7.35 -44.23
CA SER J 198 18.27 -6.65 -42.98
C SER J 198 16.99 -6.38 -42.20
N THR J 199 15.95 -5.89 -42.88
CA THR J 199 14.69 -5.54 -42.24
C THR J 199 13.76 -6.74 -42.12
N MET J 200 14.32 -7.94 -41.94
CA MET J 200 13.51 -9.16 -41.92
C MET J 200 12.65 -9.22 -40.66
N GLY J 201 13.28 -9.16 -39.50
CA GLY J 201 12.55 -9.28 -38.25
C GLY J 201 12.21 -7.96 -37.60
N ASP J 202 12.03 -6.91 -38.40
CA ASP J 202 11.80 -5.58 -37.90
C ASP J 202 10.31 -5.24 -37.77
N LEU J 203 9.45 -6.25 -37.67
CA LEU J 203 8.04 -6.00 -37.41
C LEU J 203 7.85 -5.52 -35.97
N ARG J 204 7.19 -4.37 -35.81
CA ARG J 204 6.92 -3.84 -34.48
C ARG J 204 5.55 -3.18 -34.49
N ASN J 205 5.05 -2.90 -33.29
CA ASN J 205 3.76 -2.23 -33.14
C ASN J 205 3.86 -0.76 -33.53
N CYS J 206 2.71 -0.19 -33.87
CA CYS J 206 2.63 1.25 -34.11
C CYS J 206 3.04 1.99 -32.84
N PRO J 207 3.89 3.02 -32.94
CA PRO J 207 4.29 3.75 -31.72
C PRO J 207 3.13 4.40 -30.98
N SER J 208 2.01 4.65 -31.66
CA SER J 208 0.80 5.14 -31.01
C SER J 208 -0.14 4.02 -30.61
N ASN J 209 0.31 2.76 -30.69
CA ASN J 209 -0.46 1.59 -30.26
C ASN J 209 -1.77 1.44 -31.03
N CYS J 210 -1.85 1.97 -32.24
CA CYS J 210 -2.94 1.61 -33.13
C CYS J 210 -2.67 0.22 -33.70
N GLY J 211 -3.74 -0.42 -34.18
CA GLY J 211 -3.65 -1.83 -34.57
C GLY J 211 -2.57 -2.11 -35.59
N GLU J 212 -2.36 -1.18 -36.52
CA GLU J 212 -1.45 -1.41 -37.63
C GLU J 212 -0.03 -1.69 -37.14
N ARG J 213 0.59 -2.73 -37.70
CA ARG J 213 1.97 -3.05 -37.41
C ARG J 213 2.88 -2.41 -38.46
N ILE J 214 4.09 -2.06 -38.03
CA ILE J 214 5.01 -1.29 -38.86
C ILE J 214 6.32 -2.07 -38.98
N ARG J 215 7.18 -1.58 -39.88
CA ARG J 215 8.52 -2.11 -40.07
C ARG J 215 9.54 -1.03 -39.76
N ILE J 216 10.60 -1.41 -39.03
CA ILE J 216 11.65 -0.45 -38.69
C ILE J 216 12.32 0.05 -39.96
N ARG J 217 12.54 1.36 -40.02
CA ARG J 217 13.14 2.00 -41.17
C ARG J 217 14.51 2.56 -40.80
N ARG J 218 15.52 2.25 -41.60
CA ARG J 218 16.87 2.77 -41.46
C ARG J 218 17.20 3.66 -42.66
N VAL J 219 17.76 4.83 -42.40
CA VAL J 219 18.10 5.77 -43.45
C VAL J 219 19.52 6.27 -43.24
N LEU J 220 20.32 6.24 -44.31
CA LEU J 220 21.72 6.64 -44.27
C LEU J 220 21.84 8.13 -44.54
N MET J 221 22.60 8.83 -43.69
CA MET J 221 22.69 10.28 -43.75
C MET J 221 24.05 10.79 -44.22
N ASN J 222 25.05 9.93 -44.37
CA ASN J 222 26.34 10.36 -44.90
C ASN J 222 26.69 9.57 -46.14
N ALA J 223 27.95 9.61 -46.56
CA ALA J 223 28.42 8.93 -47.77
C ALA J 223 29.72 8.21 -47.46
N PRO J 224 29.66 7.01 -46.89
CA PRO J 224 30.88 6.20 -46.75
C PRO J 224 31.35 5.70 -48.10
N GLN J 225 32.67 5.71 -48.29
CA GLN J 225 33.26 5.22 -49.53
C GLN J 225 33.80 3.80 -49.40
N ILE J 226 33.64 3.19 -48.23
CA ILE J 226 33.92 1.78 -48.02
C ILE J 226 32.82 1.25 -47.09
N ILE J 227 32.10 0.24 -47.56
CA ILE J 227 30.99 -0.35 -46.81
C ILE J 227 31.42 -1.74 -46.35
N THR J 228 31.46 -1.93 -45.03
CA THR J 228 31.86 -3.20 -44.43
C THR J 228 30.60 -3.94 -43.99
N ILE J 229 30.33 -5.07 -44.63
CA ILE J 229 29.18 -5.91 -44.31
C ILE J 229 29.64 -7.07 -43.43
N GLY J 230 28.95 -7.27 -42.32
CA GLY J 230 29.20 -8.39 -41.42
C GLY J 230 28.06 -9.40 -41.53
N LEU J 231 28.43 -10.67 -41.67
CA LEU J 231 27.47 -11.74 -41.81
C LEU J 231 27.29 -12.43 -40.46
N VAL J 232 26.05 -12.49 -39.98
CA VAL J 232 25.71 -13.14 -38.72
C VAL J 232 25.35 -14.59 -39.03
N TRP J 233 26.16 -15.52 -38.54
CA TRP J 233 25.99 -16.94 -38.83
C TRP J 233 25.20 -17.63 -37.74
N ASP J 234 24.64 -18.80 -38.08
CA ASP J 234 23.92 -19.60 -37.11
C ASP J 234 24.82 -20.55 -36.33
N SER J 235 26.02 -20.83 -36.84
CA SER J 235 26.95 -21.75 -36.18
C SER J 235 28.31 -21.59 -36.84
N ASP J 236 29.34 -22.12 -36.17
CA ASP J 236 30.69 -22.19 -36.72
C ASP J 236 30.87 -23.38 -37.65
N HIS J 237 29.79 -24.03 -38.06
CA HIS J 237 29.83 -25.11 -39.05
C HIS J 237 28.56 -25.08 -39.90
N SER J 238 28.16 -23.87 -40.30
CA SER J 238 26.87 -23.70 -41.01
C SER J 238 26.81 -24.45 -42.33
N ASP J 239 25.60 -24.83 -42.76
CA ASP J 239 25.41 -25.51 -44.06
C ASP J 239 24.80 -24.50 -45.03
N LEU J 240 24.76 -23.22 -44.63
CA LEU J 240 24.23 -22.15 -45.52
C LEU J 240 25.40 -21.44 -46.19
N ALA J 241 26.63 -21.87 -45.90
CA ALA J 241 27.83 -21.19 -46.44
C ALA J 241 27.74 -21.15 -47.96
N GLU J 242 27.49 -22.29 -48.59
CA GLU J 242 27.48 -22.33 -50.08
C GLU J 242 26.40 -21.38 -50.61
N ASP J 243 25.19 -21.47 -50.06
CA ASP J 243 24.07 -20.63 -50.55
C ASP J 243 24.45 -19.16 -50.35
N VAL J 244 25.07 -18.84 -49.22
CA VAL J 244 25.48 -17.44 -48.93
C VAL J 244 26.47 -16.99 -49.99
N ILE J 245 27.50 -17.81 -50.23
CA ILE J 245 28.56 -17.43 -51.20
C ILE J 245 27.90 -17.20 -52.55
N HIS J 246 26.95 -18.06 -52.92
CA HIS J 246 26.26 -17.93 -54.23
C HIS J 246 25.33 -16.71 -54.19
N SER J 247 24.99 -16.25 -53.00
CA SER J 247 24.04 -15.12 -52.87
C SER J 247 24.80 -13.80 -52.73
N LEU J 248 26.12 -13.85 -52.87
CA LEU J 248 26.91 -12.63 -52.69
C LEU J 248 27.09 -11.93 -54.02
N GLY J 249 26.94 -10.60 -54.00
CA GLY J 249 27.13 -9.78 -55.18
C GLY J 249 28.45 -9.04 -55.13
N THR J 250 29.05 -8.86 -56.31
CA THR J 250 30.34 -8.20 -56.42
C THR J 250 30.23 -6.69 -56.58
N CYS J 251 29.01 -6.16 -56.72
CA CYS J 251 28.79 -4.72 -56.87
C CYS J 251 27.57 -4.34 -56.04
N LEU J 252 27.70 -3.29 -55.24
CA LEU J 252 26.66 -2.87 -54.31
C LEU J 252 26.34 -1.41 -54.55
N LYS J 253 25.10 -1.14 -54.96
CA LYS J 253 24.63 0.24 -55.10
C LYS J 253 24.17 0.75 -53.75
N LEU J 254 24.88 1.76 -53.22
CA LEU J 254 24.58 2.26 -51.88
C LEU J 254 23.16 2.78 -51.77
N GLY J 255 22.58 3.27 -52.88
CA GLY J 255 21.25 3.87 -52.84
C GLY J 255 20.14 2.89 -52.51
N ASP J 256 20.40 1.60 -52.60
CA ASP J 256 19.40 0.57 -52.29
C ASP J 256 19.69 -0.16 -50.99
N LEU J 257 20.79 0.15 -50.31
CA LEU J 257 21.19 -0.62 -49.13
C LEU J 257 20.29 -0.35 -47.94
N PHE J 258 19.79 0.88 -47.80
CA PHE J 258 18.93 1.25 -46.69
C PHE J 258 17.60 1.74 -47.24
N PHE J 259 16.64 1.98 -46.34
CA PHE J 259 15.31 2.39 -46.76
C PHE J 259 15.37 3.68 -47.57
N ARG J 260 16.10 4.67 -47.08
CA ARG J 260 16.42 5.87 -47.83
C ARG J 260 17.85 6.26 -47.50
N VAL J 261 18.50 6.98 -48.43
CA VAL J 261 19.80 7.56 -48.17
C VAL J 261 19.75 9.01 -48.66
N THR J 262 19.92 9.95 -47.75
CA THR J 262 19.67 11.37 -48.04
C THR J 262 20.84 12.04 -48.74
N ASP J 263 22.06 11.54 -48.56
CA ASP J 263 23.22 12.12 -49.22
C ASP J 263 23.16 11.87 -50.72
N ASP J 264 23.21 12.94 -51.51
CA ASP J 264 23.18 12.80 -52.96
C ASP J 264 24.39 12.03 -53.48
N ARG J 265 25.50 12.03 -52.76
CA ARG J 265 26.66 11.25 -53.18
C ARG J 265 26.37 9.76 -53.08
N ALA J 266 25.90 9.30 -51.92
CA ALA J 266 25.64 7.89 -51.71
C ALA J 266 24.44 7.39 -52.52
N LYS J 267 23.60 8.28 -53.03
CA LYS J 267 22.47 7.85 -53.85
C LYS J 267 22.93 7.23 -55.16
N GLN J 268 24.07 7.69 -55.69
CA GLN J 268 24.63 7.14 -56.93
C GLN J 268 25.94 6.39 -56.71
N SER J 269 26.28 6.09 -55.45
CA SER J 269 27.54 5.43 -55.14
C SER J 269 27.44 3.93 -55.43
N GLU J 270 28.42 3.41 -56.16
CA GLU J 270 28.50 2.00 -56.51
C GLU J 270 29.82 1.43 -56.01
N LEU J 271 29.76 0.49 -55.07
CA LEU J 271 30.95 -0.10 -54.46
C LEU J 271 31.11 -1.54 -54.89
N TYR J 272 32.35 -1.96 -55.08
CA TYR J 272 32.68 -3.29 -55.57
C TYR J 272 33.32 -4.11 -54.46
N LEU J 273 33.02 -5.41 -54.45
CA LEU J 273 33.58 -6.32 -53.46
C LEU J 273 35.08 -6.47 -53.70
N VAL J 274 35.88 -5.90 -52.81
CA VAL J 274 37.34 -5.94 -52.94
C VAL J 274 38.00 -6.82 -51.89
N GLY J 275 37.29 -7.22 -50.83
CA GLY J 275 37.90 -8.01 -49.79
C GLY J 275 36.86 -8.84 -49.05
N MET J 276 37.36 -9.88 -48.38
CA MET J 276 36.49 -10.81 -47.67
C MET J 276 37.30 -11.52 -46.61
N ILE J 277 36.82 -11.47 -45.36
CA ILE J 277 37.44 -12.20 -44.26
C ILE J 277 36.62 -13.46 -44.01
N CYS J 278 37.25 -14.63 -44.20
CA CYS J 278 36.58 -15.92 -44.10
C CYS J 278 37.00 -16.66 -42.85
N TYR J 279 36.06 -17.38 -42.25
CA TYR J 279 36.29 -18.18 -41.06
C TYR J 279 36.04 -19.65 -41.37
N TYR J 280 36.94 -20.50 -40.90
CA TYR J 280 36.74 -21.94 -40.99
C TYR J 280 37.59 -22.63 -39.92
N GLY J 281 36.98 -23.59 -39.22
CA GLY J 281 37.69 -24.42 -38.28
C GLY J 281 38.59 -23.69 -37.30
N LYS J 282 38.02 -22.72 -36.58
CA LYS J 282 38.76 -21.90 -35.62
C LYS J 282 39.96 -21.20 -36.28
N HIS J 283 39.83 -20.86 -37.55
CA HIS J 283 40.90 -20.21 -38.30
C HIS J 283 40.31 -19.13 -39.18
N TYR J 284 41.13 -18.12 -39.49
CA TYR J 284 40.72 -16.99 -40.30
C TYR J 284 41.64 -16.83 -41.50
N SER J 285 41.06 -16.39 -42.61
CA SER J 285 41.80 -16.10 -43.83
C SER J 285 41.15 -14.91 -44.53
N THR J 286 41.81 -14.43 -45.58
CA THR J 286 41.36 -13.22 -46.26
C THR J 286 41.56 -13.35 -47.76
N PHE J 287 40.50 -13.09 -48.52
CA PHE J 287 40.59 -12.87 -49.96
C PHE J 287 40.67 -11.38 -50.23
N PHE J 288 41.45 -11.00 -51.24
CA PHE J 288 41.53 -9.60 -51.61
C PHE J 288 41.85 -9.47 -53.09
N PHE J 289 41.12 -8.59 -53.77
CA PHE J 289 41.37 -8.25 -55.17
C PHE J 289 42.37 -7.11 -55.20
N GLN J 290 43.56 -7.39 -55.74
CA GLN J 290 44.60 -6.38 -55.87
C GLN J 290 44.42 -5.65 -57.20
N THR J 291 44.17 -4.34 -57.13
CA THR J 291 43.79 -3.59 -58.33
C THR J 291 44.88 -3.61 -59.39
N LYS J 292 46.14 -3.57 -58.98
CA LYS J 292 47.25 -3.50 -59.94
C LYS J 292 47.31 -4.75 -60.80
N ILE J 293 47.54 -5.91 -60.18
CA ILE J 293 47.60 -7.16 -60.92
C ILE J 293 46.26 -7.53 -61.51
N ARG J 294 45.17 -7.01 -60.95
CA ARG J 294 43.80 -7.34 -61.37
C ARG J 294 43.52 -8.83 -61.20
N LYS J 295 43.96 -9.38 -60.07
CA LYS J 295 43.74 -10.78 -59.73
C LYS J 295 43.40 -10.89 -58.26
N TRP J 296 42.59 -11.89 -57.92
CA TRP J 296 42.24 -12.15 -56.53
C TRP J 296 43.43 -12.78 -55.81
N MET J 297 43.83 -12.19 -54.69
CA MET J 297 44.91 -12.73 -53.88
C MET J 297 44.34 -13.35 -52.61
N TYR J 298 45.00 -14.40 -52.14
CA TYR J 298 44.58 -15.12 -50.95
C TYR J 298 45.67 -15.04 -49.89
N PHE J 299 45.26 -14.79 -48.65
CA PHE J 299 46.18 -14.63 -47.53
C PHE J 299 45.70 -15.48 -46.37
N ASP J 300 46.53 -16.45 -45.96
CA ASP J 300 46.30 -17.30 -44.80
C ASP J 300 47.59 -17.26 -43.98
N ASP J 301 47.71 -16.24 -43.14
CA ASP J 301 48.93 -16.00 -42.36
C ASP J 301 50.14 -15.90 -43.28
N ALA J 302 51.02 -16.90 -43.24
CA ALA J 302 52.23 -16.84 -44.05
C ALA J 302 51.99 -17.19 -45.51
N HIS J 303 50.95 -17.96 -45.80
CA HIS J 303 50.72 -18.44 -47.16
C HIS J 303 50.00 -17.36 -47.99
N VAL J 304 50.56 -17.04 -49.15
CA VAL J 304 49.99 -16.07 -50.07
C VAL J 304 49.79 -16.77 -51.41
N LYS J 305 48.53 -16.98 -51.80
CA LYS J 305 48.20 -17.73 -53.00
C LYS J 305 47.47 -16.83 -53.99
N GLU J 306 47.95 -16.82 -55.24
CA GLU J 306 47.29 -16.07 -56.30
C GLU J 306 46.12 -16.90 -56.82
N ILE J 307 44.91 -16.51 -56.43
CA ILE J 307 43.72 -17.27 -56.78
C ILE J 307 43.44 -17.17 -58.28
N GLY J 308 43.31 -15.95 -58.78
CA GLY J 308 43.01 -15.72 -60.18
C GLY J 308 42.23 -14.44 -60.40
N PRO J 309 41.83 -14.18 -61.65
CA PRO J 309 41.07 -12.96 -61.95
C PRO J 309 39.57 -13.12 -61.85
N LYS J 310 39.06 -14.34 -61.78
CA LYS J 310 37.62 -14.60 -61.81
C LYS J 310 37.07 -14.79 -60.40
N TRP J 311 35.90 -14.20 -60.15
CA TRP J 311 35.23 -14.37 -58.86
C TRP J 311 34.88 -15.83 -58.61
N LYS J 312 34.64 -16.61 -59.67
CA LYS J 312 34.30 -18.02 -59.50
C LYS J 312 35.41 -18.78 -58.80
N ASP J 313 36.66 -18.39 -59.02
CA ASP J 313 37.77 -19.09 -58.38
C ASP J 313 37.77 -18.88 -56.87
N VAL J 314 37.32 -17.71 -56.41
CA VAL J 314 37.18 -17.50 -54.97
C VAL J 314 36.01 -18.31 -54.43
N VAL J 315 34.89 -18.35 -55.18
CA VAL J 315 33.75 -19.15 -54.76
C VAL J 315 34.13 -20.61 -54.63
N THR J 316 34.83 -21.14 -55.64
CA THR J 316 35.24 -22.54 -55.63
C THR J 316 36.04 -22.87 -54.37
N LYS J 317 37.03 -22.03 -54.05
CA LYS J 317 37.84 -22.26 -52.86
C LYS J 317 37.01 -22.14 -51.59
N CYS J 318 36.10 -21.16 -51.54
CA CYS J 318 35.22 -21.02 -50.38
C CYS J 318 34.29 -22.23 -50.26
N ILE J 319 33.84 -22.75 -51.39
CA ILE J 319 32.91 -23.87 -51.40
C ILE J 319 33.56 -25.12 -50.83
N LYS J 320 34.63 -25.59 -51.49
CA LYS J 320 35.27 -26.82 -51.08
C LYS J 320 35.90 -26.71 -49.71
N GLY J 321 36.21 -25.49 -49.25
CA GLY J 321 36.75 -25.28 -47.93
C GLY J 321 35.72 -25.04 -46.85
N HIS J 322 34.44 -24.98 -47.20
CA HIS J 322 33.36 -24.68 -46.25
C HIS J 322 33.57 -23.32 -45.58
N TYR J 323 34.13 -22.37 -46.32
CA TYR J 323 34.43 -21.07 -45.76
C TYR J 323 33.14 -20.32 -45.39
N GLN J 324 33.16 -19.67 -44.24
CA GLN J 324 32.07 -18.81 -43.80
C GLN J 324 32.54 -17.36 -43.87
N PRO J 325 32.22 -16.62 -44.93
CA PRO J 325 32.64 -15.21 -44.99
C PRO J 325 32.06 -14.40 -43.84
N LEU J 326 32.93 -13.74 -43.10
CA LEU J 326 32.52 -12.96 -41.94
C LEU J 326 32.44 -11.46 -42.23
N LEU J 327 33.41 -10.89 -42.95
CA LEU J 327 33.42 -9.47 -43.28
C LEU J 327 33.54 -9.32 -44.79
N LEU J 328 32.58 -8.61 -45.39
CA LEU J 328 32.64 -8.25 -46.81
C LEU J 328 32.90 -6.75 -46.91
N LEU J 329 33.92 -6.39 -47.69
CA LEU J 329 34.34 -5.00 -47.83
C LEU J 329 34.09 -4.54 -49.25
N TYR J 330 33.14 -3.62 -49.41
CA TYR J 330 32.85 -3.01 -50.70
C TYR J 330 33.42 -1.60 -50.70
N ALA J 331 34.29 -1.32 -51.67
CA ALA J 331 35.00 -0.05 -51.75
C ALA J 331 34.54 0.72 -52.98
N ASP J 332 34.28 2.01 -52.82
CA ASP J 332 33.96 2.87 -53.94
C ASP J 332 35.21 3.07 -54.78
N PRO J 333 35.23 2.67 -56.05
CA PRO J 333 36.45 2.79 -56.84
C PRO J 333 36.85 4.23 -57.13
N GLN J 334 35.88 5.14 -57.20
CA GLN J 334 36.16 6.57 -57.30
C GLN J 334 36.46 7.19 -55.94
N GLY J 335 36.73 6.38 -54.94
CA GLY J 335 37.05 6.90 -53.62
C GLY J 335 38.41 7.55 -53.58
N THR J 336 38.57 8.49 -52.64
CA THR J 336 39.81 9.22 -52.44
C THR J 336 40.38 8.90 -51.07
N PRO J 337 41.59 9.37 -50.76
CA PRO J 337 42.05 9.36 -49.37
C PRO J 337 41.57 10.60 -48.62
N VAL J 338 41.81 10.61 -47.32
CA VAL J 338 41.44 11.75 -46.50
C VAL J 338 42.30 12.94 -46.89
N SER J 339 41.76 14.14 -46.70
CA SER J 339 42.43 15.36 -47.15
C SER J 339 43.60 15.70 -46.25
N THR J 340 44.70 16.14 -46.89
CA THR J 340 45.93 16.59 -46.23
C THR J 340 46.25 15.87 -44.91
N MET K 1 10.95 -4.99 -17.41
CA MET K 1 11.09 -4.30 -18.67
C MET K 1 11.23 -5.28 -19.83
N GLN K 2 10.35 -5.14 -20.82
CA GLN K 2 10.40 -5.99 -22.01
C GLN K 2 11.43 -5.43 -23.00
N ILE K 3 12.11 -6.33 -23.69
CA ILE K 3 13.20 -5.97 -24.59
C ILE K 3 13.17 -6.89 -25.79
N PHE K 4 13.70 -6.40 -26.91
CA PHE K 4 13.73 -7.15 -28.17
C PHE K 4 15.17 -7.54 -28.50
N VAL K 5 15.34 -8.77 -28.98
CA VAL K 5 16.65 -9.28 -29.39
C VAL K 5 16.50 -9.87 -30.79
N LYS K 6 17.23 -9.31 -31.75
CA LYS K 6 17.32 -9.92 -33.07
C LYS K 6 18.33 -11.05 -33.03
N THR K 7 17.87 -12.27 -33.33
CA THR K 7 18.71 -13.46 -33.21
C THR K 7 19.47 -13.72 -34.51
N LEU K 8 20.35 -14.72 -34.46
CA LEU K 8 21.14 -15.10 -35.63
C LEU K 8 20.27 -15.51 -36.80
N THR K 9 19.07 -16.03 -36.51
CA THR K 9 18.15 -16.45 -37.58
C THR K 9 17.57 -15.24 -38.31
N GLY K 10 17.44 -14.11 -37.62
CA GLY K 10 16.73 -12.96 -38.13
C GLY K 10 15.40 -12.70 -37.44
N LYS K 11 14.84 -13.72 -36.79
CA LYS K 11 13.66 -13.53 -35.98
C LYS K 11 14.03 -12.77 -34.70
N THR K 12 13.10 -11.95 -34.23
CA THR K 12 13.28 -11.19 -33.00
C THR K 12 12.53 -11.85 -31.86
N ILE K 13 13.20 -11.98 -30.71
CA ILE K 13 12.61 -12.56 -29.52
C ILE K 13 12.42 -11.47 -28.48
N THR K 14 11.54 -11.74 -27.53
CA THR K 14 11.25 -10.81 -26.45
C THR K 14 11.86 -11.34 -25.14
N LEU K 15 12.47 -10.42 -24.38
CA LEU K 15 13.13 -10.75 -23.13
C LEU K 15 12.66 -9.80 -22.03
N GLU K 16 12.51 -10.32 -20.82
CA GLU K 16 12.08 -9.53 -19.67
C GLU K 16 13.31 -9.24 -18.81
N VAL K 17 13.72 -7.97 -18.78
CA VAL K 17 14.90 -7.52 -18.06
C VAL K 17 14.51 -6.34 -17.17
N GLU K 18 15.48 -5.85 -16.41
CA GLU K 18 15.36 -4.62 -15.65
C GLU K 18 16.58 -3.78 -15.97
N PRO K 19 16.48 -2.44 -15.81
CA PRO K 19 17.61 -1.59 -16.10
C PRO K 19 18.90 -1.98 -15.33
N SER K 20 18.73 -2.72 -14.24
CA SER K 20 19.86 -3.15 -13.42
C SER K 20 20.51 -4.44 -13.89
N ASP K 21 19.82 -5.27 -14.68
CA ASP K 21 20.40 -6.55 -15.10
C ASP K 21 21.74 -6.33 -15.79
N THR K 22 22.71 -7.13 -15.41
CA THR K 22 24.02 -7.09 -16.02
C THR K 22 23.97 -7.73 -17.40
N ILE K 23 24.86 -7.28 -18.29
CA ILE K 23 24.84 -7.80 -19.66
C ILE K 23 25.02 -9.30 -19.66
N GLU K 24 26.01 -9.81 -18.90
CA GLU K 24 26.19 -11.24 -18.73
C GLU K 24 24.88 -11.92 -18.40
N ASN K 25 24.13 -11.36 -17.43
CA ASN K 25 22.79 -11.84 -17.14
C ASN K 25 21.94 -11.89 -18.41
N VAL K 26 21.83 -10.75 -19.10
CA VAL K 26 21.04 -10.70 -20.33
C VAL K 26 21.53 -11.73 -21.34
N LYS K 27 22.85 -11.97 -21.38
CA LYS K 27 23.37 -13.03 -22.22
C LYS K 27 22.84 -14.40 -21.81
N ALA K 28 22.61 -14.59 -20.50
CA ALA K 28 22.11 -15.88 -20.02
C ALA K 28 20.66 -16.10 -20.39
N LYS K 29 19.86 -15.04 -20.45
CA LYS K 29 18.47 -15.18 -20.89
C LYS K 29 18.40 -15.57 -22.36
N ILE K 30 19.27 -15.00 -23.19
CA ILE K 30 19.33 -15.39 -24.60
C ILE K 30 19.71 -16.85 -24.72
N GLN K 31 20.64 -17.31 -23.87
CA GLN K 31 21.07 -18.71 -23.93
C GLN K 31 19.91 -19.66 -23.69
N ASP K 32 19.05 -19.35 -22.73
CA ASP K 32 17.94 -20.25 -22.43
C ASP K 32 16.94 -20.30 -23.58
N LYS K 33 16.59 -19.15 -24.15
CA LYS K 33 15.62 -19.13 -25.23
C LYS K 33 16.21 -19.58 -26.56
N GLU K 34 17.51 -19.36 -26.78
CA GLU K 34 18.16 -19.67 -28.05
C GLU K 34 19.08 -20.87 -27.96
N GLY K 35 19.97 -20.92 -26.97
CA GLY K 35 20.95 -21.99 -26.84
C GLY K 35 22.39 -21.54 -26.98
N ILE K 36 22.63 -20.35 -27.51
CA ILE K 36 23.99 -19.88 -27.78
C ILE K 36 24.71 -19.63 -26.45
N PRO K 37 25.94 -20.13 -26.28
CA PRO K 37 26.72 -19.90 -25.01
C PRO K 37 27.07 -18.40 -24.83
N PRO K 38 27.68 -17.92 -23.66
CA PRO K 38 27.61 -16.48 -23.45
C PRO K 38 28.80 -15.76 -24.12
N ASP K 39 29.90 -16.49 -24.16
CA ASP K 39 31.18 -16.14 -24.73
C ASP K 39 31.19 -16.24 -26.25
N GLN K 40 30.14 -16.77 -26.84
CA GLN K 40 29.95 -16.83 -28.27
C GLN K 40 28.90 -15.85 -28.78
N GLN K 41 28.25 -15.09 -27.90
CA GLN K 41 27.24 -14.14 -28.32
C GLN K 41 27.73 -12.71 -28.15
N ARG K 42 27.50 -11.89 -29.17
CA ARG K 42 27.84 -10.47 -29.17
C ARG K 42 26.56 -9.66 -29.16
N LEU K 43 26.40 -8.81 -28.16
CA LEU K 43 25.22 -7.96 -28.02
C LEU K 43 25.59 -6.55 -28.50
N ILE K 44 25.11 -6.19 -29.68
CA ILE K 44 25.35 -4.88 -30.26
C ILE K 44 24.08 -4.06 -30.10
N PHE K 45 24.23 -2.84 -29.58
CA PHE K 45 23.13 -1.90 -29.42
C PHE K 45 23.56 -0.54 -29.92
N ALA K 46 22.79 0.04 -30.85
CA ALA K 46 23.05 1.36 -31.40
C ALA K 46 24.47 1.46 -31.95
N GLY K 47 24.98 0.36 -32.50
CA GLY K 47 26.30 0.34 -33.09
C GLY K 47 27.44 0.11 -32.13
N LYS K 48 27.15 -0.17 -30.86
CA LYS K 48 28.18 -0.39 -29.84
C LYS K 48 27.99 -1.75 -29.21
N GLN K 49 29.09 -2.53 -29.14
CA GLN K 49 29.02 -3.89 -28.55
C GLN K 49 28.92 -3.76 -27.04
N LEU K 50 27.77 -4.14 -26.48
CA LEU K 50 27.63 -4.12 -25.00
C LEU K 50 28.73 -5.00 -24.43
N GLU K 51 29.43 -4.51 -23.40
CA GLU K 51 30.56 -5.29 -22.81
C GLU K 51 30.13 -5.86 -21.46
N ASP K 52 30.53 -7.10 -21.17
CA ASP K 52 30.17 -7.75 -19.89
C ASP K 52 30.72 -6.92 -18.73
N GLY K 53 30.06 -6.98 -17.58
CA GLY K 53 30.51 -6.22 -16.40
C GLY K 53 29.71 -4.95 -16.20
N ARG K 54 29.23 -4.37 -17.31
CA ARG K 54 28.36 -3.16 -17.20
C ARG K 54 26.90 -3.61 -17.18
N THR K 55 25.99 -2.67 -16.91
CA THR K 55 24.54 -3.00 -16.84
C THR K 55 23.80 -2.28 -17.96
N LEU K 56 22.56 -2.70 -18.23
CA LEU K 56 21.79 -2.08 -19.31
C LEU K 56 21.64 -0.58 -19.09
N SER K 57 21.53 -0.15 -17.83
CA SER K 57 21.38 1.27 -17.54
C SER K 57 22.58 2.08 -18.03
N ASP K 58 23.80 1.51 -17.95
CA ASP K 58 24.96 2.24 -18.46
C ASP K 58 24.84 2.53 -19.94
N TYR K 59 24.14 1.67 -20.67
CA TYR K 59 23.95 1.83 -22.11
C TYR K 59 22.63 2.51 -22.47
N ASN K 60 21.87 2.96 -21.46
CA ASN K 60 20.58 3.61 -21.67
C ASN K 60 19.62 2.70 -22.44
N ILE K 61 19.70 1.41 -22.16
CA ILE K 61 18.79 0.44 -22.78
C ILE K 61 17.41 0.60 -22.19
N GLN K 62 16.52 1.26 -22.93
CA GLN K 62 15.17 1.50 -22.45
C GLN K 62 14.26 0.36 -22.92
N LYS K 63 12.95 0.51 -22.72
CA LYS K 63 12.03 -0.55 -23.06
C LYS K 63 11.71 -0.53 -24.56
N GLU K 64 11.46 -1.73 -25.10
CA GLU K 64 11.27 -1.97 -26.53
C GLU K 64 12.53 -1.68 -27.34
N SER K 65 13.69 -1.71 -26.71
CA SER K 65 14.95 -1.57 -27.42
C SER K 65 15.34 -2.90 -28.08
N THR K 66 16.04 -2.78 -29.21
CA THR K 66 16.37 -3.93 -30.04
C THR K 66 17.88 -4.18 -29.98
N LEU K 67 18.27 -5.29 -29.34
CA LEU K 67 19.66 -5.71 -29.28
C LEU K 67 19.95 -6.62 -30.46
N HIS K 68 21.08 -6.39 -31.12
CA HIS K 68 21.49 -7.17 -32.27
C HIS K 68 22.45 -8.27 -31.83
N LEU K 69 22.04 -9.53 -32.00
CA LEU K 69 22.84 -10.68 -31.61
C LEU K 69 23.72 -11.11 -32.77
N VAL K 70 25.03 -11.15 -32.55
CA VAL K 70 26.00 -11.59 -33.54
C VAL K 70 26.85 -12.71 -32.96
N LEU K 71 27.11 -13.74 -33.77
CA LEU K 71 27.93 -14.86 -33.33
C LEU K 71 29.40 -14.47 -33.37
N ARG K 72 30.09 -14.67 -32.24
CA ARG K 72 31.53 -14.48 -32.18
C ARG K 72 32.20 -15.80 -32.56
N LEU K 73 33.03 -15.75 -33.60
CA LEU K 73 33.80 -16.91 -34.05
C LEU K 73 35.26 -16.67 -33.68
N ARG K 74 35.70 -17.29 -32.59
CA ARG K 74 37.10 -17.17 -32.19
C ARG K 74 37.96 -17.99 -33.14
N GLY K 75 39.05 -17.41 -33.61
CA GLY K 75 39.93 -18.07 -34.55
C GLY K 75 41.40 -17.88 -34.27
N ILE L 3 22.68 27.94 -42.89
CA ILE L 3 22.64 26.51 -42.56
C ILE L 3 21.49 25.84 -43.27
N PHE L 4 21.71 24.59 -43.67
CA PHE L 4 20.71 23.79 -44.38
C PHE L 4 20.13 22.74 -43.45
N VAL L 5 18.86 22.39 -43.68
CA VAL L 5 18.17 21.36 -42.89
C VAL L 5 17.39 20.49 -43.87
N LYS L 6 17.86 19.27 -44.08
CA LYS L 6 17.16 18.31 -44.93
C LYS L 6 16.03 17.66 -44.13
N THR L 7 14.85 17.58 -44.73
CA THR L 7 13.72 16.88 -44.14
C THR L 7 13.46 15.58 -44.90
N LEU L 8 12.64 14.72 -44.29
CA LEU L 8 12.38 13.40 -44.85
C LEU L 8 11.88 13.48 -46.29
N THR L 9 11.00 14.44 -46.56
CA THR L 9 10.50 14.61 -47.93
C THR L 9 11.60 15.01 -48.90
N GLY L 10 12.73 15.49 -48.40
CA GLY L 10 13.84 15.87 -49.26
C GLY L 10 13.87 17.35 -49.59
N LYS L 11 13.52 18.18 -48.61
CA LYS L 11 13.54 19.63 -48.75
C LYS L 11 14.58 20.21 -47.79
N THR L 12 15.30 21.23 -48.25
CA THR L 12 16.41 21.80 -47.49
C THR L 12 16.02 23.19 -47.00
N ILE L 13 15.77 23.31 -45.70
CA ILE L 13 15.44 24.58 -45.08
C ILE L 13 16.72 25.34 -44.77
N THR L 14 16.73 26.63 -45.10
CA THR L 14 17.88 27.49 -44.88
C THR L 14 17.63 28.41 -43.68
N LEU L 15 18.59 28.45 -42.76
CA LEU L 15 18.50 29.28 -41.57
C LEU L 15 19.91 29.61 -41.10
N GLU L 16 20.12 30.84 -40.66
CA GLU L 16 21.43 31.26 -40.15
C GLU L 16 21.24 31.93 -38.79
N VAL L 17 22.06 31.52 -37.82
CA VAL L 17 21.96 32.01 -36.45
C VAL L 17 23.33 31.94 -35.80
N GLU L 18 23.45 32.54 -34.61
CA GLU L 18 24.70 32.61 -33.89
C GLU L 18 25.03 31.27 -33.23
N PRO L 19 26.32 30.98 -33.03
CA PRO L 19 26.66 29.80 -32.22
C PRO L 19 26.02 29.83 -30.84
N SER L 20 25.79 31.04 -30.30
CA SER L 20 25.07 31.17 -29.04
C SER L 20 23.64 30.65 -29.12
N ASP L 21 23.08 30.51 -30.33
CA ASP L 21 21.72 30.01 -30.47
C ASP L 21 21.61 28.59 -29.93
N THR L 22 20.76 28.42 -28.93
CA THR L 22 20.49 27.11 -28.35
C THR L 22 19.45 26.39 -29.20
N ILE L 23 19.48 25.05 -29.15
CA ILE L 23 18.64 24.24 -30.02
C ILE L 23 17.17 24.59 -29.85
N GLU L 24 16.76 24.93 -28.63
CA GLU L 24 15.37 25.35 -28.41
C GLU L 24 15.04 26.60 -29.20
N ASN L 25 16.03 27.47 -29.44
CA ASN L 25 15.81 28.61 -30.32
C ASN L 25 15.76 28.17 -31.77
N VAL L 26 16.67 27.26 -32.18
CA VAL L 26 16.65 26.73 -33.53
C VAL L 26 15.35 25.99 -33.81
N LYS L 27 14.77 25.38 -32.77
CA LYS L 27 13.50 24.67 -32.93
C LYS L 27 12.39 25.61 -33.39
N ALA L 28 12.25 26.75 -32.71
CA ALA L 28 11.23 27.73 -33.09
C ALA L 28 11.55 28.43 -34.39
N LYS L 29 12.83 28.49 -34.78
CA LYS L 29 13.19 29.09 -36.06
C LYS L 29 12.57 28.32 -37.22
N ILE L 30 12.65 26.99 -37.17
CA ILE L 30 12.03 26.17 -38.21
C ILE L 30 10.52 26.14 -38.03
N GLN L 31 10.04 26.31 -36.79
CA GLN L 31 8.59 26.28 -36.55
C GLN L 31 7.88 27.39 -37.32
N ASP L 32 8.40 28.61 -37.23
CA ASP L 32 7.81 29.70 -37.99
C ASP L 32 8.23 29.65 -39.46
N LYS L 33 9.40 29.08 -39.74
CA LYS L 33 9.84 28.94 -41.13
C LYS L 33 8.95 27.98 -41.90
N GLU L 34 8.53 26.89 -41.27
CA GLU L 34 7.74 25.86 -41.94
C GLU L 34 6.36 25.70 -41.32
N GLY L 35 6.29 25.31 -40.04
CA GLY L 35 5.01 25.07 -39.40
C GLY L 35 5.02 23.80 -38.57
N ILE L 36 6.13 23.56 -37.88
CA ILE L 36 6.30 22.35 -37.10
C ILE L 36 6.51 22.73 -35.63
N PRO L 37 5.53 22.48 -34.76
CA PRO L 37 5.72 22.77 -33.33
C PRO L 37 6.92 22.04 -32.77
N PRO L 38 7.65 22.67 -31.85
CA PRO L 38 8.88 22.04 -31.32
C PRO L 38 8.64 20.73 -30.60
N ASP L 39 7.41 20.47 -30.15
CA ASP L 39 7.12 19.21 -29.47
C ASP L 39 7.41 18.02 -30.37
N GLN L 40 6.92 18.06 -31.60
CA GLN L 40 7.13 16.99 -32.56
C GLN L 40 8.41 17.14 -33.36
N GLN L 41 9.33 17.99 -32.91
CA GLN L 41 10.45 18.44 -33.74
C GLN L 41 11.77 17.96 -33.15
N ARG L 42 12.37 16.94 -33.78
CA ARG L 42 13.67 16.40 -33.31
C ARG L 42 14.71 16.58 -34.42
N LEU L 43 15.93 16.95 -34.08
CA LEU L 43 16.97 17.24 -35.11
C LEU L 43 18.24 16.44 -34.84
N ILE L 44 18.86 15.93 -35.90
CA ILE L 44 20.12 15.14 -35.74
C ILE L 44 21.16 15.74 -36.70
N PHE L 45 22.40 15.88 -36.22
CA PHE L 45 23.46 16.48 -37.07
C PHE L 45 24.35 15.37 -37.64
N ALA L 46 25.23 14.83 -36.81
CA ALA L 46 26.14 13.78 -37.27
C ALA L 46 25.95 12.50 -36.48
N GLY L 47 24.75 11.93 -36.54
CA GLY L 47 24.44 10.76 -35.73
C GLY L 47 24.19 11.03 -34.27
N LYS L 48 24.28 12.29 -33.85
CA LYS L 48 24.04 12.69 -32.46
C LYS L 48 22.80 13.55 -32.39
N GLN L 49 21.94 13.28 -31.40
CA GLN L 49 20.70 14.02 -31.25
C GLN L 49 20.99 15.40 -30.65
N LEU L 50 20.55 16.44 -31.34
CA LEU L 50 20.76 17.81 -30.89
C LEU L 50 19.83 18.07 -29.71
N GLU L 51 20.38 18.02 -28.50
CA GLU L 51 19.59 18.19 -27.29
C GLU L 51 19.08 19.63 -27.18
N ASP L 52 17.81 19.76 -26.77
CA ASP L 52 17.16 21.07 -26.76
C ASP L 52 17.95 22.09 -25.96
N GLY L 53 18.60 21.67 -24.88
CA GLY L 53 19.35 22.58 -24.04
C GLY L 53 20.85 22.49 -24.23
N ARG L 54 21.36 23.06 -25.31
CA ARG L 54 22.79 23.03 -25.60
C ARG L 54 23.09 24.07 -26.67
N THR L 55 24.31 24.60 -26.63
CA THR L 55 24.75 25.57 -27.62
C THR L 55 25.11 24.85 -28.92
N LEU L 56 24.76 25.46 -30.06
CA LEU L 56 25.19 24.94 -31.34
C LEU L 56 26.70 24.74 -31.36
N SER L 57 27.43 25.67 -30.74
CA SER L 57 28.89 25.54 -30.64
C SER L 57 29.28 24.34 -29.80
N ASP L 58 28.49 23.99 -28.78
CA ASP L 58 28.75 22.76 -28.03
C ASP L 58 28.77 21.53 -28.93
N TYR L 59 28.22 21.65 -30.14
CA TYR L 59 28.27 20.59 -31.14
C TYR L 59 29.20 20.91 -32.29
N ASN L 60 29.93 22.03 -32.22
CA ASN L 60 30.90 22.44 -33.24
C ASN L 60 30.28 22.56 -34.63
N ILE L 61 28.95 22.68 -34.70
CA ILE L 61 28.28 22.85 -35.99
C ILE L 61 28.79 24.11 -36.66
N GLN L 62 29.18 23.99 -37.92
CA GLN L 62 29.79 25.10 -38.64
C GLN L 62 28.82 25.67 -39.66
N ARG L 63 29.26 26.72 -40.35
CA ARG L 63 28.46 27.31 -41.41
C ARG L 63 28.36 26.35 -42.58
N GLU L 64 27.26 26.46 -43.32
CA GLU L 64 26.91 25.58 -44.43
C GLU L 64 26.68 24.13 -43.99
N SER L 65 26.76 23.88 -42.68
CA SER L 65 26.43 22.55 -42.18
C SER L 65 25.00 22.19 -42.58
N THR L 66 24.76 20.91 -42.77
CA THR L 66 23.44 20.41 -43.13
C THR L 66 22.91 19.56 -41.99
N LEU L 67 21.74 19.93 -41.48
CA LEU L 67 21.10 19.22 -40.39
C LEU L 67 20.01 18.32 -40.95
N HIS L 68 19.40 17.53 -40.07
CA HIS L 68 18.35 16.60 -40.44
C HIS L 68 17.17 16.76 -39.50
N LEU L 69 15.99 16.98 -40.07
CA LEU L 69 14.76 17.18 -39.30
C LEU L 69 13.95 15.88 -39.33
N VAL L 70 13.75 15.29 -38.16
CA VAL L 70 12.92 14.10 -38.00
C VAL L 70 11.81 14.43 -37.02
N LEU L 71 10.58 14.08 -37.38
CA LEU L 71 9.38 14.56 -36.69
C LEU L 71 8.72 13.42 -35.94
N ARG L 72 8.84 13.42 -34.61
CA ARG L 72 8.11 12.48 -33.76
C ARG L 72 6.65 12.90 -33.71
N LEU L 73 5.79 12.15 -34.39
CA LEU L 73 4.37 12.45 -34.47
C LEU L 73 3.57 11.48 -33.60
N ARG L 74 2.45 11.97 -33.06
CA ARG L 74 1.61 11.13 -32.21
C ARG L 74 0.52 10.41 -33.00
N GLY L 75 -0.06 11.07 -34.01
CA GLY L 75 -1.09 10.45 -34.81
C GLY L 75 -2.43 10.44 -34.13
N GLY L 76 -3.34 9.67 -34.71
CA GLY L 76 -4.71 9.60 -34.22
C GLY L 76 -5.50 10.84 -34.61
#